data_2KKH
#
_entry.id   2KKH
#
loop_
_entity.id
_entity.type
_entity.pdbx_description
1 polymer 'Putative heavy metal transporter'
2 non-polymer 'ZINC ION'
3 water water
#
_entity_poly.entity_id   1
_entity_poly.type   'polypeptide(L)'
_entity_poly.pdbx_seq_one_letter_code
;ALQNKEEEKKKVKKLQKSYFDVLGICCTSEVPIIENILKSLDGVKEYSVIVPSRTVIVVHDSLLISPFQIAKALNEARLE
ANVRVNGETSFKNKW
;
_entity_poly.pdbx_strand_id   A
#
# COMPACT_ATOMS: atom_id res chain seq x y z
N ALA A 1 -1.31 12.48 -21.69
CA ALA A 1 -2.74 12.07 -21.85
C ALA A 1 -3.12 11.10 -20.73
N LEU A 2 -3.28 11.63 -19.52
CA LEU A 2 -3.64 10.80 -18.38
C LEU A 2 -2.60 9.71 -18.17
N GLN A 3 -2.70 9.03 -17.03
CA GLN A 3 -1.77 7.96 -16.71
C GLN A 3 -1.95 6.78 -17.67
N ASN A 4 -3.21 6.50 -18.03
CA ASN A 4 -3.51 5.41 -18.94
C ASN A 4 -3.01 4.09 -18.36
N LYS A 5 -3.48 3.75 -17.16
CA LYS A 5 -3.07 2.51 -16.52
C LYS A 5 -3.36 1.31 -17.42
N GLU A 6 -4.09 1.56 -18.50
CA GLU A 6 -4.43 0.50 -19.43
C GLU A 6 -3.16 -0.17 -19.96
N GLU A 7 -2.05 0.55 -19.90
CA GLU A 7 -0.78 0.01 -20.38
C GLU A 7 -0.41 -1.26 -19.60
N GLU A 8 -0.43 -1.16 -18.28
CA GLU A 8 -0.10 -2.31 -17.44
C GLU A 8 -1.21 -3.35 -17.49
N LYS A 9 -2.44 -2.91 -17.24
CA LYS A 9 -3.58 -3.81 -17.25
C LYS A 9 -3.26 -5.09 -16.48
N LYS A 10 -2.89 -4.94 -15.21
CA LYS A 10 -2.56 -6.09 -14.39
C LYS A 10 -3.77 -7.00 -14.22
N LYS A 11 -4.93 -6.40 -13.97
CA LYS A 11 -6.17 -7.16 -13.79
C LYS A 11 -7.34 -6.45 -14.44
N VAL A 12 -8.26 -7.21 -15.01
CA VAL A 12 -9.42 -6.62 -15.67
C VAL A 12 -10.28 -5.85 -14.67
N LYS A 13 -10.63 -6.51 -13.56
CA LYS A 13 -11.45 -5.89 -12.53
C LYS A 13 -11.66 -6.83 -11.36
N LYS A 14 -10.59 -7.08 -10.59
CA LYS A 14 -10.65 -7.97 -9.43
C LYS A 14 -9.99 -7.31 -8.23
N LEU A 15 -10.61 -7.49 -7.06
CA LEU A 15 -10.08 -6.92 -5.83
C LEU A 15 -10.00 -5.41 -5.95
N GLN A 16 -9.39 -4.77 -4.95
CA GLN A 16 -9.24 -3.31 -4.95
C GLN A 16 -7.82 -2.93 -4.57
N LYS A 17 -7.09 -2.38 -5.53
CA LYS A 17 -5.71 -1.97 -5.28
C LYS A 17 -5.69 -0.56 -4.68
N SER A 18 -4.83 -0.36 -3.69
CA SER A 18 -4.71 0.94 -3.03
C SER A 18 -3.25 1.32 -2.88
N TYR A 19 -2.98 2.62 -2.89
CA TYR A 19 -1.61 3.12 -2.76
C TYR A 19 -1.42 3.76 -1.39
N PHE A 20 -0.32 3.42 -0.75
CA PHE A 20 0.00 3.96 0.59
C PHE A 20 1.31 4.72 0.55
N ASP A 21 1.32 5.89 1.18
CA ASP A 21 2.53 6.72 1.22
C ASP A 21 3.27 6.53 2.54
N VAL A 22 4.41 5.84 2.47
CA VAL A 22 5.20 5.58 3.68
C VAL A 22 6.32 6.60 3.81
N LEU A 23 6.05 7.66 4.56
CA LEU A 23 7.05 8.71 4.76
C LEU A 23 8.15 8.23 5.69
N GLY A 24 7.77 7.44 6.69
CA GLY A 24 8.72 6.92 7.65
C GLY A 24 9.57 5.82 7.04
N ILE A 25 9.67 5.81 5.71
CA ILE A 25 10.47 4.80 5.02
C ILE A 25 11.90 5.28 4.85
N CYS A 26 12.85 4.51 5.35
CA CYS A 26 14.26 4.87 5.23
C CYS A 26 15.08 3.66 4.79
N CYS A 27 16.26 3.91 4.25
CA CYS A 27 17.13 2.84 3.80
C CYS A 27 16.34 1.79 3.01
N THR A 28 17.00 0.68 2.69
CA THR A 28 16.35 -0.41 1.95
C THR A 28 16.41 -1.70 2.75
N SER A 29 17.07 -1.66 3.91
CA SER A 29 17.18 -2.84 4.76
C SER A 29 15.86 -3.11 5.47
N GLU A 30 14.97 -2.12 5.46
CA GLU A 30 13.66 -2.25 6.11
C GLU A 30 12.67 -2.91 5.16
N VAL A 31 13.10 -3.14 3.93
CA VAL A 31 12.25 -3.80 2.94
C VAL A 31 11.63 -5.07 3.56
N PRO A 32 12.44 -5.99 4.04
CA PRO A 32 11.93 -7.26 4.64
C PRO A 32 10.92 -7.01 5.75
N ILE A 33 11.19 -6.02 6.58
CA ILE A 33 10.30 -5.68 7.68
C ILE A 33 8.95 -5.20 7.14
N ILE A 34 9.00 -4.35 6.11
CA ILE A 34 7.79 -3.82 5.53
C ILE A 34 6.95 -4.94 4.93
N GLU A 35 7.61 -5.84 4.21
CA GLU A 35 6.91 -6.95 3.58
C GLU A 35 6.34 -7.89 4.64
N ASN A 36 7.04 -8.00 5.77
CA ASN A 36 6.60 -8.86 6.86
C ASN A 36 5.25 -8.39 7.40
N ILE A 37 5.07 -7.08 7.49
CA ILE A 37 3.82 -6.53 8.00
C ILE A 37 2.65 -6.92 7.09
N LEU A 38 2.85 -6.79 5.79
CA LEU A 38 1.81 -7.15 4.83
C LEU A 38 1.52 -8.65 4.89
N LYS A 39 2.57 -9.44 5.06
CA LYS A 39 2.42 -10.88 5.12
C LYS A 39 1.49 -11.27 6.27
N SER A 40 1.63 -10.57 7.40
CA SER A 40 0.80 -10.86 8.56
C SER A 40 -0.68 -10.65 8.22
N LEU A 41 -0.95 -9.68 7.35
CA LEU A 41 -2.33 -9.39 6.97
C LEU A 41 -2.85 -10.47 6.04
N ASP A 42 -4.16 -10.74 6.15
CA ASP A 42 -4.79 -11.76 5.31
C ASP A 42 -5.59 -11.09 4.20
N GLY A 43 -5.60 -11.73 3.03
CA GLY A 43 -6.33 -11.21 1.87
C GLY A 43 -5.36 -10.56 0.87
N VAL A 44 -4.17 -10.21 1.35
CA VAL A 44 -3.18 -9.59 0.48
C VAL A 44 -2.69 -10.58 -0.58
N LYS A 45 -2.64 -10.12 -1.83
CA LYS A 45 -2.20 -10.97 -2.93
C LYS A 45 -0.72 -10.75 -3.23
N GLU A 46 -0.36 -9.49 -3.48
CA GLU A 46 1.03 -9.16 -3.79
C GLU A 46 1.31 -7.69 -3.44
N TYR A 47 2.58 -7.38 -3.28
CA TYR A 47 3.00 -6.02 -2.95
C TYR A 47 4.46 -5.80 -3.32
N SER A 48 4.84 -4.53 -3.42
CA SER A 48 6.22 -4.19 -3.77
C SER A 48 6.61 -2.87 -3.10
N VAL A 49 7.86 -2.79 -2.62
CA VAL A 49 8.35 -1.59 -1.98
C VAL A 49 9.23 -0.80 -2.93
N ILE A 50 8.81 0.42 -3.25
CA ILE A 50 9.56 1.28 -4.15
C ILE A 50 10.06 2.51 -3.40
N VAL A 51 11.28 2.38 -2.88
CA VAL A 51 11.94 3.47 -2.17
C VAL A 51 12.42 4.53 -3.16
N PRO A 52 12.86 4.12 -4.34
CA PRO A 52 13.41 5.07 -5.37
C PRO A 52 12.41 6.19 -5.69
N SER A 53 11.13 5.84 -5.68
CA SER A 53 10.07 6.80 -5.98
C SER A 53 9.24 7.09 -4.73
N ARG A 54 9.62 6.48 -3.62
CA ARG A 54 8.90 6.68 -2.37
C ARG A 54 7.43 6.37 -2.54
N THR A 55 7.13 5.19 -3.05
CA THR A 55 5.74 4.78 -3.27
C THR A 55 5.57 3.30 -2.93
N VAL A 56 4.41 2.95 -2.39
CA VAL A 56 4.13 1.56 -2.02
C VAL A 56 2.82 1.12 -2.65
N ILE A 57 2.86 -0.03 -3.32
CA ILE A 57 1.67 -0.58 -3.97
C ILE A 57 1.37 -1.97 -3.43
N VAL A 58 0.08 -2.24 -3.18
CA VAL A 58 -0.34 -3.54 -2.66
C VAL A 58 -1.72 -3.89 -3.20
N VAL A 59 -1.90 -5.16 -3.58
CA VAL A 59 -3.18 -5.63 -4.10
C VAL A 59 -3.81 -6.57 -3.10
N HIS A 60 -5.06 -6.28 -2.71
CA HIS A 60 -5.77 -7.10 -1.73
C HIS A 60 -7.27 -7.00 -1.97
N ASP A 61 -8.01 -7.95 -1.40
CA ASP A 61 -9.46 -7.96 -1.55
C ASP A 61 -10.11 -7.10 -0.48
N SER A 62 -10.85 -6.09 -0.92
CA SER A 62 -11.51 -5.18 0.01
C SER A 62 -12.43 -5.96 0.94
N LEU A 63 -13.07 -7.01 0.42
CA LEU A 63 -13.98 -7.80 1.24
C LEU A 63 -13.23 -8.50 2.37
N LEU A 64 -12.11 -9.13 2.03
CA LEU A 64 -11.31 -9.82 3.05
C LEU A 64 -10.61 -8.83 3.97
N ILE A 65 -10.04 -7.79 3.38
CA ILE A 65 -9.34 -6.77 4.16
C ILE A 65 -9.42 -5.43 3.46
N SER A 66 -9.71 -4.38 4.25
CA SER A 66 -9.81 -3.04 3.68
C SER A 66 -8.47 -2.31 3.75
N PRO A 67 -8.31 -1.24 2.99
CA PRO A 67 -7.05 -0.44 2.98
C PRO A 67 -6.69 0.08 4.38
N PHE A 68 -7.71 0.38 5.17
CA PHE A 68 -7.50 0.90 6.52
C PHE A 68 -6.67 -0.07 7.34
N GLN A 69 -6.93 -1.36 7.19
CA GLN A 69 -6.19 -2.37 7.93
C GLN A 69 -4.71 -2.33 7.56
N ILE A 70 -4.43 -2.20 6.27
CA ILE A 70 -3.04 -2.14 5.81
C ILE A 70 -2.35 -0.91 6.37
N ALA A 71 -3.03 0.23 6.31
CA ALA A 71 -2.46 1.47 6.81
C ALA A 71 -2.25 1.41 8.32
N LYS A 72 -3.20 0.81 9.01
CA LYS A 72 -3.11 0.67 10.46
C LYS A 72 -1.92 -0.18 10.85
N ALA A 73 -1.69 -1.25 10.08
CA ALA A 73 -0.58 -2.14 10.36
C ALA A 73 0.75 -1.38 10.30
N LEU A 74 0.87 -0.52 9.29
CA LEU A 74 2.08 0.28 9.12
C LEU A 74 2.24 1.27 10.27
N ASN A 75 1.12 1.80 10.74
CA ASN A 75 1.15 2.77 11.82
C ASN A 75 1.73 2.15 13.09
N GLU A 76 1.43 0.87 13.31
CA GLU A 76 1.93 0.18 14.49
C GLU A 76 3.45 0.31 14.57
N ALA A 77 4.12 0.11 13.44
CA ALA A 77 5.57 0.20 13.40
C ALA A 77 6.03 1.66 13.46
N ARG A 78 5.06 2.57 13.32
CA ARG A 78 5.35 4.01 13.34
C ARG A 78 6.14 4.44 12.10
N LEU A 79 5.68 4.01 10.93
CA LEU A 79 6.33 4.36 9.66
C LEU A 79 5.52 5.42 8.92
N GLU A 80 4.47 5.90 9.56
CA GLU A 80 3.62 6.92 8.95
C GLU A 80 3.12 6.43 7.59
N ALA A 81 1.85 6.05 7.53
CA ALA A 81 1.25 5.56 6.29
C ALA A 81 -0.05 6.29 6.01
N ASN A 82 -0.27 6.61 4.73
CA ASN A 82 -1.49 7.33 4.32
C ASN A 82 -1.93 6.87 2.94
N VAL A 83 -3.24 6.75 2.74
CA VAL A 83 -3.77 6.34 1.45
C VAL A 83 -4.02 7.54 0.56
N ARG A 84 -3.26 7.63 -0.53
CA ARG A 84 -3.41 8.75 -1.47
C ARG A 84 -3.65 10.05 -0.72
N VAL A 85 -2.57 10.76 -0.40
CA VAL A 85 -2.70 12.02 0.32
C VAL A 85 -3.28 13.10 -0.60
N ASN A 86 -4.33 13.77 -0.13
CA ASN A 86 -4.97 14.82 -0.90
C ASN A 86 -4.43 16.19 -0.51
N GLY A 87 -3.47 16.19 0.42
CA GLY A 87 -2.88 17.44 0.87
C GLY A 87 -3.93 18.38 1.44
N GLU A 88 -3.89 19.63 1.00
CA GLU A 88 -4.85 20.63 1.47
C GLU A 88 -4.92 21.80 0.50
N THR A 89 -3.95 21.88 -0.40
CA THR A 89 -3.91 22.96 -1.37
C THR A 89 -4.23 24.30 -0.71
N SER A 90 -3.24 24.88 -0.04
CA SER A 90 -3.43 26.14 0.64
C SER A 90 -3.47 27.29 -0.37
N PHE A 91 -4.33 28.28 -0.10
CA PHE A 91 -4.45 29.43 -1.00
C PHE A 91 -3.14 30.20 -1.06
N LYS A 92 -2.55 30.46 0.10
CA LYS A 92 -1.29 31.20 0.16
C LYS A 92 -0.55 30.88 1.45
N ASN A 93 -1.28 30.39 2.45
CA ASN A 93 -0.67 30.04 3.74
C ASN A 93 -0.12 28.61 3.69
N LYS A 94 1.20 28.50 3.57
CA LYS A 94 1.84 27.20 3.53
C LYS A 94 3.21 27.25 4.20
N TRP A 95 3.23 27.22 5.52
CA TRP A 95 4.47 27.28 6.28
C TRP A 95 5.42 28.30 5.68
N ALA A 1 -20.80 14.79 -27.19
CA ALA A 1 -21.00 13.35 -26.87
C ALA A 1 -19.76 12.82 -26.16
N LEU A 2 -19.95 12.26 -24.97
CA LEU A 2 -18.82 11.73 -24.21
C LEU A 2 -18.72 10.22 -24.41
N GLN A 3 -17.64 9.78 -25.02
CA GLN A 3 -17.43 8.35 -25.27
C GLN A 3 -16.53 7.76 -24.18
N ASN A 4 -17.08 6.83 -23.42
CA ASN A 4 -16.32 6.18 -22.34
C ASN A 4 -15.61 4.94 -22.87
N LYS A 5 -14.29 4.96 -22.79
CA LYS A 5 -13.48 3.84 -23.26
C LYS A 5 -13.72 2.60 -22.40
N GLU A 6 -14.00 2.82 -21.12
CA GLU A 6 -14.23 1.71 -20.20
C GLU A 6 -15.29 0.76 -20.75
N GLU A 7 -16.21 1.28 -21.54
CA GLU A 7 -17.27 0.46 -22.14
C GLU A 7 -16.66 -0.55 -23.11
N GLU A 8 -15.46 -0.28 -23.58
CA GLU A 8 -14.80 -1.17 -24.51
C GLU A 8 -14.59 -2.55 -23.89
N LYS A 9 -14.24 -2.57 -22.60
CA LYS A 9 -14.03 -3.82 -21.89
C LYS A 9 -14.59 -3.73 -20.47
N LYS A 10 -15.23 -4.81 -20.02
CA LYS A 10 -15.81 -4.85 -18.69
C LYS A 10 -14.74 -4.69 -17.63
N LYS A 11 -13.60 -5.35 -17.84
CA LYS A 11 -12.49 -5.27 -16.90
C LYS A 11 -12.95 -5.71 -15.51
N VAL A 12 -12.50 -6.88 -15.08
CA VAL A 12 -12.87 -7.40 -13.77
C VAL A 12 -12.15 -6.64 -12.67
N LYS A 13 -12.88 -6.27 -11.62
CA LYS A 13 -12.30 -5.54 -10.50
C LYS A 13 -11.82 -6.50 -9.41
N LYS A 14 -12.77 -7.07 -8.69
CA LYS A 14 -12.43 -8.01 -7.62
C LYS A 14 -11.41 -7.40 -6.67
N LEU A 15 -10.14 -7.49 -7.04
CA LEU A 15 -9.08 -6.93 -6.22
C LEU A 15 -9.07 -5.40 -6.31
N GLN A 16 -8.82 -4.75 -5.18
CA GLN A 16 -8.78 -3.30 -5.14
C GLN A 16 -7.36 -2.81 -4.87
N LYS A 17 -6.74 -2.25 -5.90
CA LYS A 17 -5.38 -1.74 -5.77
C LYS A 17 -5.40 -0.37 -5.10
N SER A 18 -4.55 -0.19 -4.10
CA SER A 18 -4.47 1.08 -3.38
C SER A 18 -3.02 1.44 -3.09
N TYR A 19 -2.73 2.74 -3.06
CA TYR A 19 -1.36 3.21 -2.79
C TYR A 19 -1.30 3.85 -1.41
N PHE A 20 -0.34 3.41 -0.60
CA PHE A 20 -0.16 3.94 0.75
C PHE A 20 1.14 4.72 0.84
N ASP A 21 1.03 6.04 0.87
CA ASP A 21 2.22 6.89 0.95
C ASP A 21 2.81 6.81 2.35
N VAL A 22 4.14 6.75 2.43
CA VAL A 22 4.84 6.68 3.71
C VAL A 22 5.92 7.76 3.79
N LEU A 23 5.92 8.51 4.88
CA LEU A 23 6.89 9.58 5.07
C LEU A 23 7.89 9.20 6.17
N GLY A 24 7.50 8.23 7.00
CA GLY A 24 8.36 7.77 8.09
C GLY A 24 9.17 6.54 7.66
N ILE A 25 9.60 6.53 6.40
CA ILE A 25 10.40 5.42 5.88
C ILE A 25 11.88 5.64 6.18
N CYS A 26 12.48 4.67 6.87
CA CYS A 26 13.89 4.76 7.24
C CYS A 26 14.73 3.91 6.29
N CYS A 27 15.79 4.52 5.74
CA CYS A 27 16.70 3.82 4.85
C CYS A 27 15.91 2.90 3.90
N THR A 28 16.58 1.87 3.37
CA THR A 28 15.94 0.92 2.46
C THR A 28 16.05 -0.49 3.00
N SER A 29 16.72 -0.63 4.15
CA SER A 29 16.89 -1.94 4.76
C SER A 29 15.59 -2.40 5.43
N GLU A 30 14.61 -1.49 5.49
CA GLU A 30 13.32 -1.80 6.10
C GLU A 30 12.38 -2.45 5.09
N VAL A 31 12.90 -2.72 3.90
CA VAL A 31 12.11 -3.37 2.87
C VAL A 31 11.50 -4.66 3.42
N PRO A 32 12.31 -5.59 3.92
CA PRO A 32 11.80 -6.89 4.45
C PRO A 32 10.79 -6.69 5.57
N ILE A 33 10.97 -5.63 6.34
CA ILE A 33 10.08 -5.33 7.45
C ILE A 33 8.69 -4.97 6.93
N ILE A 34 8.65 -4.16 5.88
CA ILE A 34 7.39 -3.74 5.32
C ILE A 34 6.62 -4.95 4.78
N GLU A 35 7.32 -5.84 4.08
CA GLU A 35 6.69 -7.02 3.51
C GLU A 35 6.19 -7.94 4.61
N ASN A 36 6.93 -7.98 5.72
CA ASN A 36 6.57 -8.83 6.85
C ASN A 36 5.22 -8.40 7.43
N ILE A 37 4.99 -7.09 7.47
CA ILE A 37 3.73 -6.57 8.00
C ILE A 37 2.55 -7.04 7.16
N LEU A 38 2.70 -6.97 5.85
CA LEU A 38 1.64 -7.40 4.94
C LEU A 38 1.40 -8.90 5.09
N LYS A 39 2.47 -9.65 5.30
CA LYS A 39 2.36 -11.10 5.45
C LYS A 39 1.40 -11.44 6.58
N SER A 40 1.46 -10.68 7.67
CA SER A 40 0.58 -10.93 8.81
C SER A 40 -0.88 -10.69 8.43
N LEU A 41 -1.10 -9.73 7.54
CA LEU A 41 -2.45 -9.42 7.10
C LEU A 41 -2.99 -10.52 6.19
N ASP A 42 -4.27 -10.84 6.35
CA ASP A 42 -4.90 -11.89 5.53
C ASP A 42 -5.79 -11.26 4.47
N GLY A 43 -5.35 -11.34 3.21
CA GLY A 43 -6.11 -10.78 2.09
C GLY A 43 -5.19 -10.21 1.03
N VAL A 44 -3.91 -10.04 1.38
CA VAL A 44 -2.93 -9.50 0.45
C VAL A 44 -2.45 -10.59 -0.51
N LYS A 45 -2.54 -10.31 -1.80
CA LYS A 45 -2.11 -11.26 -2.83
C LYS A 45 -0.67 -11.01 -3.23
N GLU A 46 -0.34 -9.74 -3.48
CA GLU A 46 1.01 -9.37 -3.88
C GLU A 46 1.28 -7.91 -3.55
N TYR A 47 2.57 -7.58 -3.39
CA TYR A 47 2.97 -6.22 -3.06
C TYR A 47 4.41 -5.99 -3.48
N SER A 48 4.79 -4.71 -3.57
CA SER A 48 6.15 -4.34 -3.95
C SER A 48 6.54 -3.02 -3.29
N VAL A 49 7.82 -2.91 -2.91
CA VAL A 49 8.32 -1.70 -2.27
C VAL A 49 9.20 -0.92 -3.24
N ILE A 50 8.83 0.34 -3.49
CA ILE A 50 9.58 1.19 -4.40
C ILE A 50 10.12 2.40 -3.66
N VAL A 51 11.39 2.33 -3.29
CA VAL A 51 12.04 3.44 -2.58
C VAL A 51 12.35 4.59 -3.54
N PRO A 52 12.80 4.29 -4.74
CA PRO A 52 13.17 5.33 -5.75
C PRO A 52 12.03 6.32 -6.00
N SER A 53 10.80 5.80 -6.03
CA SER A 53 9.61 6.62 -6.26
C SER A 53 8.90 6.93 -4.94
N ARG A 54 9.40 6.34 -3.86
CA ARG A 54 8.80 6.56 -2.55
C ARG A 54 7.31 6.24 -2.59
N THR A 55 6.96 5.11 -3.19
CA THR A 55 5.56 4.69 -3.28
C THR A 55 5.41 3.23 -2.91
N VAL A 56 4.26 2.87 -2.34
CA VAL A 56 3.99 1.49 -1.93
C VAL A 56 2.77 0.96 -2.67
N ILE A 57 2.89 -0.24 -3.20
CA ILE A 57 1.79 -0.89 -3.93
C ILE A 57 1.48 -2.25 -3.34
N VAL A 58 0.20 -2.48 -3.07
CA VAL A 58 -0.24 -3.76 -2.51
C VAL A 58 -1.63 -4.11 -3.03
N VAL A 59 -1.78 -5.36 -3.49
CA VAL A 59 -3.06 -5.83 -4.00
C VAL A 59 -3.72 -6.73 -2.97
N HIS A 60 -4.95 -6.39 -2.59
CA HIS A 60 -5.69 -7.16 -1.60
C HIS A 60 -7.20 -7.07 -1.86
N ASP A 61 -7.95 -7.98 -1.26
CA ASP A 61 -9.39 -8.00 -1.43
C ASP A 61 -10.05 -6.98 -0.51
N SER A 62 -10.70 -5.99 -1.10
CA SER A 62 -11.34 -4.95 -0.30
C SER A 62 -12.36 -5.56 0.65
N LEU A 63 -13.08 -6.56 0.17
CA LEU A 63 -14.09 -7.20 1.01
C LEU A 63 -13.44 -7.87 2.22
N LEU A 64 -12.45 -8.71 1.95
CA LEU A 64 -11.77 -9.44 3.03
C LEU A 64 -11.04 -8.46 3.95
N ILE A 65 -10.32 -7.53 3.35
CA ILE A 65 -9.57 -6.54 4.12
C ILE A 65 -9.59 -5.19 3.41
N SER A 66 -9.79 -4.13 4.18
CA SER A 66 -9.84 -2.79 3.61
C SER A 66 -8.48 -2.09 3.74
N PRO A 67 -8.27 -1.02 3.00
CA PRO A 67 -6.99 -0.25 3.06
C PRO A 67 -6.67 0.22 4.49
N PHE A 68 -7.72 0.52 5.25
CA PHE A 68 -7.54 0.99 6.63
C PHE A 68 -6.72 0.01 7.44
N GLN A 69 -7.03 -1.28 7.28
CA GLN A 69 -6.31 -2.31 8.02
C GLN A 69 -4.83 -2.30 7.64
N ILE A 70 -4.54 -2.16 6.35
CA ILE A 70 -3.17 -2.13 5.87
C ILE A 70 -2.44 -0.90 6.42
N ALA A 71 -3.11 0.24 6.37
CA ALA A 71 -2.51 1.48 6.85
C ALA A 71 -2.27 1.40 8.36
N LYS A 72 -3.22 0.82 9.07
CA LYS A 72 -3.09 0.69 10.51
C LYS A 72 -1.90 -0.19 10.86
N ALA A 73 -1.70 -1.25 10.09
CA ALA A 73 -0.61 -2.17 10.35
C ALA A 73 0.74 -1.45 10.23
N LEU A 74 0.85 -0.61 9.21
CA LEU A 74 2.08 0.15 8.98
C LEU A 74 2.30 1.16 10.10
N ASN A 75 1.21 1.72 10.61
CA ASN A 75 1.29 2.70 11.69
C ASN A 75 1.93 2.09 12.92
N GLU A 76 1.62 0.81 13.19
CA GLU A 76 2.18 0.14 14.35
C GLU A 76 3.70 0.24 14.35
N ALA A 77 4.29 0.14 13.17
CA ALA A 77 5.75 0.22 13.05
C ALA A 77 6.23 1.65 13.23
N ARG A 78 5.28 2.59 13.26
CA ARG A 78 5.59 4.00 13.42
C ARG A 78 6.28 4.56 12.18
N LEU A 79 5.71 4.29 11.01
CA LEU A 79 6.27 4.77 9.75
C LEU A 79 5.43 5.92 9.19
N GLU A 80 4.38 6.28 9.91
CA GLU A 80 3.51 7.37 9.48
C GLU A 80 3.01 7.10 8.06
N ALA A 81 2.25 6.03 7.89
CA ALA A 81 1.71 5.67 6.58
C ALA A 81 0.28 6.19 6.43
N ASN A 82 -0.08 6.57 5.21
CA ASN A 82 -1.41 7.08 4.94
C ASN A 82 -1.84 6.75 3.51
N VAL A 83 -3.14 6.62 3.30
CA VAL A 83 -3.66 6.30 1.98
C VAL A 83 -3.56 7.50 1.06
N ARG A 84 -3.26 7.24 -0.22
CA ARG A 84 -3.15 8.32 -1.20
C ARG A 84 -4.24 9.37 -0.99
N VAL A 85 -3.87 10.64 -1.13
CA VAL A 85 -4.82 11.74 -0.95
C VAL A 85 -4.56 12.84 -1.96
N ASN A 86 -5.61 13.59 -2.30
CA ASN A 86 -5.48 14.67 -3.26
C ASN A 86 -4.85 15.90 -2.60
N GLY A 87 -3.53 16.03 -2.76
CA GLY A 87 -2.82 17.16 -2.18
C GLY A 87 -3.30 18.48 -2.78
N GLU A 88 -3.61 18.46 -4.06
CA GLU A 88 -4.08 19.66 -4.74
C GLU A 88 -3.08 20.80 -4.56
N THR A 89 -3.31 21.91 -5.26
CA THR A 89 -2.42 23.06 -5.16
C THR A 89 -2.75 23.87 -3.91
N SER A 90 -1.79 24.70 -3.49
CA SER A 90 -1.98 25.53 -2.31
C SER A 90 -0.83 26.53 -2.17
N PHE A 91 -1.00 27.71 -2.76
CA PHE A 91 0.03 28.75 -2.69
C PHE A 91 -0.60 30.09 -2.30
N LYS A 92 0.14 30.89 -1.54
CA LYS A 92 -0.35 32.19 -1.11
C LYS A 92 -0.05 33.25 -2.16
N ASN A 93 1.12 33.89 -2.03
CA ASN A 93 1.52 34.93 -2.96
C ASN A 93 3.01 34.80 -3.30
N LYS A 94 3.37 35.19 -4.52
CA LYS A 94 4.75 35.12 -4.95
C LYS A 94 5.64 36.02 -4.10
N TRP A 95 5.15 37.22 -3.81
CA TRP A 95 5.90 38.17 -3.01
C TRP A 95 6.33 37.53 -1.69
N ALA A 1 -7.87 -24.46 0.38
CA ALA A 1 -7.64 -23.01 0.61
C ALA A 1 -6.64 -22.83 1.74
N LEU A 2 -6.16 -21.61 1.92
CA LEU A 2 -5.20 -21.31 2.98
C LEU A 2 -3.99 -22.23 2.88
N GLN A 3 -3.93 -23.02 1.81
CA GLN A 3 -2.81 -23.95 1.59
C GLN A 3 -2.31 -23.86 0.16
N ASN A 4 -2.96 -24.59 -0.74
CA ASN A 4 -2.57 -24.59 -2.15
C ASN A 4 -3.41 -23.58 -2.93
N LYS A 5 -2.74 -22.75 -3.72
CA LYS A 5 -3.42 -21.73 -4.52
C LYS A 5 -2.96 -21.79 -5.98
N GLU A 6 -1.92 -22.58 -6.23
CA GLU A 6 -1.38 -22.73 -7.57
C GLU A 6 -2.36 -23.51 -8.45
N GLU A 7 -3.06 -24.47 -7.85
CA GLU A 7 -4.01 -25.29 -8.59
C GLU A 7 -5.12 -24.42 -9.19
N GLU A 8 -5.65 -23.52 -8.38
CA GLU A 8 -6.71 -22.63 -8.84
C GLU A 8 -6.13 -21.47 -9.64
N LYS A 9 -4.81 -21.31 -9.55
CA LYS A 9 -4.13 -20.23 -10.27
C LYS A 9 -4.75 -18.88 -9.93
N LYS A 10 -4.11 -17.81 -10.39
CA LYS A 10 -4.61 -16.46 -10.12
C LYS A 10 -5.99 -16.26 -10.75
N LYS A 11 -6.14 -16.77 -11.97
CA LYS A 11 -7.41 -16.64 -12.69
C LYS A 11 -7.86 -15.17 -12.73
N VAL A 12 -8.45 -14.70 -11.64
CA VAL A 12 -8.92 -13.32 -11.57
C VAL A 12 -7.92 -12.47 -10.79
N LYS A 13 -7.45 -11.40 -11.43
CA LYS A 13 -6.48 -10.49 -10.82
C LYS A 13 -7.11 -9.14 -10.53
N LYS A 14 -8.44 -9.09 -10.58
CA LYS A 14 -9.17 -7.85 -10.33
C LYS A 14 -8.71 -7.22 -9.02
N LEU A 15 -9.09 -7.85 -7.91
CA LEU A 15 -8.72 -7.34 -6.60
C LEU A 15 -8.89 -5.83 -6.54
N GLN A 16 -8.35 -5.21 -5.48
CA GLN A 16 -8.45 -3.76 -5.32
C GLN A 16 -7.07 -3.16 -5.07
N LYS A 17 -6.56 -2.44 -6.05
CA LYS A 17 -5.24 -1.81 -5.93
C LYS A 17 -5.34 -0.55 -5.08
N SER A 18 -4.35 -0.35 -4.21
CA SER A 18 -4.34 0.82 -3.34
C SER A 18 -2.91 1.31 -3.16
N TYR A 19 -2.74 2.63 -3.12
CA TYR A 19 -1.41 3.23 -2.95
C TYR A 19 -1.27 3.84 -1.56
N PHE A 20 -0.22 3.46 -0.85
CA PHE A 20 0.03 3.97 0.50
C PHE A 20 1.28 4.85 0.49
N ASP A 21 1.13 6.09 0.93
CA ASP A 21 2.25 7.03 0.98
C ASP A 21 2.89 7.02 2.35
N VAL A 22 4.11 6.51 2.43
CA VAL A 22 4.83 6.44 3.71
C VAL A 22 6.02 7.38 3.68
N LEU A 23 6.12 8.23 4.69
CA LEU A 23 7.22 9.20 4.78
C LEU A 23 8.32 8.68 5.69
N GLY A 24 7.97 7.75 6.58
CA GLY A 24 8.95 7.18 7.50
C GLY A 24 9.74 6.06 6.82
N ILE A 25 9.98 6.22 5.52
CA ILE A 25 10.73 5.22 4.77
C ILE A 25 12.22 5.54 4.80
N CYS A 26 13.04 4.53 5.15
CA CYS A 26 14.49 4.71 5.22
C CYS A 26 15.21 3.62 4.44
N CYS A 27 16.15 4.03 3.60
CA CYS A 27 16.92 3.10 2.81
C CYS A 27 16.03 1.97 2.26
N THR A 28 16.65 0.89 1.80
CA THR A 28 15.90 -0.24 1.26
C THR A 28 16.02 -1.45 2.19
N SER A 29 16.77 -1.29 3.26
CA SER A 29 16.96 -2.37 4.23
C SER A 29 15.68 -2.58 5.05
N GLU A 30 14.76 -1.63 4.95
CA GLU A 30 13.48 -1.71 5.68
C GLU A 30 12.42 -2.38 4.81
N VAL A 31 12.83 -2.88 3.65
CA VAL A 31 11.89 -3.54 2.74
C VAL A 31 11.32 -4.81 3.39
N PRO A 32 12.14 -5.58 4.09
CA PRO A 32 11.68 -6.83 4.76
C PRO A 32 10.59 -6.57 5.79
N ILE A 33 10.78 -5.51 6.58
CA ILE A 33 9.82 -5.16 7.62
C ILE A 33 8.48 -4.76 6.99
N ILE A 34 8.54 -3.97 5.93
CA ILE A 34 7.33 -3.52 5.26
C ILE A 34 6.56 -4.71 4.70
N GLU A 35 7.28 -5.62 4.06
CA GLU A 35 6.64 -6.80 3.47
C GLU A 35 6.12 -7.72 4.57
N ASN A 36 6.84 -7.76 5.69
CA ASN A 36 6.45 -8.61 6.81
C ASN A 36 5.10 -8.18 7.38
N ILE A 37 4.87 -6.87 7.42
CA ILE A 37 3.62 -6.35 7.94
C ILE A 37 2.44 -6.82 7.10
N LEU A 38 2.59 -6.75 5.77
CA LEU A 38 1.53 -7.18 4.88
C LEU A 38 1.28 -8.69 5.03
N LYS A 39 2.35 -9.44 5.22
CA LYS A 39 2.24 -10.88 5.38
C LYS A 39 1.33 -11.22 6.55
N SER A 40 1.45 -10.47 7.64
CA SER A 40 0.63 -10.71 8.81
C SER A 40 -0.86 -10.54 8.48
N LEU A 41 -1.14 -9.61 7.57
CA LEU A 41 -2.52 -9.36 7.17
C LEU A 41 -3.03 -10.47 6.27
N ASP A 42 -4.32 -10.78 6.39
CA ASP A 42 -4.93 -11.84 5.59
C ASP A 42 -5.81 -11.23 4.50
N GLY A 43 -5.38 -11.38 3.25
CA GLY A 43 -6.13 -10.85 2.11
C GLY A 43 -5.20 -10.28 1.05
N VAL A 44 -3.95 -10.03 1.44
CA VAL A 44 -2.97 -9.49 0.50
C VAL A 44 -2.50 -10.57 -0.46
N LYS A 45 -2.53 -10.25 -1.75
CA LYS A 45 -2.11 -11.20 -2.78
C LYS A 45 -0.66 -10.94 -3.19
N GLU A 46 -0.34 -9.68 -3.43
CA GLU A 46 1.01 -9.31 -3.83
C GLU A 46 1.28 -7.84 -3.52
N TYR A 47 2.55 -7.50 -3.42
CA TYR A 47 2.96 -6.13 -3.12
C TYR A 47 4.39 -5.88 -3.56
N SER A 48 4.74 -4.60 -3.72
CA SER A 48 6.09 -4.22 -4.14
C SER A 48 6.49 -2.92 -3.46
N VAL A 49 7.70 -2.91 -2.88
CA VAL A 49 8.21 -1.73 -2.20
C VAL A 49 9.16 -0.97 -3.11
N ILE A 50 8.78 0.25 -3.48
CA ILE A 50 9.61 1.08 -4.36
C ILE A 50 10.12 2.30 -3.60
N VAL A 51 11.36 2.23 -3.15
CA VAL A 51 11.98 3.33 -2.43
C VAL A 51 12.35 4.46 -3.37
N PRO A 52 12.86 4.14 -4.54
CA PRO A 52 13.28 5.17 -5.55
C PRO A 52 12.15 6.15 -5.88
N SER A 53 10.92 5.64 -5.90
CA SER A 53 9.75 6.47 -6.21
C SER A 53 8.97 6.80 -4.93
N ARG A 54 9.42 6.24 -3.81
CA ARG A 54 8.77 6.48 -2.53
C ARG A 54 7.28 6.16 -2.62
N THR A 55 6.96 5.06 -3.31
CA THR A 55 5.57 4.64 -3.47
C THR A 55 5.42 3.16 -3.09
N VAL A 56 4.31 2.84 -2.44
CA VAL A 56 4.04 1.46 -2.02
C VAL A 56 2.79 0.94 -2.71
N ILE A 57 2.89 -0.25 -3.29
CA ILE A 57 1.76 -0.87 -3.99
C ILE A 57 1.45 -2.23 -3.40
N VAL A 58 0.18 -2.46 -3.09
CA VAL A 58 -0.26 -3.73 -2.52
C VAL A 58 -1.64 -4.10 -3.05
N VAL A 59 -1.78 -5.37 -3.46
CA VAL A 59 -3.06 -5.85 -3.98
C VAL A 59 -3.72 -6.73 -2.95
N HIS A 60 -4.98 -6.43 -2.64
CA HIS A 60 -5.73 -7.20 -1.65
C HIS A 60 -7.23 -7.11 -1.93
N ASP A 61 -7.99 -8.03 -1.33
CA ASP A 61 -9.43 -8.04 -1.50
C ASP A 61 -10.08 -7.00 -0.59
N SER A 62 -10.76 -6.04 -1.18
CA SER A 62 -11.41 -4.99 -0.40
C SER A 62 -12.41 -5.59 0.57
N LEU A 63 -13.19 -6.56 0.11
CA LEU A 63 -14.18 -7.19 0.95
C LEU A 63 -13.52 -7.87 2.15
N LEU A 64 -12.55 -8.73 1.87
CA LEU A 64 -11.87 -9.46 2.93
C LEU A 64 -11.13 -8.50 3.85
N ILE A 65 -10.41 -7.56 3.26
CA ILE A 65 -9.66 -6.58 4.04
C ILE A 65 -9.66 -5.23 3.33
N SER A 66 -9.82 -4.16 4.10
CA SER A 66 -9.86 -2.81 3.53
C SER A 66 -8.50 -2.11 3.70
N PRO A 67 -8.26 -1.06 2.95
CA PRO A 67 -6.98 -0.30 3.04
C PRO A 67 -6.70 0.19 4.46
N PHE A 68 -7.75 0.51 5.19
CA PHE A 68 -7.61 1.00 6.56
C PHE A 68 -6.82 0.02 7.41
N GLN A 69 -7.06 -1.27 7.19
CA GLN A 69 -6.37 -2.30 7.95
C GLN A 69 -4.87 -2.27 7.63
N ILE A 70 -4.54 -2.12 6.35
CA ILE A 70 -3.14 -2.07 5.92
C ILE A 70 -2.46 -0.85 6.52
N ALA A 71 -3.12 0.29 6.47
CA ALA A 71 -2.56 1.52 7.00
C ALA A 71 -2.34 1.41 8.51
N LYS A 72 -3.30 0.80 9.19
CA LYS A 72 -3.21 0.63 10.64
C LYS A 72 -2.03 -0.26 10.99
N ALA A 73 -1.81 -1.29 10.19
CA ALA A 73 -0.71 -2.22 10.43
C ALA A 73 0.64 -1.50 10.28
N LEU A 74 0.73 -0.63 9.30
CA LEU A 74 1.95 0.12 9.05
C LEU A 74 2.23 1.07 10.20
N ASN A 75 1.17 1.61 10.80
CA ASN A 75 1.30 2.54 11.91
C ASN A 75 1.99 1.86 13.09
N GLU A 76 1.71 0.58 13.28
CA GLU A 76 2.32 -0.17 14.38
C GLU A 76 3.83 -0.02 14.36
N ALA A 77 4.42 -0.01 13.17
CA ALA A 77 5.86 0.14 13.03
C ALA A 77 6.30 1.54 13.45
N ARG A 78 5.33 2.44 13.58
CA ARG A 78 5.62 3.81 13.99
C ARG A 78 6.49 4.51 12.96
N LEU A 79 6.08 4.45 11.70
CA LEU A 79 6.85 5.06 10.61
C LEU A 79 5.95 6.00 9.81
N GLU A 80 4.89 6.50 10.45
CA GLU A 80 3.97 7.41 9.77
C GLU A 80 3.58 6.86 8.40
N ALA A 81 2.41 6.26 8.33
CA ALA A 81 1.91 5.70 7.06
C ALA A 81 0.43 5.98 6.90
N ASN A 82 0.03 6.34 5.68
CA ASN A 82 -1.36 6.64 5.39
C ASN A 82 -1.66 6.40 3.90
N VAL A 83 -2.94 6.43 3.55
CA VAL A 83 -3.35 6.21 2.18
C VAL A 83 -3.24 7.51 1.38
N ARG A 84 -2.52 7.44 0.26
CA ARG A 84 -2.32 8.61 -0.60
C ARG A 84 -2.18 9.88 0.24
N VAL A 85 -3.30 10.54 0.51
CA VAL A 85 -3.30 11.76 1.31
C VAL A 85 -3.21 11.42 2.79
N ASN A 86 -2.32 12.12 3.50
CA ASN A 86 -2.14 11.89 4.93
C ASN A 86 -3.08 12.79 5.73
N GLY A 87 -3.82 12.18 6.66
CA GLY A 87 -4.74 12.94 7.49
C GLY A 87 -4.04 13.51 8.72
N GLU A 88 -4.30 14.78 9.02
CA GLU A 88 -3.69 15.42 10.17
C GLU A 88 -4.26 14.85 11.47
N THR A 89 -3.37 14.55 12.42
CA THR A 89 -3.80 14.00 13.70
C THR A 89 -4.22 15.13 14.65
N SER A 90 -4.95 14.76 15.70
CA SER A 90 -5.42 15.74 16.68
C SER A 90 -4.33 16.03 17.70
N PHE A 91 -4.45 17.16 18.39
CA PHE A 91 -3.47 17.55 19.39
C PHE A 91 -2.07 17.57 18.81
N LYS A 92 -1.45 16.39 18.72
CA LYS A 92 -0.11 16.27 18.17
C LYS A 92 0.92 16.84 19.14
N ASN A 93 0.57 16.90 20.42
CA ASN A 93 1.48 17.43 21.42
C ASN A 93 2.75 16.60 21.49
N LYS A 94 2.58 15.29 21.60
CA LYS A 94 3.74 14.40 21.68
C LYS A 94 4.49 14.37 20.34
N TRP A 95 3.73 14.26 19.25
CA TRP A 95 4.32 14.22 17.92
C TRP A 95 3.25 14.26 16.84
N ALA A 1 -28.72 17.66 12.23
CA ALA A 1 -29.34 16.36 11.87
C ALA A 1 -28.29 15.44 11.27
N LEU A 2 -28.08 14.30 11.91
CA LEU A 2 -27.09 13.34 11.44
C LEU A 2 -27.65 12.53 10.27
N GLN A 3 -26.81 12.28 9.28
CA GLN A 3 -27.21 11.51 8.11
C GLN A 3 -26.05 10.68 7.58
N ASN A 4 -26.37 9.58 6.91
CA ASN A 4 -25.35 8.70 6.34
C ASN A 4 -25.81 8.16 4.99
N LYS A 5 -24.94 8.30 3.99
CA LYS A 5 -25.24 7.83 2.64
C LYS A 5 -24.02 7.15 2.01
N GLU A 6 -22.84 7.53 2.50
CA GLU A 6 -21.60 6.95 1.98
C GLU A 6 -21.50 5.48 2.33
N GLU A 7 -21.98 5.14 3.53
CA GLU A 7 -21.92 3.75 3.98
C GLU A 7 -22.83 2.87 3.13
N GLU A 8 -23.92 3.44 2.64
CA GLU A 8 -24.87 2.70 1.81
C GLU A 8 -24.17 2.14 0.59
N LYS A 9 -23.21 2.89 0.06
CA LYS A 9 -22.47 2.45 -1.12
C LYS A 9 -21.41 1.44 -0.72
N LYS A 10 -21.67 0.16 -1.03
CA LYS A 10 -20.72 -0.90 -0.70
C LYS A 10 -19.42 -0.72 -1.47
N LYS A 11 -19.53 -0.40 -2.76
CA LYS A 11 -18.35 -0.21 -3.60
C LYS A 11 -17.30 -1.27 -3.30
N VAL A 12 -17.74 -2.52 -3.24
CA VAL A 12 -16.84 -3.63 -2.97
C VAL A 12 -16.58 -4.43 -4.25
N LYS A 13 -15.31 -4.65 -4.54
CA LYS A 13 -14.91 -5.39 -5.74
C LYS A 13 -13.72 -6.29 -5.43
N LYS A 14 -13.34 -7.09 -6.41
CA LYS A 14 -12.22 -8.01 -6.24
C LYS A 14 -10.96 -7.24 -5.83
N LEU A 15 -9.80 -7.87 -6.06
CA LEU A 15 -8.53 -7.24 -5.72
C LEU A 15 -8.55 -5.76 -6.10
N GLN A 16 -8.52 -4.91 -5.09
CA GLN A 16 -8.53 -3.46 -5.31
C GLN A 16 -7.17 -2.87 -4.98
N LYS A 17 -6.53 -2.31 -5.99
CA LYS A 17 -5.21 -1.70 -5.80
C LYS A 17 -5.36 -0.32 -5.16
N SER A 18 -4.50 -0.03 -4.19
CA SER A 18 -4.54 1.26 -3.49
C SER A 18 -3.12 1.79 -3.31
N TYR A 19 -3.00 3.12 -3.23
CA TYR A 19 -1.70 3.75 -3.03
C TYR A 19 -1.55 4.22 -1.59
N PHE A 20 -0.49 3.77 -0.93
CA PHE A 20 -0.23 4.14 0.46
C PHE A 20 1.01 5.03 0.55
N ASP A 21 0.83 6.24 1.06
CA ASP A 21 1.94 7.19 1.22
C ASP A 21 2.61 7.00 2.57
N VAL A 22 3.86 6.55 2.54
CA VAL A 22 4.63 6.34 3.77
C VAL A 22 5.72 7.39 3.91
N LEU A 23 5.73 8.06 5.06
CA LEU A 23 6.72 9.10 5.32
C LEU A 23 7.76 8.61 6.34
N GLY A 24 7.32 7.76 7.25
CA GLY A 24 8.21 7.23 8.28
C GLY A 24 9.08 6.12 7.70
N ILE A 25 9.51 6.30 6.47
CA ILE A 25 10.36 5.30 5.81
C ILE A 25 11.81 5.51 6.20
N CYS A 26 12.45 4.45 6.68
CA CYS A 26 13.86 4.51 7.10
C CYS A 26 14.72 3.66 6.18
N CYS A 27 15.83 4.22 5.71
CA CYS A 27 16.74 3.49 4.83
C CYS A 27 15.97 2.57 3.88
N THR A 28 16.63 1.51 3.40
CA THR A 28 16.00 0.54 2.51
C THR A 28 16.15 -0.87 3.06
N SER A 29 16.79 -1.00 4.22
CA SER A 29 17.00 -2.30 4.85
C SER A 29 15.71 -2.81 5.48
N GLU A 30 14.69 -1.95 5.48
CA GLU A 30 13.39 -2.29 6.09
C GLU A 30 12.53 -3.04 5.08
N VAL A 31 13.08 -3.29 3.90
CA VAL A 31 12.35 -4.03 2.87
C VAL A 31 11.67 -5.24 3.51
N PRO A 32 12.40 -6.12 4.15
CA PRO A 32 11.82 -7.33 4.80
C PRO A 32 10.76 -6.97 5.84
N ILE A 33 11.00 -5.89 6.56
CA ILE A 33 10.07 -5.44 7.60
C ILE A 33 8.75 -5.02 6.97
N ILE A 34 8.83 -4.28 5.87
CA ILE A 34 7.62 -3.80 5.19
C ILE A 34 6.82 -4.98 4.68
N GLU A 35 7.49 -5.93 4.06
CA GLU A 35 6.82 -7.11 3.51
C GLU A 35 6.27 -7.98 4.63
N ASN A 36 6.98 -8.01 5.76
CA ASN A 36 6.56 -8.81 6.89
C ASN A 36 5.22 -8.34 7.43
N ILE A 37 5.01 -7.03 7.46
CA ILE A 37 3.77 -6.47 7.96
C ILE A 37 2.60 -6.93 7.10
N LEU A 38 2.77 -6.84 5.79
CA LEU A 38 1.73 -7.26 4.86
C LEU A 38 1.49 -8.76 4.96
N LYS A 39 2.57 -9.51 5.13
CA LYS A 39 2.47 -10.96 5.23
C LYS A 39 1.55 -11.34 6.39
N SER A 40 1.65 -10.60 7.49
CA SER A 40 0.82 -10.87 8.65
C SER A 40 -0.66 -10.70 8.31
N LEU A 41 -0.95 -9.69 7.50
CA LEU A 41 -2.32 -9.41 7.10
C LEU A 41 -2.84 -10.50 6.16
N ASP A 42 -4.12 -10.82 6.28
CA ASP A 42 -4.75 -11.84 5.44
C ASP A 42 -5.55 -11.19 4.32
N GLY A 43 -5.57 -11.84 3.17
CA GLY A 43 -6.31 -11.32 2.00
C GLY A 43 -5.34 -10.73 0.99
N VAL A 44 -4.15 -10.36 1.44
CA VAL A 44 -3.14 -9.78 0.54
C VAL A 44 -2.61 -10.85 -0.41
N LYS A 45 -2.59 -10.51 -1.70
CA LYS A 45 -2.10 -11.44 -2.72
C LYS A 45 -0.64 -11.16 -3.05
N GLU A 46 -0.34 -9.89 -3.34
CA GLU A 46 1.02 -9.50 -3.67
C GLU A 46 1.24 -8.02 -3.40
N TYR A 47 2.50 -7.62 -3.34
CA TYR A 47 2.84 -6.23 -3.08
C TYR A 47 4.25 -5.91 -3.60
N SER A 48 4.53 -4.62 -3.75
CA SER A 48 5.84 -4.19 -4.23
C SER A 48 6.25 -2.89 -3.53
N VAL A 49 7.52 -2.81 -3.14
CA VAL A 49 8.04 -1.63 -2.47
C VAL A 49 9.04 -0.91 -3.37
N ILE A 50 8.74 0.34 -3.68
CA ILE A 50 9.62 1.14 -4.55
C ILE A 50 10.29 2.23 -3.72
N VAL A 51 11.60 2.12 -3.58
CA VAL A 51 12.38 3.11 -2.85
C VAL A 51 12.53 4.41 -3.67
N PRO A 52 12.86 4.30 -4.94
CA PRO A 52 13.06 5.51 -5.81
C PRO A 52 11.78 6.31 -6.01
N SER A 53 10.64 5.70 -5.69
CA SER A 53 9.34 6.35 -5.85
C SER A 53 8.69 6.57 -4.48
N ARG A 54 9.35 6.11 -3.43
CA ARG A 54 8.82 6.27 -2.08
C ARG A 54 7.33 5.94 -2.04
N THR A 55 6.90 5.07 -2.96
CA THR A 55 5.50 4.66 -3.03
C THR A 55 5.37 3.16 -2.82
N VAL A 56 4.42 2.76 -1.98
CA VAL A 56 4.20 1.34 -1.70
C VAL A 56 2.90 0.90 -2.33
N ILE A 57 2.96 -0.19 -3.11
CA ILE A 57 1.78 -0.73 -3.77
C ILE A 57 1.48 -2.13 -3.25
N VAL A 58 0.22 -2.35 -2.86
CA VAL A 58 -0.20 -3.64 -2.34
C VAL A 58 -1.56 -4.03 -2.93
N VAL A 59 -1.65 -5.26 -3.41
CA VAL A 59 -2.90 -5.77 -3.99
C VAL A 59 -3.59 -6.70 -3.00
N HIS A 60 -4.82 -6.38 -2.65
CA HIS A 60 -5.60 -7.19 -1.71
C HIS A 60 -7.08 -7.06 -2.00
N ASP A 61 -7.87 -8.00 -1.47
CA ASP A 61 -9.31 -7.98 -1.68
C ASP A 61 -9.97 -7.09 -0.63
N SER A 62 -10.55 -5.98 -1.08
CA SER A 62 -11.21 -5.05 -0.19
C SER A 62 -12.19 -5.79 0.72
N LEU A 63 -12.78 -6.85 0.19
CA LEU A 63 -13.74 -7.63 0.96
C LEU A 63 -13.06 -8.32 2.15
N LEU A 64 -12.00 -9.08 1.84
CA LEU A 64 -11.28 -9.81 2.88
C LEU A 64 -10.60 -8.85 3.84
N ILE A 65 -9.97 -7.82 3.28
CA ILE A 65 -9.28 -6.82 4.10
C ILE A 65 -9.35 -5.45 3.44
N SER A 66 -9.65 -4.42 4.24
CA SER A 66 -9.75 -3.05 3.73
C SER A 66 -8.37 -2.38 3.76
N PRO A 67 -8.22 -1.32 3.02
CA PRO A 67 -6.94 -0.55 2.96
C PRO A 67 -6.62 0.13 4.29
N PHE A 68 -7.67 0.41 5.06
CA PHE A 68 -7.49 1.06 6.36
C PHE A 68 -6.69 0.18 7.31
N GLN A 69 -6.92 -1.12 7.23
CA GLN A 69 -6.21 -2.07 8.09
C GLN A 69 -4.73 -2.10 7.74
N ILE A 70 -4.43 -2.08 6.45
CA ILE A 70 -3.04 -2.11 6.01
C ILE A 70 -2.30 -0.86 6.50
N ALA A 71 -2.93 0.29 6.35
CA ALA A 71 -2.33 1.55 6.77
C ALA A 71 -2.09 1.55 8.28
N LYS A 72 -3.06 1.03 9.02
CA LYS A 72 -2.96 0.96 10.46
C LYS A 72 -1.81 0.06 10.88
N ALA A 73 -1.61 -1.02 10.14
CA ALA A 73 -0.54 -1.97 10.45
C ALA A 73 0.82 -1.28 10.34
N LEU A 74 0.97 -0.44 9.33
CA LEU A 74 2.22 0.27 9.11
C LEU A 74 2.51 1.21 10.28
N ASN A 75 1.45 1.84 10.78
CA ASN A 75 1.60 2.77 11.89
C ASN A 75 2.15 2.06 13.13
N GLU A 76 1.68 0.83 13.35
CA GLU A 76 2.13 0.05 14.50
C GLU A 76 3.64 -0.13 14.47
N ALA A 77 4.17 -0.39 13.28
CA ALA A 77 5.61 -0.59 13.12
C ALA A 77 6.33 0.75 13.06
N ARG A 78 5.87 1.70 13.88
CA ARG A 78 6.46 3.03 13.90
C ARG A 78 6.60 3.60 12.49
N LEU A 79 5.84 3.02 11.55
CA LEU A 79 5.88 3.48 10.15
C LEU A 79 4.55 4.13 9.79
N GLU A 80 4.50 5.45 9.95
CA GLU A 80 3.30 6.20 9.63
C GLU A 80 2.97 6.04 8.15
N ALA A 81 1.71 5.77 7.87
CA ALA A 81 1.26 5.61 6.47
C ALA A 81 -0.18 6.10 6.32
N ASN A 82 -0.49 6.64 5.14
CA ASN A 82 -1.83 7.14 4.87
C ASN A 82 -2.19 6.91 3.40
N VAL A 83 -3.44 6.52 3.17
CA VAL A 83 -3.91 6.26 1.81
C VAL A 83 -4.00 7.57 1.03
N ARG A 84 -3.70 7.50 -0.27
CA ARG A 84 -3.74 8.69 -1.11
C ARG A 84 -5.01 9.48 -0.84
N VAL A 85 -4.87 10.80 -0.71
CA VAL A 85 -6.00 11.67 -0.46
C VAL A 85 -6.80 11.90 -1.74
N ASN A 86 -8.09 12.17 -1.58
CA ASN A 86 -8.96 12.40 -2.73
C ASN A 86 -8.51 13.65 -3.48
N GLY A 87 -8.53 13.57 -4.81
CA GLY A 87 -8.12 14.71 -5.64
C GLY A 87 -9.19 15.80 -5.63
N GLU A 88 -9.80 16.01 -4.46
CA GLU A 88 -10.84 17.03 -4.32
C GLU A 88 -11.98 16.75 -5.29
N THR A 89 -13.20 17.08 -4.86
CA THR A 89 -14.37 16.87 -5.71
C THR A 89 -15.52 17.78 -5.27
N SER A 90 -16.71 17.22 -5.20
CA SER A 90 -17.88 17.99 -4.80
C SER A 90 -18.04 19.22 -5.68
N PHE A 91 -18.96 20.11 -5.31
CA PHE A 91 -19.19 21.33 -6.07
C PHE A 91 -19.52 21.00 -7.53
N LYS A 92 -20.73 21.32 -7.94
CA LYS A 92 -21.15 21.05 -9.31
C LYS A 92 -20.38 21.94 -10.29
N ASN A 93 -20.21 21.44 -11.51
CA ASN A 93 -19.48 22.19 -12.53
C ASN A 93 -18.23 22.83 -11.94
N LYS A 94 -17.63 23.75 -12.70
CA LYS A 94 -16.42 24.44 -12.24
C LYS A 94 -16.41 25.89 -12.73
N TRP A 95 -15.74 26.75 -11.99
CA TRP A 95 -15.65 28.16 -12.36
C TRP A 95 -14.51 28.84 -11.62
N ALA A 1 17.88 -15.01 -7.92
CA ALA A 1 18.13 -13.85 -7.00
C ALA A 1 17.35 -14.07 -5.71
N LEU A 2 17.74 -13.33 -4.68
CA LEU A 2 17.08 -13.43 -3.38
C LEU A 2 15.61 -13.02 -3.48
N GLN A 3 15.36 -11.96 -4.23
CA GLN A 3 14.00 -11.46 -4.41
C GLN A 3 13.18 -12.46 -5.19
N ASN A 4 11.89 -12.55 -4.85
CA ASN A 4 10.99 -13.48 -5.53
C ASN A 4 10.61 -12.95 -6.90
N LYS A 5 10.95 -13.70 -7.94
CA LYS A 5 10.63 -13.29 -9.30
C LYS A 5 9.16 -13.57 -9.62
N GLU A 6 8.53 -14.37 -8.77
CA GLU A 6 7.12 -14.71 -8.98
C GLU A 6 6.24 -13.48 -8.78
N GLU A 7 6.60 -12.65 -7.80
CA GLU A 7 5.84 -11.45 -7.51
C GLU A 7 5.90 -10.47 -8.69
N GLU A 8 6.98 -10.56 -9.46
CA GLU A 8 7.16 -9.68 -10.61
C GLU A 8 6.06 -9.92 -11.64
N LYS A 9 5.63 -11.18 -11.75
CA LYS A 9 4.58 -11.54 -12.70
C LYS A 9 3.28 -10.83 -12.35
N LYS A 10 2.55 -10.41 -13.38
CA LYS A 10 1.28 -9.71 -13.17
C LYS A 10 0.29 -10.61 -12.44
N LYS A 11 0.22 -11.86 -12.86
CA LYS A 11 -0.69 -12.82 -12.24
C LYS A 11 -2.13 -12.33 -12.33
N VAL A 12 -3.07 -13.28 -12.44
CA VAL A 12 -4.48 -12.93 -12.54
C VAL A 12 -4.98 -12.40 -11.19
N LYS A 13 -5.67 -11.27 -11.24
CA LYS A 13 -6.21 -10.66 -10.02
C LYS A 13 -7.52 -9.93 -10.32
N LYS A 14 -8.36 -9.80 -9.30
CA LYS A 14 -9.65 -9.13 -9.46
C LYS A 14 -9.95 -8.27 -8.24
N LEU A 15 -9.04 -8.27 -7.27
CA LEU A 15 -9.21 -7.49 -6.06
C LEU A 15 -9.13 -5.99 -6.38
N GLN A 16 -8.82 -5.19 -5.37
CA GLN A 16 -8.71 -3.74 -5.55
C GLN A 16 -7.31 -3.27 -5.16
N LYS A 17 -6.65 -2.58 -6.08
CA LYS A 17 -5.32 -2.06 -5.84
C LYS A 17 -5.39 -0.72 -5.13
N SER A 18 -4.53 -0.53 -4.13
CA SER A 18 -4.50 0.72 -3.36
C SER A 18 -3.06 1.18 -3.20
N TYR A 19 -2.87 2.49 -3.05
CA TYR A 19 -1.54 3.07 -2.86
C TYR A 19 -1.41 3.63 -1.46
N PHE A 20 -0.21 3.46 -0.88
CA PHE A 20 0.07 3.95 0.47
C PHE A 20 1.38 4.72 0.48
N ASP A 21 1.49 5.68 1.41
CA ASP A 21 2.70 6.49 1.53
C ASP A 21 3.20 6.48 2.97
N VAL A 22 4.37 5.87 3.18
CA VAL A 22 4.95 5.80 4.53
C VAL A 22 6.09 6.81 4.67
N LEU A 23 5.81 7.90 5.36
CA LEU A 23 6.80 8.93 5.57
C LEU A 23 7.95 8.39 6.42
N GLY A 24 7.59 7.61 7.44
CA GLY A 24 8.59 7.05 8.34
C GLY A 24 9.43 6.00 7.63
N ILE A 25 9.79 6.26 6.38
CA ILE A 25 10.60 5.34 5.60
C ILE A 25 12.08 5.62 5.81
N CYS A 26 12.84 4.56 6.12
CA CYS A 26 14.28 4.72 6.35
C CYS A 26 15.08 3.72 5.50
N CYS A 27 16.09 4.22 4.81
CA CYS A 27 16.94 3.38 3.98
C CYS A 27 16.12 2.32 3.25
N THR A 28 16.79 1.27 2.78
CA THR A 28 16.10 0.18 2.07
C THR A 28 16.17 -1.11 2.88
N SER A 29 16.83 -1.05 4.04
CA SER A 29 16.96 -2.22 4.89
C SER A 29 15.66 -2.49 5.64
N GLU A 30 14.73 -1.54 5.55
CA GLU A 30 13.42 -1.67 6.22
C GLU A 30 12.41 -2.31 5.28
N VAL A 31 12.88 -2.76 4.12
CA VAL A 31 12.00 -3.40 3.14
C VAL A 31 11.41 -4.69 3.72
N PRO A 32 12.19 -5.47 4.42
CA PRO A 32 11.72 -6.76 5.02
C PRO A 32 10.58 -6.55 6.00
N ILE A 33 10.72 -5.52 6.84
CA ILE A 33 9.70 -5.20 7.83
C ILE A 33 8.39 -4.80 7.16
N ILE A 34 8.50 -3.97 6.13
CA ILE A 34 7.32 -3.51 5.41
C ILE A 34 6.58 -4.69 4.79
N GLU A 35 7.32 -5.60 4.16
CA GLU A 35 6.71 -6.76 3.54
C GLU A 35 6.18 -7.72 4.60
N ASN A 36 6.90 -7.81 5.70
CA ASN A 36 6.51 -8.71 6.78
C ASN A 36 5.15 -8.32 7.35
N ILE A 37 4.90 -7.01 7.43
CA ILE A 37 3.62 -6.53 7.96
C ILE A 37 2.46 -7.00 7.09
N LEU A 38 2.63 -6.90 5.77
CA LEU A 38 1.58 -7.33 4.86
C LEU A 38 1.34 -8.83 4.98
N LYS A 39 2.43 -9.58 5.14
CA LYS A 39 2.31 -11.03 5.27
C LYS A 39 1.42 -11.39 6.46
N SER A 40 1.55 -10.64 7.54
CA SER A 40 0.75 -10.90 8.73
C SER A 40 -0.74 -10.72 8.43
N LEU A 41 -1.05 -9.71 7.62
CA LEU A 41 -2.44 -9.44 7.25
C LEU A 41 -2.96 -10.52 6.33
N ASP A 42 -4.26 -10.81 6.43
CA ASP A 42 -4.89 -11.82 5.59
C ASP A 42 -5.81 -11.17 4.55
N GLY A 43 -5.37 -11.16 3.30
CA GLY A 43 -6.15 -10.56 2.23
C GLY A 43 -5.24 -10.01 1.14
N VAL A 44 -3.97 -9.78 1.48
CA VAL A 44 -3.02 -9.25 0.52
C VAL A 44 -2.52 -10.36 -0.41
N LYS A 45 -2.59 -10.11 -1.72
CA LYS A 45 -2.14 -11.08 -2.71
C LYS A 45 -0.70 -10.80 -3.13
N GLU A 46 -0.42 -9.53 -3.44
CA GLU A 46 0.92 -9.13 -3.86
C GLU A 46 1.21 -7.69 -3.49
N TYR A 47 2.48 -7.35 -3.42
CA TYR A 47 2.89 -5.99 -3.08
C TYR A 47 4.34 -5.75 -3.47
N SER A 48 4.72 -4.47 -3.54
CA SER A 48 6.08 -4.10 -3.88
C SER A 48 6.44 -2.76 -3.26
N VAL A 49 7.68 -2.64 -2.78
CA VAL A 49 8.14 -1.40 -2.17
C VAL A 49 8.94 -0.59 -3.18
N ILE A 50 8.44 0.59 -3.52
CA ILE A 50 9.12 1.45 -4.49
C ILE A 50 9.77 2.62 -3.77
N VAL A 51 11.08 2.52 -3.58
CA VAL A 51 11.83 3.59 -2.91
C VAL A 51 12.05 4.77 -3.86
N PRO A 52 12.33 4.51 -5.11
CA PRO A 52 12.58 5.59 -6.12
C PRO A 52 11.44 6.59 -6.19
N SER A 53 10.22 6.11 -6.01
CA SER A 53 9.02 6.96 -6.06
C SER A 53 8.43 7.12 -4.66
N ARG A 54 9.12 6.58 -3.67
CA ARG A 54 8.65 6.69 -2.28
C ARG A 54 7.16 6.33 -2.20
N THR A 55 6.75 5.33 -2.97
CA THR A 55 5.35 4.89 -2.98
C THR A 55 5.27 3.40 -2.71
N VAL A 56 4.12 2.95 -2.22
CA VAL A 56 3.90 1.54 -1.91
C VAL A 56 2.66 1.03 -2.63
N ILE A 57 2.78 -0.15 -3.23
CA ILE A 57 1.66 -0.77 -3.94
C ILE A 57 1.35 -2.15 -3.36
N VAL A 58 0.08 -2.37 -3.06
CA VAL A 58 -0.36 -3.65 -2.50
C VAL A 58 -1.76 -4.00 -3.02
N VAL A 59 -1.93 -5.26 -3.42
CA VAL A 59 -3.23 -5.72 -3.91
C VAL A 59 -3.89 -6.58 -2.84
N HIS A 60 -5.14 -6.25 -2.54
CA HIS A 60 -5.89 -6.98 -1.52
C HIS A 60 -7.39 -6.83 -1.74
N ASP A 61 -8.18 -7.71 -1.15
CA ASP A 61 -9.63 -7.66 -1.28
C ASP A 61 -10.20 -6.66 -0.27
N SER A 62 -10.88 -5.64 -0.79
CA SER A 62 -11.46 -4.62 0.07
C SER A 62 -12.47 -5.25 1.03
N LEU A 63 -13.28 -6.17 0.54
CA LEU A 63 -14.28 -6.81 1.37
C LEU A 63 -13.60 -7.57 2.52
N LEU A 64 -12.65 -8.43 2.19
CA LEU A 64 -11.95 -9.19 3.22
C LEU A 64 -11.20 -8.28 4.16
N ILE A 65 -10.46 -7.32 3.60
CA ILE A 65 -9.69 -6.38 4.41
C ILE A 65 -9.73 -5.00 3.79
N SER A 66 -9.94 -3.99 4.62
CA SER A 66 -10.02 -2.62 4.12
C SER A 66 -8.62 -1.99 4.04
N PRO A 67 -8.42 -1.03 3.15
CA PRO A 67 -7.10 -0.33 3.01
C PRO A 67 -6.61 0.25 4.34
N PHE A 68 -7.54 0.73 5.15
CA PHE A 68 -7.20 1.33 6.43
C PHE A 68 -6.44 0.34 7.31
N GLN A 69 -6.86 -0.92 7.25
CA GLN A 69 -6.21 -1.95 8.04
C GLN A 69 -4.74 -2.09 7.68
N ILE A 70 -4.46 -2.06 6.37
CA ILE A 70 -3.08 -2.19 5.90
C ILE A 70 -2.24 -1.00 6.39
N ALA A 71 -2.80 0.20 6.28
CA ALA A 71 -2.09 1.39 6.72
C ALA A 71 -1.88 1.38 8.23
N LYS A 72 -2.90 0.94 8.96
CA LYS A 72 -2.81 0.88 10.41
C LYS A 72 -1.72 -0.11 10.85
N ALA A 73 -1.64 -1.23 10.15
CA ALA A 73 -0.65 -2.24 10.48
C ALA A 73 0.76 -1.70 10.30
N LEU A 74 0.96 -0.93 9.23
CA LEU A 74 2.27 -0.35 8.96
C LEU A 74 2.65 0.66 10.04
N ASN A 75 1.66 1.43 10.49
CA ASN A 75 1.90 2.43 11.52
C ASN A 75 2.44 1.79 12.80
N GLU A 76 2.08 0.53 13.01
CA GLU A 76 2.53 -0.18 14.21
C GLU A 76 4.04 -0.03 14.39
N ALA A 77 4.76 0.08 13.28
CA ALA A 77 6.20 0.24 13.32
C ALA A 77 6.58 1.71 13.48
N ARG A 78 5.77 2.45 14.22
CA ARG A 78 6.01 3.88 14.44
C ARG A 78 6.06 4.63 13.12
N LEU A 79 5.43 4.06 12.09
CA LEU A 79 5.39 4.68 10.77
C LEU A 79 4.10 5.50 10.62
N GLU A 80 3.97 6.16 9.48
CA GLU A 80 2.80 6.99 9.20
C GLU A 80 2.30 6.72 7.78
N ALA A 81 1.73 5.54 7.57
CA ALA A 81 1.21 5.19 6.25
C ALA A 81 -0.04 6.01 5.95
N ASN A 82 -0.19 6.41 4.67
CA ASN A 82 -1.35 7.20 4.26
C ASN A 82 -1.82 6.75 2.88
N VAL A 83 -3.12 6.52 2.75
CA VAL A 83 -3.68 6.08 1.48
C VAL A 83 -3.87 7.27 0.55
N ARG A 84 -3.08 7.32 -0.52
CA ARG A 84 -3.16 8.41 -1.48
C ARG A 84 -2.98 9.75 -0.78
N VAL A 85 -2.54 10.76 -1.54
CA VAL A 85 -2.32 12.10 -0.98
C VAL A 85 -3.01 13.15 -1.85
N ASN A 86 -3.13 14.36 -1.31
CA ASN A 86 -3.79 15.44 -2.02
C ASN A 86 -3.40 15.43 -3.50
N GLY A 87 -4.39 15.54 -4.38
CA GLY A 87 -4.14 15.53 -5.80
C GLY A 87 -3.24 16.68 -6.20
N GLU A 88 -1.95 16.40 -6.37
CA GLU A 88 -0.99 17.42 -6.75
C GLU A 88 -1.27 17.91 -8.16
N THR A 89 -1.70 16.99 -9.03
CA THR A 89 -1.99 17.34 -10.42
C THR A 89 -0.88 18.21 -11.00
N SER A 90 0.34 17.69 -10.98
CA SER A 90 1.49 18.42 -11.52
C SER A 90 1.52 18.32 -13.04
N PHE A 91 2.13 19.32 -13.67
CA PHE A 91 2.23 19.34 -15.13
C PHE A 91 3.41 20.21 -15.56
N LYS A 92 3.87 20.01 -16.79
CA LYS A 92 4.98 20.78 -17.34
C LYS A 92 4.74 21.12 -18.80
N ASN A 93 5.04 22.36 -19.18
CA ASN A 93 4.84 22.80 -20.55
C ASN A 93 6.14 22.64 -21.35
N LYS A 94 6.21 21.59 -22.15
CA LYS A 94 7.39 21.32 -22.97
C LYS A 94 7.26 22.00 -24.32
N TRP A 95 8.20 22.89 -24.63
CA TRP A 95 8.19 23.61 -25.90
C TRP A 95 6.77 24.05 -26.25
N ALA A 1 6.07 -20.12 -6.41
CA ALA A 1 6.91 -19.10 -5.71
C ALA A 1 7.65 -18.24 -6.72
N LEU A 2 8.13 -18.88 -7.79
CA LEU A 2 8.86 -18.17 -8.82
C LEU A 2 7.95 -17.15 -9.50
N GLN A 3 6.72 -17.55 -9.77
CA GLN A 3 5.76 -16.67 -10.42
C GLN A 3 4.38 -16.82 -9.79
N ASN A 4 3.59 -15.76 -9.85
CA ASN A 4 2.24 -15.78 -9.28
C ASN A 4 1.26 -16.38 -10.28
N LYS A 5 0.00 -16.46 -9.87
CA LYS A 5 -1.05 -17.01 -10.75
C LYS A 5 -1.71 -15.90 -11.56
N GLU A 6 -1.22 -14.68 -11.39
CA GLU A 6 -1.77 -13.54 -12.11
C GLU A 6 -1.69 -13.76 -13.62
N GLU A 7 -0.76 -14.62 -14.03
CA GLU A 7 -0.57 -14.92 -15.45
C GLU A 7 -1.81 -15.61 -16.01
N GLU A 8 -2.45 -16.43 -15.20
CA GLU A 8 -3.64 -17.15 -15.62
C GLU A 8 -4.75 -16.16 -15.99
N LYS A 9 -4.86 -15.08 -15.23
CA LYS A 9 -5.89 -14.08 -15.49
C LYS A 9 -5.39 -13.07 -16.52
N LYS A 10 -5.92 -13.16 -17.73
CA LYS A 10 -5.52 -12.25 -18.79
C LYS A 10 -5.95 -10.82 -18.46
N LYS A 11 -7.15 -10.68 -17.90
CA LYS A 11 -7.66 -9.36 -17.55
C LYS A 11 -6.69 -8.65 -16.61
N VAL A 12 -6.30 -7.45 -16.99
CA VAL A 12 -5.37 -6.67 -16.17
C VAL A 12 -6.01 -6.31 -14.83
N LYS A 13 -7.26 -5.87 -14.87
CA LYS A 13 -7.98 -5.49 -13.66
C LYS A 13 -8.15 -6.70 -12.75
N LYS A 14 -7.86 -6.52 -11.47
CA LYS A 14 -7.99 -7.61 -10.50
C LYS A 14 -7.77 -7.09 -9.08
N LEU A 15 -8.48 -7.67 -8.13
CA LEU A 15 -8.36 -7.26 -6.74
C LEU A 15 -8.53 -5.75 -6.62
N GLN A 16 -8.26 -5.22 -5.43
CA GLN A 16 -8.39 -3.79 -5.18
C GLN A 16 -7.02 -3.17 -4.90
N LYS A 17 -6.54 -2.39 -5.85
CA LYS A 17 -5.25 -1.73 -5.71
C LYS A 17 -5.40 -0.46 -4.87
N SER A 18 -4.43 -0.22 -4.01
CA SER A 18 -4.45 0.96 -3.15
C SER A 18 -3.05 1.55 -3.00
N TYR A 19 -2.98 2.88 -2.87
CA TYR A 19 -1.69 3.55 -2.73
C TYR A 19 -1.51 4.05 -1.30
N PHE A 20 -0.32 3.83 -0.75
CA PHE A 20 -0.02 4.26 0.61
C PHE A 20 1.23 5.13 0.63
N ASP A 21 1.14 6.28 1.30
CA ASP A 21 2.26 7.21 1.38
C ASP A 21 2.99 7.04 2.71
N VAL A 22 4.20 6.49 2.65
CA VAL A 22 5.00 6.28 3.86
C VAL A 22 5.99 7.42 4.06
N LEU A 23 5.80 8.18 5.14
CA LEU A 23 6.68 9.31 5.44
C LEU A 23 7.66 8.93 6.54
N GLY A 24 7.45 7.77 7.15
CA GLY A 24 8.33 7.30 8.23
C GLY A 24 9.27 6.21 7.72
N ILE A 25 9.70 6.34 6.47
CA ILE A 25 10.61 5.37 5.87
C ILE A 25 12.05 5.77 6.11
N CYS A 26 12.87 4.79 6.51
CA CYS A 26 14.28 5.04 6.77
C CYS A 26 15.10 3.96 6.07
N CYS A 27 16.28 4.34 5.58
CA CYS A 27 17.14 3.40 4.88
C CYS A 27 16.32 2.54 3.92
N THR A 28 16.93 1.49 3.41
CA THR A 28 16.26 0.57 2.48
C THR A 28 16.39 -0.87 2.94
N SER A 29 17.18 -1.09 3.99
CA SER A 29 17.39 -2.42 4.52
C SER A 29 16.17 -2.89 5.31
N GLU A 30 15.25 -1.97 5.58
CA GLU A 30 14.03 -2.28 6.33
C GLU A 30 12.92 -2.72 5.38
N VAL A 31 13.27 -2.95 4.12
CA VAL A 31 12.29 -3.36 3.13
C VAL A 31 11.62 -4.66 3.58
N PRO A 32 12.36 -5.61 4.10
CA PRO A 32 11.82 -6.91 4.56
C PRO A 32 10.76 -6.74 5.65
N ILE A 33 10.97 -5.74 6.49
CA ILE A 33 10.04 -5.47 7.58
C ILE A 33 8.68 -5.05 7.03
N ILE A 34 8.70 -4.19 6.02
CA ILE A 34 7.45 -3.72 5.42
C ILE A 34 6.67 -4.88 4.84
N GLU A 35 7.35 -5.73 4.08
CA GLU A 35 6.69 -6.89 3.47
C GLU A 35 6.20 -7.85 4.55
N ASN A 36 6.93 -7.91 5.65
CA ASN A 36 6.57 -8.80 6.75
C ASN A 36 5.21 -8.41 7.34
N ILE A 37 4.97 -7.10 7.44
CA ILE A 37 3.72 -6.61 7.99
C ILE A 37 2.54 -7.05 7.11
N LEU A 38 2.70 -6.91 5.81
CA LEU A 38 1.65 -7.31 4.88
C LEU A 38 1.40 -8.81 4.97
N LYS A 39 2.47 -9.58 5.11
CA LYS A 39 2.35 -11.02 5.19
C LYS A 39 1.44 -11.42 6.35
N SER A 40 1.57 -10.71 7.46
CA SER A 40 0.73 -10.99 8.63
C SER A 40 -0.73 -10.78 8.30
N LEU A 41 -1.02 -9.72 7.55
CA LEU A 41 -2.40 -9.40 7.17
C LEU A 41 -2.94 -10.48 6.24
N ASP A 42 -4.25 -10.70 6.32
CA ASP A 42 -4.91 -11.71 5.47
C ASP A 42 -5.70 -11.02 4.36
N GLY A 43 -5.75 -11.67 3.20
CA GLY A 43 -6.47 -11.13 2.05
C GLY A 43 -5.50 -10.56 1.02
N VAL A 44 -4.29 -10.22 1.47
CA VAL A 44 -3.28 -9.67 0.58
C VAL A 44 -2.76 -10.75 -0.36
N LYS A 45 -2.72 -10.45 -1.66
CA LYS A 45 -2.24 -11.40 -2.65
C LYS A 45 -0.76 -11.16 -2.97
N GLU A 46 -0.42 -9.91 -3.25
CA GLU A 46 0.96 -9.56 -3.56
C GLU A 46 1.19 -8.07 -3.34
N TYR A 47 2.47 -7.69 -3.28
CA TYR A 47 2.83 -6.29 -3.08
C TYR A 47 4.24 -6.02 -3.59
N SER A 48 4.55 -4.74 -3.81
CA SER A 48 5.86 -4.34 -4.30
C SER A 48 6.26 -3.00 -3.70
N VAL A 49 7.36 -2.98 -2.96
CA VAL A 49 7.84 -1.75 -2.34
C VAL A 49 8.79 -1.03 -3.29
N ILE A 50 8.45 0.21 -3.64
CA ILE A 50 9.28 1.00 -4.54
C ILE A 50 9.96 2.13 -3.77
N VAL A 51 11.25 1.94 -3.47
CA VAL A 51 12.01 2.93 -2.73
C VAL A 51 12.36 4.11 -3.64
N PRO A 52 12.73 3.84 -4.87
CA PRO A 52 13.12 4.90 -5.84
C PRO A 52 12.04 5.98 -5.98
N SER A 53 10.78 5.56 -5.87
CA SER A 53 9.65 6.49 -5.99
C SER A 53 8.99 6.70 -4.64
N ARG A 54 9.55 6.08 -3.61
CA ARG A 54 9.00 6.20 -2.26
C ARG A 54 7.52 5.88 -2.25
N THR A 55 7.07 5.15 -3.27
CA THR A 55 5.66 4.77 -3.37
C THR A 55 5.48 3.30 -3.03
N VAL A 56 4.42 2.98 -2.29
CA VAL A 56 4.15 1.61 -1.90
C VAL A 56 2.87 1.12 -2.57
N ILE A 57 2.95 -0.06 -3.19
CA ILE A 57 1.80 -0.65 -3.89
C ILE A 57 1.51 -2.04 -3.34
N VAL A 58 0.25 -2.27 -2.99
CA VAL A 58 -0.17 -3.58 -2.47
C VAL A 58 -1.52 -3.98 -3.04
N VAL A 59 -1.61 -5.23 -3.48
CA VAL A 59 -2.86 -5.74 -4.05
C VAL A 59 -3.55 -6.65 -3.04
N HIS A 60 -4.79 -6.32 -2.71
CA HIS A 60 -5.58 -7.08 -1.75
C HIS A 60 -7.07 -6.95 -2.03
N ASP A 61 -7.86 -7.83 -1.42
CA ASP A 61 -9.31 -7.78 -1.59
C ASP A 61 -9.95 -6.88 -0.55
N SER A 62 -10.64 -5.84 -1.00
CA SER A 62 -11.29 -4.91 -0.08
C SER A 62 -12.24 -5.64 0.84
N LEU A 63 -12.94 -6.64 0.31
CA LEU A 63 -13.89 -7.40 1.11
C LEU A 63 -13.19 -8.10 2.27
N LEU A 64 -12.12 -8.82 1.97
CA LEU A 64 -11.39 -9.53 3.02
C LEU A 64 -10.69 -8.55 3.94
N ILE A 65 -10.04 -7.55 3.34
CA ILE A 65 -9.31 -6.54 4.12
C ILE A 65 -9.33 -5.21 3.40
N SER A 66 -9.63 -4.15 4.15
CA SER A 66 -9.70 -2.82 3.56
C SER A 66 -8.34 -2.11 3.68
N PRO A 67 -8.12 -1.07 2.92
CA PRO A 67 -6.85 -0.29 2.96
C PRO A 67 -6.53 0.24 4.36
N PHE A 68 -7.57 0.59 5.10
CA PHE A 68 -7.39 1.12 6.45
C PHE A 68 -6.61 0.14 7.31
N GLN A 69 -6.90 -1.14 7.16
CA GLN A 69 -6.22 -2.16 7.94
C GLN A 69 -4.73 -2.19 7.60
N ILE A 70 -4.41 -2.09 6.32
CA ILE A 70 -3.02 -2.10 5.89
C ILE A 70 -2.28 -0.88 6.42
N ALA A 71 -2.93 0.28 6.32
CA ALA A 71 -2.33 1.52 6.79
C ALA A 71 -2.13 1.48 8.31
N LYS A 72 -3.11 0.94 9.01
CA LYS A 72 -3.05 0.85 10.46
C LYS A 72 -1.89 -0.06 10.87
N ALA A 73 -1.69 -1.15 10.13
CA ALA A 73 -0.62 -2.08 10.44
C ALA A 73 0.74 -1.41 10.32
N LEU A 74 0.88 -0.57 9.28
CA LEU A 74 2.13 0.13 9.06
C LEU A 74 2.41 1.12 10.19
N ASN A 75 1.36 1.77 10.67
CA ASN A 75 1.50 2.75 11.74
C ASN A 75 2.05 2.07 13.00
N GLU A 76 1.59 0.86 13.26
CA GLU A 76 2.04 0.12 14.44
C GLU A 76 3.57 0.03 14.47
N ALA A 77 4.17 -0.13 13.30
CA ALA A 77 5.62 -0.22 13.19
C ALA A 77 6.25 1.17 13.18
N ARG A 78 5.45 2.17 13.54
CA ARG A 78 5.93 3.55 13.56
C ARG A 78 6.47 3.95 12.20
N LEU A 79 6.01 3.25 11.17
CA LEU A 79 6.46 3.54 9.81
C LEU A 79 5.69 4.73 9.25
N GLU A 80 4.58 5.06 9.88
CA GLU A 80 3.77 6.18 9.43
C GLU A 80 3.36 6.00 7.97
N ALA A 81 2.09 5.70 7.75
CA ALA A 81 1.58 5.49 6.39
C ALA A 81 0.12 5.92 6.30
N ASN A 82 -0.27 6.41 5.12
CA ASN A 82 -1.65 6.85 4.91
C ASN A 82 -2.03 6.69 3.45
N VAL A 83 -3.31 6.42 3.20
CA VAL A 83 -3.80 6.24 1.84
C VAL A 83 -3.90 7.59 1.14
N ARG A 84 -3.43 7.64 -0.10
CA ARG A 84 -3.46 8.87 -0.89
C ARG A 84 -4.77 9.61 -0.67
N VAL A 85 -4.68 10.84 -0.18
CA VAL A 85 -5.87 11.66 0.07
C VAL A 85 -5.62 13.10 -0.34
N ASN A 86 -6.69 13.78 -0.74
CA ASN A 86 -6.59 15.17 -1.15
C ASN A 86 -6.13 16.05 0.01
N GLY A 87 -5.34 17.06 -0.30
CA GLY A 87 -4.83 17.96 0.73
C GLY A 87 -4.12 19.14 0.09
N GLU A 88 -3.72 20.11 0.92
CA GLU A 88 -3.02 21.30 0.44
C GLU A 88 -1.75 21.53 1.25
N THR A 89 -0.66 21.81 0.55
CA THR A 89 0.63 22.06 1.21
C THR A 89 1.32 23.27 0.59
N SER A 90 2.24 23.86 1.34
CA SER A 90 2.98 25.03 0.86
C SER A 90 4.42 25.00 1.36
N PHE A 91 5.36 25.34 0.48
CA PHE A 91 6.77 25.36 0.85
C PHE A 91 7.10 24.14 1.73
N LYS A 92 8.26 24.20 2.39
CA LYS A 92 8.69 23.11 3.25
C LYS A 92 9.32 23.66 4.52
N ASN A 93 8.63 23.52 5.64
CA ASN A 93 9.14 24.00 6.92
C ASN A 93 10.42 23.26 7.29
N LYS A 94 10.43 21.95 7.05
CA LYS A 94 11.60 21.13 7.38
C LYS A 94 11.94 20.19 6.20
N TRP A 95 13.22 19.89 6.06
CA TRP A 95 13.67 19.01 4.98
C TRP A 95 13.00 19.40 3.67
N ALA A 1 -14.28 12.90 -18.38
CA ALA A 1 -12.90 12.35 -18.28
C ALA A 1 -12.43 11.91 -19.67
N LEU A 2 -11.26 12.39 -20.07
CA LEU A 2 -10.70 12.05 -21.38
C LEU A 2 -10.00 10.70 -21.33
N GLN A 3 -10.23 9.89 -22.35
CA GLN A 3 -9.61 8.57 -22.41
C GLN A 3 -8.11 8.70 -22.65
N ASN A 4 -7.33 8.10 -21.77
CA ASN A 4 -5.86 8.14 -21.89
C ASN A 4 -5.26 6.79 -21.50
N LYS A 5 -4.80 6.06 -22.50
CA LYS A 5 -4.19 4.75 -22.26
C LYS A 5 -5.14 3.86 -21.47
N GLU A 6 -6.37 4.33 -21.27
CA GLU A 6 -7.36 3.57 -20.52
C GLU A 6 -7.72 2.28 -21.27
N GLU A 7 -7.42 2.25 -22.56
CA GLU A 7 -7.71 1.08 -23.38
C GLU A 7 -6.92 -0.12 -22.89
N GLU A 8 -5.82 0.14 -22.19
CA GLU A 8 -4.98 -0.93 -21.67
C GLU A 8 -5.73 -1.74 -20.62
N LYS A 9 -6.56 -1.06 -19.82
CA LYS A 9 -7.33 -1.73 -18.78
C LYS A 9 -8.62 -0.96 -18.50
N LYS A 10 -9.73 -1.48 -18.99
CA LYS A 10 -11.01 -0.83 -18.77
C LYS A 10 -11.36 -0.79 -17.29
N LYS A 11 -11.21 -1.94 -16.63
CA LYS A 11 -11.51 -2.05 -15.21
C LYS A 11 -10.55 -3.02 -14.52
N VAL A 12 -10.29 -2.77 -13.24
CA VAL A 12 -9.38 -3.63 -12.49
C VAL A 12 -9.97 -5.02 -12.33
N LYS A 13 -11.29 -5.09 -12.29
CA LYS A 13 -11.98 -6.36 -12.14
C LYS A 13 -11.52 -7.07 -10.86
N LYS A 14 -12.46 -7.22 -9.93
CA LYS A 14 -12.16 -7.88 -8.66
C LYS A 14 -10.95 -7.21 -8.01
N LEU A 15 -10.70 -7.57 -6.76
CA LEU A 15 -9.58 -7.00 -6.02
C LEU A 15 -9.63 -5.49 -6.04
N GLN A 16 -8.82 -4.85 -5.20
CA GLN A 16 -8.79 -3.40 -5.13
C GLN A 16 -7.38 -2.91 -4.83
N LYS A 17 -6.75 -2.31 -5.83
CA LYS A 17 -5.40 -1.80 -5.68
C LYS A 17 -5.43 -0.47 -4.94
N SER A 18 -4.52 -0.30 -3.99
CA SER A 18 -4.44 0.94 -3.22
C SER A 18 -2.98 1.30 -2.96
N TYR A 19 -2.69 2.61 -2.97
CA TYR A 19 -1.33 3.10 -2.75
C TYR A 19 -1.22 3.70 -1.36
N PHE A 20 -0.13 3.39 -0.67
CA PHE A 20 0.11 3.91 0.69
C PHE A 20 1.44 4.65 0.74
N ASP A 21 1.44 5.82 1.37
CA ASP A 21 2.65 6.63 1.49
C ASP A 21 3.18 6.60 2.92
N VAL A 22 4.28 5.89 3.14
CA VAL A 22 4.88 5.78 4.46
C VAL A 22 6.03 6.77 4.60
N LEU A 23 5.74 7.93 5.18
CA LEU A 23 6.76 8.95 5.37
C LEU A 23 7.84 8.44 6.32
N GLY A 24 7.42 7.76 7.38
CA GLY A 24 8.38 7.24 8.36
C GLY A 24 9.20 6.10 7.77
N ILE A 25 9.55 6.22 6.50
CA ILE A 25 10.35 5.19 5.83
C ILE A 25 11.84 5.49 5.99
N CYS A 26 12.61 4.48 6.39
CA CYS A 26 14.05 4.64 6.59
C CYS A 26 14.82 3.76 5.62
N CYS A 27 15.77 4.36 4.91
CA CYS A 27 16.60 3.62 3.96
C CYS A 27 15.76 2.61 3.19
N THR A 28 16.43 1.65 2.54
CA THR A 28 15.75 0.62 1.78
C THR A 28 15.92 -0.73 2.44
N SER A 29 16.69 -0.76 3.53
CA SER A 29 16.93 -2.01 4.25
C SER A 29 15.72 -2.38 5.09
N GLU A 30 14.74 -1.47 5.16
CA GLU A 30 13.52 -1.70 5.94
C GLU A 30 12.45 -2.35 5.05
N VAL A 31 12.84 -2.76 3.86
CA VAL A 31 11.89 -3.41 2.95
C VAL A 31 11.38 -4.72 3.56
N PRO A 32 12.24 -5.50 4.18
CA PRO A 32 11.85 -6.82 4.79
C PRO A 32 10.78 -6.64 5.86
N ILE A 33 10.96 -5.64 6.71
CA ILE A 33 10.00 -5.37 7.78
C ILE A 33 8.66 -4.96 7.20
N ILE A 34 8.69 -4.10 6.20
CA ILE A 34 7.45 -3.63 5.58
C ILE A 34 6.70 -4.79 4.96
N GLU A 35 7.42 -5.65 4.25
CA GLU A 35 6.80 -6.80 3.60
C GLU A 35 6.30 -7.79 4.65
N ASN A 36 7.02 -7.89 5.75
CA ASN A 36 6.64 -8.82 6.82
C ASN A 36 5.27 -8.46 7.38
N ILE A 37 5.01 -7.17 7.51
CA ILE A 37 3.72 -6.72 8.05
C ILE A 37 2.57 -7.16 7.13
N LEU A 38 2.77 -6.99 5.83
CA LEU A 38 1.74 -7.38 4.86
C LEU A 38 1.49 -8.88 4.92
N LYS A 39 2.57 -9.65 5.09
CA LYS A 39 2.44 -11.10 5.16
C LYS A 39 1.51 -11.51 6.30
N SER A 40 1.65 -10.83 7.44
CA SER A 40 0.81 -11.14 8.58
C SER A 40 -0.65 -10.88 8.27
N LEU A 41 -0.91 -9.88 7.43
CA LEU A 41 -2.28 -9.54 7.05
C LEU A 41 -2.84 -10.58 6.09
N ASP A 42 -4.14 -10.83 6.21
CA ASP A 42 -4.82 -11.81 5.36
C ASP A 42 -5.62 -11.09 4.27
N GLY A 43 -5.64 -11.68 3.08
CA GLY A 43 -6.37 -11.10 1.95
C GLY A 43 -5.40 -10.46 0.94
N VAL A 44 -4.17 -10.22 1.38
CA VAL A 44 -3.17 -9.62 0.51
C VAL A 44 -2.68 -10.63 -0.51
N LYS A 45 -2.64 -10.22 -1.78
CA LYS A 45 -2.18 -11.11 -2.85
C LYS A 45 -0.72 -10.83 -3.20
N GLU A 46 -0.42 -9.57 -3.49
CA GLU A 46 0.95 -9.18 -3.84
C GLU A 46 1.21 -7.73 -3.48
N TYR A 47 2.48 -7.39 -3.35
CA TYR A 47 2.87 -6.02 -3.00
C TYR A 47 4.33 -5.77 -3.36
N SER A 48 4.70 -4.49 -3.44
CA SER A 48 6.06 -4.11 -3.77
C SER A 48 6.41 -2.77 -3.12
N VAL A 49 7.62 -2.69 -2.56
CA VAL A 49 8.07 -1.47 -1.91
C VAL A 49 8.96 -0.67 -2.86
N ILE A 50 8.50 0.52 -3.24
CA ILE A 50 9.26 1.37 -4.15
C ILE A 50 9.80 2.58 -3.39
N VAL A 51 11.07 2.51 -3.03
CA VAL A 51 11.73 3.60 -2.32
C VAL A 51 12.04 4.76 -3.27
N PRO A 52 12.46 4.46 -4.48
CA PRO A 52 12.82 5.51 -5.48
C PRO A 52 11.70 6.53 -5.70
N SER A 53 10.45 6.04 -5.65
CA SER A 53 9.29 6.89 -5.84
C SER A 53 8.57 7.12 -4.52
N ARG A 54 9.10 6.53 -3.45
CA ARG A 54 8.49 6.68 -2.13
C ARG A 54 7.01 6.33 -2.16
N THR A 55 6.69 5.23 -2.85
CA THR A 55 5.31 4.77 -2.96
C THR A 55 5.22 3.28 -2.70
N VAL A 56 4.11 2.84 -2.11
CA VAL A 56 3.90 1.42 -1.83
C VAL A 56 2.67 0.91 -2.55
N ILE A 57 2.82 -0.21 -3.24
CA ILE A 57 1.71 -0.82 -3.98
C ILE A 57 1.38 -2.18 -3.39
N VAL A 58 0.10 -2.39 -3.11
CA VAL A 58 -0.36 -3.67 -2.55
C VAL A 58 -1.74 -4.02 -3.11
N VAL A 59 -1.92 -5.29 -3.43
CA VAL A 59 -3.20 -5.77 -3.95
C VAL A 59 -3.87 -6.69 -2.94
N HIS A 60 -5.11 -6.36 -2.59
CA HIS A 60 -5.86 -7.14 -1.61
C HIS A 60 -7.36 -7.01 -1.85
N ASP A 61 -8.13 -7.92 -1.27
CA ASP A 61 -9.58 -7.89 -1.43
C ASP A 61 -10.20 -6.97 -0.38
N SER A 62 -10.82 -5.89 -0.85
CA SER A 62 -11.46 -4.94 0.05
C SER A 62 -12.44 -5.64 0.97
N LEU A 63 -12.87 -6.83 0.58
CA LEU A 63 -13.81 -7.59 1.39
C LEU A 63 -13.10 -8.23 2.57
N LEU A 64 -12.08 -9.04 2.28
CA LEU A 64 -11.33 -9.72 3.33
C LEU A 64 -10.60 -8.71 4.21
N ILE A 65 -9.99 -7.71 3.57
CA ILE A 65 -9.26 -6.68 4.31
C ILE A 65 -9.40 -5.34 3.62
N SER A 66 -9.57 -4.29 4.40
CA SER A 66 -9.72 -2.95 3.83
C SER A 66 -8.39 -2.18 3.88
N PRO A 67 -8.26 -1.13 3.11
CA PRO A 67 -7.01 -0.30 3.08
C PRO A 67 -6.64 0.24 4.47
N PHE A 68 -7.65 0.57 5.26
CA PHE A 68 -7.43 1.10 6.59
C PHE A 68 -6.60 0.14 7.44
N GLN A 69 -6.91 -1.14 7.33
CA GLN A 69 -6.18 -2.15 8.08
C GLN A 69 -4.72 -2.19 7.67
N ILE A 70 -4.49 -2.12 6.36
CA ILE A 70 -3.13 -2.15 5.84
C ILE A 70 -2.34 -0.93 6.31
N ALA A 71 -2.97 0.23 6.24
CA ALA A 71 -2.32 1.46 6.66
C ALA A 71 -2.06 1.45 8.16
N LYS A 72 -3.05 0.98 8.91
CA LYS A 72 -2.92 0.91 10.36
C LYS A 72 -1.80 -0.04 10.76
N ALA A 73 -1.68 -1.14 10.03
CA ALA A 73 -0.64 -2.13 10.33
C ALA A 73 0.75 -1.52 10.14
N LEU A 74 0.89 -0.69 9.11
CA LEU A 74 2.17 -0.05 8.84
C LEU A 74 2.54 0.92 9.95
N ASN A 75 1.56 1.66 10.45
CA ASN A 75 1.79 2.63 11.50
C ASN A 75 2.34 1.94 12.75
N GLU A 76 2.01 0.67 12.92
CA GLU A 76 2.47 -0.07 14.09
C GLU A 76 3.97 0.11 14.29
N ALA A 77 4.70 0.15 13.18
CA ALA A 77 6.16 0.33 13.24
C ALA A 77 6.50 1.80 13.48
N ARG A 78 5.55 2.54 14.04
CA ARG A 78 5.76 3.95 14.31
C ARG A 78 5.82 4.77 13.02
N LEU A 79 5.19 4.25 11.98
CA LEU A 79 5.15 4.94 10.69
C LEU A 79 3.84 5.68 10.52
N GLU A 80 3.70 6.37 9.39
CA GLU A 80 2.49 7.13 9.09
C GLU A 80 2.05 6.90 7.65
N ALA A 81 1.49 5.72 7.40
CA ALA A 81 1.02 5.38 6.06
C ALA A 81 -0.20 6.22 5.71
N ASN A 82 -0.25 6.71 4.47
CA ASN A 82 -1.38 7.51 4.01
C ASN A 82 -1.86 7.02 2.66
N VAL A 83 -3.18 6.89 2.51
CA VAL A 83 -3.76 6.42 1.25
C VAL A 83 -4.06 7.60 0.33
N ARG A 84 -3.25 7.74 -0.71
CA ARG A 84 -3.42 8.82 -1.67
C ARG A 84 -3.81 10.12 -0.96
N VAL A 85 -2.81 10.87 -0.54
CA VAL A 85 -3.05 12.14 0.15
C VAL A 85 -3.48 13.21 -0.83
N ASN A 86 -4.53 13.95 -0.47
CA ASN A 86 -5.04 15.01 -1.33
C ASN A 86 -5.68 16.11 -0.50
N GLY A 87 -4.85 16.97 0.08
CA GLY A 87 -5.35 18.06 0.91
C GLY A 87 -5.91 19.19 0.04
N GLU A 88 -6.67 20.08 0.66
CA GLU A 88 -7.26 21.20 -0.07
C GLU A 88 -6.20 22.23 -0.43
N THR A 89 -6.13 22.59 -1.71
CA THR A 89 -5.16 23.58 -2.16
C THR A 89 -5.69 24.99 -1.97
N SER A 90 -6.71 25.35 -2.74
CA SER A 90 -7.30 26.68 -2.64
C SER A 90 -8.70 26.68 -3.24
N PHE A 91 -9.48 27.70 -2.90
CA PHE A 91 -10.84 27.82 -3.42
C PHE A 91 -11.22 29.28 -3.61
N LYS A 92 -11.83 29.60 -4.74
CA LYS A 92 -12.22 30.97 -5.04
C LYS A 92 -13.50 31.32 -4.28
N ASN A 93 -14.62 30.80 -4.76
CA ASN A 93 -15.91 31.07 -4.12
C ASN A 93 -16.15 32.57 -4.02
N LYS A 94 -16.81 33.11 -5.05
CA LYS A 94 -17.11 34.54 -5.08
C LYS A 94 -18.04 34.92 -3.93
N TRP A 95 -19.04 34.08 -3.69
CA TRP A 95 -20.00 34.33 -2.61
C TRP A 95 -19.34 34.12 -1.26
N ALA A 1 15.71 -19.12 -21.26
CA ALA A 1 15.63 -19.19 -19.78
C ALA A 1 15.34 -17.81 -19.23
N LEU A 2 15.13 -17.73 -17.92
CA LEU A 2 14.83 -16.45 -17.26
C LEU A 2 13.90 -15.60 -18.13
N GLN A 3 12.65 -16.02 -18.23
CA GLN A 3 11.68 -15.29 -19.03
C GLN A 3 10.29 -15.88 -18.83
N ASN A 4 9.63 -15.50 -17.74
CA ASN A 4 8.29 -16.00 -17.45
C ASN A 4 7.44 -14.90 -16.82
N LYS A 5 8.06 -13.74 -16.59
CA LYS A 5 7.35 -12.62 -15.99
C LYS A 5 6.29 -12.10 -16.94
N GLU A 6 6.59 -12.13 -18.23
CA GLU A 6 5.66 -11.64 -19.24
C GLU A 6 4.37 -12.45 -19.20
N GLU A 7 4.49 -13.75 -18.93
CA GLU A 7 3.34 -14.62 -18.88
C GLU A 7 2.41 -14.20 -17.74
N GLU A 8 3.00 -13.85 -16.61
CA GLU A 8 2.22 -13.43 -15.45
C GLU A 8 1.54 -12.09 -15.71
N LYS A 9 2.12 -11.29 -16.60
CA LYS A 9 1.57 -9.98 -16.94
C LYS A 9 1.00 -9.29 -15.70
N LYS A 10 0.13 -8.31 -15.92
CA LYS A 10 -0.48 -7.60 -14.81
C LYS A 10 -1.42 -8.52 -14.04
N LYS A 11 -2.18 -9.32 -14.76
CA LYS A 11 -3.12 -10.24 -14.12
C LYS A 11 -4.07 -9.47 -13.20
N VAL A 12 -5.32 -9.33 -13.64
CA VAL A 12 -6.33 -8.62 -12.86
C VAL A 12 -7.63 -9.41 -12.86
N LYS A 13 -8.48 -9.12 -11.88
CA LYS A 13 -9.77 -9.80 -11.76
C LYS A 13 -10.79 -8.89 -11.08
N LYS A 14 -10.75 -8.84 -9.75
CA LYS A 14 -11.67 -8.00 -8.97
C LYS A 14 -10.99 -7.48 -7.72
N LEU A 15 -9.67 -7.55 -7.70
CA LEU A 15 -8.90 -7.07 -6.55
C LEU A 15 -8.83 -5.55 -6.55
N GLN A 16 -8.76 -4.97 -5.36
CA GLN A 16 -8.70 -3.52 -5.22
C GLN A 16 -7.30 -3.10 -4.79
N LYS A 17 -6.57 -2.48 -5.70
CA LYS A 17 -5.22 -2.01 -5.43
C LYS A 17 -5.25 -0.57 -4.92
N SER A 18 -4.43 -0.29 -3.91
CA SER A 18 -4.37 1.04 -3.33
C SER A 18 -2.91 1.44 -3.09
N TYR A 19 -2.64 2.74 -3.18
CA TYR A 19 -1.29 3.26 -2.96
C TYR A 19 -1.20 3.95 -1.61
N PHE A 20 -0.26 3.50 -0.78
CA PHE A 20 -0.06 4.07 0.55
C PHE A 20 1.20 4.91 0.58
N ASP A 21 1.05 6.20 0.85
CA ASP A 21 2.19 7.11 0.90
C ASP A 21 2.81 7.08 2.29
N VAL A 22 3.95 6.42 2.43
CA VAL A 22 4.65 6.32 3.71
C VAL A 22 5.81 7.29 3.77
N LEU A 23 5.69 8.28 4.65
CA LEU A 23 6.75 9.29 4.81
C LEU A 23 7.71 8.90 5.91
N GLY A 24 7.35 7.86 6.66
CA GLY A 24 8.20 7.37 7.75
C GLY A 24 9.06 6.21 7.28
N ILE A 25 9.44 6.23 6.01
CA ILE A 25 10.28 5.17 5.45
C ILE A 25 11.75 5.49 5.67
N CYS A 26 12.49 4.53 6.22
CA CYS A 26 13.92 4.71 6.48
C CYS A 26 14.75 3.78 5.62
N CYS A 27 15.76 4.35 4.96
CA CYS A 27 16.64 3.57 4.10
C CYS A 27 15.84 2.53 3.31
N THR A 28 16.51 1.49 2.84
CA THR A 28 15.87 0.42 2.08
C THR A 28 15.95 -0.91 2.85
N SER A 29 16.69 -0.90 3.96
CA SER A 29 16.85 -2.11 4.76
C SER A 29 15.53 -2.46 5.45
N GLU A 30 14.58 -1.53 5.43
CA GLU A 30 13.28 -1.74 6.06
C GLU A 30 12.32 -2.44 5.09
N VAL A 31 12.79 -2.65 3.87
CA VAL A 31 11.99 -3.35 2.88
C VAL A 31 11.42 -4.64 3.48
N PRO A 32 12.27 -5.53 3.98
CA PRO A 32 11.82 -6.82 4.56
C PRO A 32 10.77 -6.64 5.66
N ILE A 33 10.97 -5.62 6.48
CA ILE A 33 10.04 -5.33 7.56
C ILE A 33 8.68 -4.94 7.00
N ILE A 34 8.69 -4.10 5.97
CA ILE A 34 7.45 -3.64 5.37
C ILE A 34 6.67 -4.82 4.78
N GLU A 35 7.38 -5.70 4.09
CA GLU A 35 6.74 -6.87 3.48
C GLU A 35 6.25 -7.82 4.56
N ASN A 36 6.98 -7.89 5.66
CA ASN A 36 6.60 -8.78 6.75
C ASN A 36 5.24 -8.38 7.33
N ILE A 37 5.00 -7.08 7.43
CA ILE A 37 3.75 -6.59 7.98
C ILE A 37 2.58 -7.03 7.11
N LEU A 38 2.73 -6.89 5.80
CA LEU A 38 1.68 -7.29 4.87
C LEU A 38 1.45 -8.79 4.95
N LYS A 39 2.54 -9.53 5.11
CA LYS A 39 2.44 -10.99 5.19
C LYS A 39 1.53 -11.40 6.33
N SER A 40 1.64 -10.72 7.46
CA SER A 40 0.80 -11.03 8.62
C SER A 40 -0.67 -10.80 8.30
N LEU A 41 -0.94 -9.80 7.46
CA LEU A 41 -2.31 -9.48 7.09
C LEU A 41 -2.86 -10.53 6.15
N ASP A 42 -4.17 -10.75 6.23
CA ASP A 42 -4.83 -11.74 5.37
C ASP A 42 -5.62 -11.04 4.27
N GLY A 43 -5.75 -11.72 3.13
CA GLY A 43 -6.48 -11.16 1.99
C GLY A 43 -5.53 -10.54 0.99
N VAL A 44 -4.32 -10.20 1.44
CA VAL A 44 -3.33 -9.59 0.56
C VAL A 44 -2.83 -10.62 -0.47
N LYS A 45 -2.79 -10.22 -1.72
CA LYS A 45 -2.33 -11.10 -2.80
C LYS A 45 -0.85 -10.90 -3.08
N GLU A 46 -0.48 -9.65 -3.35
CA GLU A 46 0.91 -9.34 -3.64
C GLU A 46 1.20 -7.86 -3.37
N TYR A 47 2.49 -7.54 -3.25
CA TYR A 47 2.89 -6.17 -2.98
C TYR A 47 4.34 -5.94 -3.41
N SER A 48 4.71 -4.67 -3.56
CA SER A 48 6.07 -4.31 -3.96
C SER A 48 6.48 -3.00 -3.31
N VAL A 49 7.70 -2.98 -2.77
CA VAL A 49 8.23 -1.77 -2.12
C VAL A 49 9.16 -1.03 -3.06
N ILE A 50 8.77 0.18 -3.43
CA ILE A 50 9.59 1.00 -4.34
C ILE A 50 10.16 2.20 -3.58
N VAL A 51 11.42 2.08 -3.17
CA VAL A 51 12.10 3.16 -2.45
C VAL A 51 12.47 4.29 -3.41
N PRO A 52 12.91 3.96 -4.61
CA PRO A 52 13.32 4.99 -5.63
C PRO A 52 12.20 5.98 -5.92
N SER A 53 10.95 5.54 -5.77
CA SER A 53 9.79 6.38 -6.03
C SER A 53 8.96 6.57 -4.78
N ARG A 54 9.57 6.26 -3.62
CA ARG A 54 8.87 6.40 -2.33
C ARG A 54 7.38 6.09 -2.46
N THR A 55 7.08 5.05 -3.23
CA THR A 55 5.70 4.64 -3.46
C THR A 55 5.49 3.18 -3.09
N VAL A 56 4.39 2.90 -2.41
CA VAL A 56 4.08 1.54 -1.98
C VAL A 56 2.82 1.05 -2.69
N ILE A 57 2.90 -0.15 -3.24
CA ILE A 57 1.77 -0.75 -3.95
C ILE A 57 1.45 -2.12 -3.38
N VAL A 58 0.17 -2.35 -3.10
CA VAL A 58 -0.28 -3.63 -2.54
C VAL A 58 -1.64 -4.00 -3.11
N VAL A 59 -1.78 -5.28 -3.50
CA VAL A 59 -3.05 -5.77 -4.04
C VAL A 59 -3.75 -6.63 -3.01
N HIS A 60 -5.02 -6.32 -2.75
CA HIS A 60 -5.79 -7.06 -1.77
C HIS A 60 -7.28 -6.88 -2.02
N ASP A 61 -8.09 -7.79 -1.46
CA ASP A 61 -9.53 -7.72 -1.63
C ASP A 61 -10.15 -6.85 -0.54
N SER A 62 -10.79 -5.76 -0.95
CA SER A 62 -11.41 -4.85 0.00
C SER A 62 -12.36 -5.62 0.91
N LEU A 63 -13.05 -6.61 0.36
CA LEU A 63 -13.99 -7.38 1.16
C LEU A 63 -13.26 -8.09 2.30
N LEU A 64 -12.22 -8.85 1.96
CA LEU A 64 -11.46 -9.58 2.96
C LEU A 64 -10.73 -8.63 3.89
N ILE A 65 -10.12 -7.61 3.32
CA ILE A 65 -9.38 -6.62 4.10
C ILE A 65 -9.42 -5.27 3.40
N SER A 66 -9.75 -4.24 4.17
CA SER A 66 -9.81 -2.89 3.61
C SER A 66 -8.45 -2.19 3.69
N PRO A 67 -8.26 -1.11 2.94
CA PRO A 67 -6.99 -0.34 2.95
C PRO A 67 -6.63 0.15 4.36
N PHE A 68 -7.64 0.48 5.14
CA PHE A 68 -7.42 0.98 6.49
C PHE A 68 -6.61 -0.02 7.31
N GLN A 69 -6.94 -1.29 7.19
CA GLN A 69 -6.23 -2.31 7.94
C GLN A 69 -4.75 -2.29 7.61
N ILE A 70 -4.44 -2.15 6.32
CA ILE A 70 -3.04 -2.12 5.89
C ILE A 70 -2.34 -0.88 6.44
N ALA A 71 -3.02 0.26 6.37
CA ALA A 71 -2.45 1.51 6.86
C ALA A 71 -2.20 1.44 8.36
N LYS A 72 -3.18 0.93 9.09
CA LYS A 72 -3.05 0.81 10.54
C LYS A 72 -1.90 -0.12 10.90
N ALA A 73 -1.76 -1.21 10.16
CA ALA A 73 -0.70 -2.16 10.42
C ALA A 73 0.67 -1.48 10.33
N LEU A 74 0.86 -0.67 9.29
CA LEU A 74 2.11 0.04 9.10
C LEU A 74 2.31 1.08 10.21
N ASN A 75 1.23 1.70 10.62
CA ASN A 75 1.29 2.72 11.66
C ASN A 75 1.86 2.12 12.95
N GLU A 76 1.47 0.89 13.25
CA GLU A 76 1.94 0.23 14.46
C GLU A 76 3.46 0.24 14.52
N ALA A 77 4.10 0.17 13.36
CA ALA A 77 5.56 0.17 13.29
C ALA A 77 6.09 1.60 13.41
N ARG A 78 5.18 2.56 13.39
CA ARG A 78 5.55 3.98 13.49
C ARG A 78 6.24 4.45 12.20
N LEU A 79 5.66 4.11 11.06
CA LEU A 79 6.21 4.52 9.76
C LEU A 79 5.37 5.66 9.17
N GLU A 80 4.47 6.21 9.98
CA GLU A 80 3.62 7.29 9.52
C GLU A 80 3.07 6.98 8.13
N ALA A 81 2.23 5.95 8.04
CA ALA A 81 1.65 5.55 6.76
C ALA A 81 0.23 6.10 6.62
N ASN A 82 -0.14 6.42 5.39
CA ASN A 82 -1.47 6.96 5.13
C ASN A 82 -1.86 6.74 3.68
N VAL A 83 -3.10 6.32 3.45
CA VAL A 83 -3.57 6.07 2.10
C VAL A 83 -3.37 7.32 1.24
N ARG A 84 -3.11 7.10 -0.06
CA ARG A 84 -2.89 8.21 -0.98
C ARG A 84 -3.86 9.36 -0.67
N VAL A 85 -3.29 10.52 -0.33
CA VAL A 85 -4.10 11.69 -0.01
C VAL A 85 -4.31 12.55 -1.25
N ASN A 86 -5.57 12.67 -1.66
CA ASN A 86 -5.91 13.46 -2.85
C ASN A 86 -7.30 14.05 -2.71
N GLY A 87 -7.39 15.31 -2.29
CA GLY A 87 -8.67 15.98 -2.12
C GLY A 87 -8.59 17.04 -1.04
N GLU A 88 -9.48 18.02 -1.11
CA GLU A 88 -9.52 19.09 -0.12
C GLU A 88 -10.89 19.76 -0.10
N THR A 89 -11.65 19.51 0.96
CA THR A 89 -12.99 20.09 1.10
C THR A 89 -13.10 20.84 2.43
N SER A 90 -13.57 22.08 2.35
CA SER A 90 -13.74 22.89 3.55
C SER A 90 -14.80 23.96 3.33
N PHE A 91 -15.34 24.49 4.43
CA PHE A 91 -16.36 25.52 4.34
C PHE A 91 -16.40 26.35 5.61
N LYS A 92 -16.55 27.66 5.46
CA LYS A 92 -16.60 28.56 6.62
C LYS A 92 -17.41 29.81 6.28
N ASN A 93 -18.26 30.22 7.22
CA ASN A 93 -19.08 31.41 7.02
C ASN A 93 -19.80 31.79 8.31
N LYS A 94 -19.18 32.66 9.08
CA LYS A 94 -19.77 33.10 10.35
C LYS A 94 -21.09 33.82 10.10
N TRP A 95 -21.13 34.65 9.07
CA TRP A 95 -22.34 35.39 8.74
C TRP A 95 -23.31 34.51 7.97
N ALA A 1 -0.01 -36.13 -10.48
CA ALA A 1 -1.03 -36.20 -9.40
C ALA A 1 -1.44 -34.78 -9.01
N LEU A 2 -0.82 -33.79 -9.64
CA LEU A 2 -1.12 -32.39 -9.35
C LEU A 2 -1.91 -31.76 -10.48
N GLN A 3 -3.08 -31.21 -10.16
CA GLN A 3 -3.94 -30.57 -11.16
C GLN A 3 -4.17 -29.11 -10.80
N ASN A 4 -3.38 -28.59 -9.86
CA ASN A 4 -3.52 -27.20 -9.45
C ASN A 4 -3.64 -26.29 -10.66
N LYS A 5 -2.51 -25.87 -11.20
CA LYS A 5 -2.50 -25.00 -12.37
C LYS A 5 -3.33 -23.75 -12.10
N GLU A 6 -3.73 -23.56 -10.84
CA GLU A 6 -4.52 -22.39 -10.46
C GLU A 6 -3.68 -21.13 -10.55
N GLU A 7 -2.39 -21.26 -10.23
CA GLU A 7 -1.48 -20.12 -10.27
C GLU A 7 -1.37 -19.58 -11.69
N GLU A 8 -1.43 -20.47 -12.66
CA GLU A 8 -1.32 -20.07 -14.06
C GLU A 8 -2.42 -19.06 -14.41
N LYS A 9 -3.64 -19.37 -13.98
CA LYS A 9 -4.78 -18.49 -14.25
C LYS A 9 -4.92 -17.44 -13.16
N LYS A 10 -3.81 -16.78 -12.85
CA LYS A 10 -3.82 -15.74 -11.82
C LYS A 10 -4.72 -14.58 -12.23
N LYS A 11 -4.79 -14.34 -13.53
CA LYS A 11 -5.62 -13.26 -14.06
C LYS A 11 -5.18 -11.92 -13.47
N VAL A 12 -4.84 -10.98 -14.34
CA VAL A 12 -4.40 -9.66 -13.90
C VAL A 12 -5.58 -8.73 -13.72
N LYS A 13 -5.33 -7.55 -13.17
CA LYS A 13 -6.40 -6.57 -12.94
C LYS A 13 -7.50 -7.18 -12.10
N LYS A 14 -7.25 -7.31 -10.80
CA LYS A 14 -8.24 -7.88 -9.88
C LYS A 14 -8.11 -7.26 -8.50
N LEU A 15 -9.15 -7.40 -7.69
CA LEU A 15 -9.14 -6.85 -6.34
C LEU A 15 -8.93 -5.34 -6.38
N GLN A 16 -8.75 -4.74 -5.21
CA GLN A 16 -8.53 -3.29 -5.12
C GLN A 16 -7.09 -3.00 -4.74
N LYS A 17 -6.39 -2.30 -5.63
CA LYS A 17 -4.99 -1.94 -5.39
C LYS A 17 -4.90 -0.51 -4.88
N SER A 18 -4.76 -0.35 -3.57
CA SER A 18 -4.67 0.97 -2.97
C SER A 18 -3.21 1.38 -2.85
N TYR A 19 -2.96 2.69 -2.88
CA TYR A 19 -1.61 3.22 -2.78
C TYR A 19 -1.38 3.80 -1.39
N PHE A 20 -0.26 3.43 -0.77
CA PHE A 20 0.07 3.91 0.57
C PHE A 20 1.38 4.69 0.53
N ASP A 21 1.37 5.89 1.11
CA ASP A 21 2.56 6.74 1.14
C ASP A 21 3.24 6.63 2.49
N VAL A 22 4.46 6.08 2.50
CA VAL A 22 5.21 5.92 3.75
C VAL A 22 6.25 7.03 3.88
N LEU A 23 6.03 7.94 4.84
CA LEU A 23 6.95 9.04 5.07
C LEU A 23 7.96 8.70 6.15
N GLY A 24 7.75 7.55 6.80
CA GLY A 24 8.63 7.08 7.86
C GLY A 24 9.50 5.92 7.40
N ILE A 25 9.77 5.88 6.10
CA ILE A 25 10.60 4.82 5.53
C ILE A 25 12.08 5.18 5.65
N CYS A 26 12.86 4.23 6.17
CA CYS A 26 14.31 4.43 6.34
C CYS A 26 15.10 3.47 5.46
N CYS A 27 16.06 4.02 4.72
CA CYS A 27 16.90 3.20 3.86
C CYS A 27 16.07 2.15 3.12
N THR A 28 16.75 1.21 2.48
CA THR A 28 16.06 0.13 1.75
C THR A 28 16.08 -1.16 2.56
N SER A 29 16.84 -1.15 3.65
CA SER A 29 16.95 -2.33 4.51
C SER A 29 15.61 -2.61 5.18
N GLU A 30 14.73 -1.61 5.19
CA GLU A 30 13.41 -1.75 5.81
C GLU A 30 12.41 -2.34 4.82
N VAL A 31 12.87 -2.58 3.59
CA VAL A 31 12.00 -3.17 2.58
C VAL A 31 11.39 -4.47 3.12
N PRO A 32 12.20 -5.42 3.54
CA PRO A 32 11.68 -6.73 4.08
C PRO A 32 10.76 -6.54 5.28
N ILE A 33 11.02 -5.50 6.07
CA ILE A 33 10.21 -5.23 7.24
C ILE A 33 8.79 -4.89 6.85
N ILE A 34 8.65 -4.05 5.82
CA ILE A 34 7.33 -3.65 5.36
C ILE A 34 6.56 -4.85 4.84
N GLU A 35 7.23 -5.70 4.07
CA GLU A 35 6.59 -6.88 3.51
C GLU A 35 6.11 -7.81 4.63
N ASN A 36 6.85 -7.83 5.72
CA ASN A 36 6.50 -8.69 6.85
C ASN A 36 5.12 -8.30 7.41
N ILE A 37 4.85 -7.00 7.46
CA ILE A 37 3.58 -6.52 7.98
C ILE A 37 2.42 -7.01 7.11
N LEU A 38 2.59 -6.89 5.80
CA LEU A 38 1.56 -7.33 4.87
C LEU A 38 1.35 -8.84 4.99
N LYS A 39 2.44 -9.57 5.19
CA LYS A 39 2.36 -11.01 5.31
C LYS A 39 1.42 -11.41 6.44
N SER A 40 1.50 -10.68 7.56
CA SER A 40 0.64 -10.97 8.71
C SER A 40 -0.83 -10.75 8.34
N LEU A 41 -1.07 -9.77 7.48
CA LEU A 41 -2.43 -9.46 7.06
C LEU A 41 -2.96 -10.51 6.09
N ASP A 42 -4.26 -10.78 6.16
CA ASP A 42 -4.88 -11.76 5.28
C ASP A 42 -5.62 -11.06 4.14
N GLY A 43 -5.72 -11.74 3.01
CA GLY A 43 -6.40 -11.19 1.84
C GLY A 43 -5.40 -10.61 0.85
N VAL A 44 -4.23 -10.22 1.35
CA VAL A 44 -3.19 -9.66 0.48
C VAL A 44 -2.66 -10.73 -0.47
N LYS A 45 -2.54 -10.37 -1.74
CA LYS A 45 -2.04 -11.30 -2.75
C LYS A 45 -0.57 -11.03 -3.06
N GLU A 46 -0.27 -9.79 -3.43
CA GLU A 46 1.11 -9.42 -3.76
C GLU A 46 1.34 -7.94 -3.46
N TYR A 47 2.62 -7.58 -3.35
CA TYR A 47 2.98 -6.20 -3.07
C TYR A 47 4.41 -5.92 -3.49
N SER A 48 4.74 -4.64 -3.69
CA SER A 48 6.08 -4.23 -4.10
C SER A 48 6.47 -2.93 -3.42
N VAL A 49 7.68 -2.88 -2.89
CA VAL A 49 8.17 -1.68 -2.21
C VAL A 49 9.09 -0.89 -3.15
N ILE A 50 8.64 0.29 -3.55
CA ILE A 50 9.44 1.14 -4.44
C ILE A 50 10.01 2.33 -3.68
N VAL A 51 11.27 2.23 -3.30
CA VAL A 51 11.93 3.32 -2.57
C VAL A 51 12.27 4.47 -3.51
N PRO A 52 12.70 4.19 -4.71
CA PRO A 52 13.09 5.23 -5.71
C PRO A 52 11.95 6.24 -5.95
N SER A 53 10.72 5.75 -5.89
CA SER A 53 9.54 6.60 -6.10
C SER A 53 8.80 6.83 -4.79
N ARG A 54 9.33 6.29 -3.71
CA ARG A 54 8.72 6.44 -2.40
C ARG A 54 7.23 6.12 -2.47
N THR A 55 6.88 5.11 -3.25
CA THR A 55 5.48 4.69 -3.41
C THR A 55 5.34 3.21 -3.09
N VAL A 56 4.34 2.88 -2.28
CA VAL A 56 4.10 1.49 -1.90
C VAL A 56 2.82 0.99 -2.57
N ILE A 57 2.92 -0.16 -3.24
CA ILE A 57 1.77 -0.75 -3.92
C ILE A 57 1.48 -2.14 -3.37
N VAL A 58 0.21 -2.39 -3.07
CA VAL A 58 -0.21 -3.69 -2.54
C VAL A 58 -1.57 -4.08 -3.11
N VAL A 59 -1.69 -5.33 -3.53
CA VAL A 59 -2.94 -5.83 -4.08
C VAL A 59 -3.64 -6.71 -3.05
N HIS A 60 -4.88 -6.37 -2.74
CA HIS A 60 -5.65 -7.12 -1.75
C HIS A 60 -7.15 -6.95 -2.00
N ASP A 61 -7.93 -7.91 -1.53
CA ASP A 61 -9.38 -7.86 -1.70
C ASP A 61 -9.99 -6.94 -0.64
N SER A 62 -10.65 -5.88 -1.11
CA SER A 62 -11.28 -4.94 -0.21
C SER A 62 -12.27 -5.65 0.70
N LEU A 63 -12.86 -6.74 0.21
CA LEU A 63 -13.82 -7.49 1.00
C LEU A 63 -13.13 -8.17 2.18
N LEU A 64 -12.08 -8.93 1.89
CA LEU A 64 -11.36 -9.65 2.94
C LEU A 64 -10.67 -8.67 3.87
N ILE A 65 -10.03 -7.66 3.29
CA ILE A 65 -9.33 -6.66 4.08
C ILE A 65 -9.37 -5.31 3.39
N SER A 66 -9.66 -4.26 4.15
CA SER A 66 -9.74 -2.92 3.58
C SER A 66 -8.39 -2.18 3.70
N PRO A 67 -8.19 -1.13 2.94
CA PRO A 67 -6.92 -0.34 2.98
C PRO A 67 -6.60 0.17 4.39
N PHE A 68 -7.65 0.48 5.15
CA PHE A 68 -7.48 0.99 6.51
C PHE A 68 -6.66 0.01 7.35
N GLN A 69 -6.95 -1.27 7.21
CA GLN A 69 -6.25 -2.29 7.96
C GLN A 69 -4.76 -2.27 7.63
N ILE A 70 -4.45 -2.16 6.34
CA ILE A 70 -3.06 -2.14 5.90
C ILE A 70 -2.35 -0.91 6.46
N ALA A 71 -3.01 0.24 6.40
CA ALA A 71 -2.42 1.48 6.89
C ALA A 71 -2.26 1.42 8.41
N LYS A 72 -3.24 0.82 9.08
CA LYS A 72 -3.19 0.70 10.53
C LYS A 72 -2.02 -0.17 10.96
N ALA A 73 -1.76 -1.23 10.20
CA ALA A 73 -0.66 -2.13 10.51
C ALA A 73 0.66 -1.36 10.53
N LEU A 74 0.86 -0.52 9.53
CA LEU A 74 2.08 0.28 9.44
C LEU A 74 2.17 1.25 10.61
N ASN A 75 1.03 1.84 10.98
CA ASN A 75 0.99 2.79 12.07
C ASN A 75 1.46 2.14 13.37
N GLU A 76 1.06 0.89 13.58
CA GLU A 76 1.45 0.16 14.78
C GLU A 76 2.96 0.02 14.85
N ALA A 77 3.59 -0.23 13.71
CA ALA A 77 5.04 -0.40 13.65
C ALA A 77 5.73 0.96 13.64
N ARG A 78 4.94 2.02 13.77
CA ARG A 78 5.48 3.39 13.76
C ARG A 78 6.18 3.70 12.44
N LEU A 79 5.52 3.38 11.33
CA LEU A 79 6.08 3.64 10.00
C LEU A 79 5.45 4.90 9.40
N GLU A 80 4.50 5.48 10.11
CA GLU A 80 3.83 6.68 9.63
C GLU A 80 3.51 6.56 8.14
N ALA A 81 2.30 6.11 7.83
CA ALA A 81 1.88 5.95 6.44
C ALA A 81 0.40 6.28 6.29
N ASN A 82 0.00 6.60 5.07
CA ASN A 82 -1.40 6.95 4.80
C ASN A 82 -1.77 6.56 3.36
N VAL A 83 -3.06 6.61 3.06
CA VAL A 83 -3.54 6.27 1.72
C VAL A 83 -3.61 7.51 0.85
N ARG A 84 -2.75 7.58 -0.15
CA ARG A 84 -2.72 8.72 -1.06
C ARG A 84 -2.51 10.02 -0.29
N VAL A 85 -1.59 10.85 -0.79
CA VAL A 85 -1.29 12.13 -0.14
C VAL A 85 -0.98 13.20 -1.18
N ASN A 86 -1.41 14.42 -0.90
CA ASN A 86 -1.18 15.53 -1.82
C ASN A 86 0.32 15.78 -1.96
N GLY A 87 1.04 15.69 -0.85
CA GLY A 87 2.48 15.91 -0.87
C GLY A 87 2.81 17.38 -1.09
N GLU A 88 4.02 17.79 -0.72
CA GLU A 88 4.44 19.17 -0.89
C GLU A 88 5.95 19.28 -0.74
N THR A 89 6.63 19.63 -1.83
CA THR A 89 8.08 19.78 -1.82
C THR A 89 8.47 21.16 -1.30
N SER A 90 9.72 21.29 -0.88
CA SER A 90 10.21 22.56 -0.37
C SER A 90 11.73 22.60 -0.40
N PHE A 91 12.29 23.81 -0.31
CA PHE A 91 13.75 23.97 -0.33
C PHE A 91 14.16 25.17 0.51
N LYS A 92 15.37 25.14 1.04
CA LYS A 92 15.88 26.23 1.86
C LYS A 92 16.48 27.33 0.99
N ASN A 93 17.70 27.10 0.52
CA ASN A 93 18.39 28.07 -0.32
C ASN A 93 19.61 27.44 -0.98
N LYS A 94 19.78 27.71 -2.27
CA LYS A 94 20.91 27.15 -3.02
C LYS A 94 22.22 27.76 -2.52
N TRP A 95 23.20 26.92 -2.27
CA TRP A 95 24.50 27.39 -1.80
C TRP A 95 24.34 28.40 -0.68
N ALA A 1 6.75 1.46 -17.95
CA ALA A 1 6.35 1.17 -16.55
C ALA A 1 5.24 2.13 -16.14
N LEU A 2 5.39 3.40 -16.51
CA LEU A 2 4.41 4.41 -16.16
C LEU A 2 3.06 4.07 -16.79
N GLN A 3 3.09 3.65 -18.05
CA GLN A 3 1.86 3.30 -18.76
C GLN A 3 0.83 4.42 -18.62
N ASN A 4 0.90 5.40 -19.50
CA ASN A 4 -0.04 6.52 -19.48
C ASN A 4 -1.45 6.03 -19.76
N LYS A 5 -1.58 5.06 -20.65
CA LYS A 5 -2.88 4.52 -21.01
C LYS A 5 -3.55 3.90 -19.79
N GLU A 6 -2.75 3.22 -18.97
CA GLU A 6 -3.29 2.58 -17.77
C GLU A 6 -3.98 3.60 -16.88
N GLU A 7 -3.39 4.78 -16.77
CA GLU A 7 -3.97 5.84 -15.94
C GLU A 7 -5.36 6.21 -16.44
N GLU A 8 -5.52 6.23 -17.75
CA GLU A 8 -6.81 6.58 -18.34
C GLU A 8 -7.85 5.51 -18.01
N LYS A 9 -7.44 4.24 -18.07
CA LYS A 9 -8.34 3.14 -17.77
C LYS A 9 -8.42 2.90 -16.27
N LYS A 10 -9.63 2.95 -15.72
CA LYS A 10 -9.83 2.74 -14.30
C LYS A 10 -9.46 1.31 -13.91
N LYS A 11 -9.89 0.35 -14.71
CA LYS A 11 -9.60 -1.06 -14.43
C LYS A 11 -9.71 -1.35 -12.94
N VAL A 12 -10.90 -1.16 -12.40
CA VAL A 12 -11.13 -1.41 -10.98
C VAL A 12 -10.86 -2.88 -10.64
N LYS A 13 -11.34 -3.77 -11.50
CA LYS A 13 -11.14 -5.20 -11.29
C LYS A 13 -11.64 -5.59 -9.90
N LYS A 14 -11.75 -6.90 -9.67
CA LYS A 14 -12.21 -7.40 -8.38
C LYS A 14 -11.26 -6.96 -7.28
N LEU A 15 -9.97 -7.01 -7.55
CA LEU A 15 -8.97 -6.61 -6.57
C LEU A 15 -8.82 -5.10 -6.53
N GLN A 16 -8.74 -4.54 -5.33
CA GLN A 16 -8.59 -3.11 -5.16
C GLN A 16 -7.18 -2.78 -4.69
N LYS A 17 -6.39 -2.17 -5.59
CA LYS A 17 -5.02 -1.80 -5.27
C LYS A 17 -4.97 -0.33 -4.88
N SER A 18 -4.60 -0.07 -3.62
CA SER A 18 -4.49 1.30 -3.11
C SER A 18 -3.04 1.66 -2.86
N TYR A 19 -2.72 2.94 -2.99
CA TYR A 19 -1.35 3.41 -2.77
C TYR A 19 -1.22 4.06 -1.40
N PHE A 20 -0.30 3.56 -0.59
CA PHE A 20 -0.09 4.09 0.75
C PHE A 20 1.21 4.89 0.79
N ASP A 21 1.13 6.14 1.24
CA ASP A 21 2.31 6.99 1.32
C ASP A 21 3.02 6.78 2.65
N VAL A 22 4.19 6.15 2.59
CA VAL A 22 4.97 5.88 3.81
C VAL A 22 6.08 6.91 3.96
N LEU A 23 5.95 7.77 4.97
CA LEU A 23 6.95 8.80 5.22
C LEU A 23 7.98 8.31 6.25
N GLY A 24 7.57 7.33 7.05
CA GLY A 24 8.46 6.78 8.07
C GLY A 24 9.40 5.74 7.47
N ILE A 25 9.59 5.80 6.16
CA ILE A 25 10.46 4.85 5.48
C ILE A 25 11.91 5.36 5.49
N CYS A 26 12.83 4.47 5.86
CA CYS A 26 14.25 4.82 5.92
C CYS A 26 15.03 3.90 4.99
N CYS A 27 15.95 4.49 4.23
CA CYS A 27 16.77 3.72 3.29
C CYS A 27 15.94 2.62 2.63
N THR A 28 16.54 1.44 2.46
CA THR A 28 15.85 0.31 1.83
C THR A 28 16.05 -0.97 2.65
N SER A 29 16.86 -0.87 3.70
CA SER A 29 17.13 -2.02 4.55
C SER A 29 15.86 -2.48 5.26
N GLU A 30 14.87 -1.59 5.31
CA GLU A 30 13.59 -1.90 5.97
C GLU A 30 12.64 -2.56 4.98
N VAL A 31 13.13 -2.81 3.77
CA VAL A 31 12.32 -3.46 2.75
C VAL A 31 11.69 -4.74 3.33
N PRO A 32 12.49 -5.65 3.84
CA PRO A 32 11.98 -6.93 4.41
C PRO A 32 11.00 -6.69 5.56
N ILE A 33 11.22 -5.62 6.30
CA ILE A 33 10.35 -5.28 7.43
C ILE A 33 8.97 -4.88 6.94
N ILE A 34 8.94 -4.08 5.88
CA ILE A 34 7.67 -3.63 5.32
C ILE A 34 6.87 -4.81 4.80
N GLU A 35 7.52 -5.71 4.10
CA GLU A 35 6.86 -6.88 3.55
C GLU A 35 6.35 -7.79 4.67
N ASN A 36 7.10 -7.83 5.77
CA ASN A 36 6.73 -8.66 6.91
C ASN A 36 5.39 -8.21 7.48
N ILE A 37 5.17 -6.91 7.53
CA ILE A 37 3.93 -6.36 8.07
C ILE A 37 2.74 -6.82 7.21
N LEU A 38 2.90 -6.75 5.89
CA LEU A 38 1.83 -7.16 4.99
C LEU A 38 1.55 -8.66 5.13
N LYS A 39 2.60 -9.44 5.31
CA LYS A 39 2.46 -10.88 5.43
C LYS A 39 1.54 -11.22 6.61
N SER A 40 1.61 -10.42 7.66
CA SER A 40 0.78 -10.65 8.83
C SER A 40 -0.70 -10.65 8.44
N LEU A 41 -1.02 -9.97 7.35
CA LEU A 41 -2.41 -9.91 6.88
C LEU A 41 -2.78 -11.17 6.11
N ASP A 42 -3.88 -11.11 5.38
CA ASP A 42 -4.34 -12.26 4.61
C ASP A 42 -4.96 -11.82 3.28
N GLY A 43 -5.93 -10.92 3.37
CA GLY A 43 -6.60 -10.43 2.17
C GLY A 43 -5.59 -9.94 1.14
N VAL A 44 -4.34 -9.72 1.59
CA VAL A 44 -3.30 -9.27 0.69
C VAL A 44 -2.82 -10.41 -0.21
N LYS A 45 -2.74 -10.13 -1.50
CA LYS A 45 -2.30 -11.13 -2.48
C LYS A 45 -0.83 -10.92 -2.84
N GLU A 46 -0.50 -9.70 -3.23
CA GLU A 46 0.88 -9.37 -3.61
C GLU A 46 1.17 -7.90 -3.34
N TYR A 47 2.46 -7.58 -3.26
CA TYR A 47 2.88 -6.21 -3.00
C TYR A 47 4.33 -6.00 -3.42
N SER A 48 4.71 -4.74 -3.59
CA SER A 48 6.07 -4.41 -4.00
C SER A 48 6.52 -3.11 -3.34
N VAL A 49 7.76 -3.09 -2.86
CA VAL A 49 8.32 -1.91 -2.19
C VAL A 49 9.14 -1.09 -3.18
N ILE A 50 8.68 0.13 -3.46
CA ILE A 50 9.39 1.01 -4.38
C ILE A 50 10.01 2.18 -3.63
N VAL A 51 11.25 1.98 -3.21
CA VAL A 51 12.01 3.02 -2.52
C VAL A 51 12.48 4.08 -3.52
N PRO A 52 12.80 3.70 -4.74
CA PRO A 52 13.32 4.66 -5.76
C PRO A 52 12.37 5.83 -5.98
N SER A 53 11.07 5.55 -5.93
CA SER A 53 10.05 6.57 -6.13
C SER A 53 9.30 6.85 -4.83
N ARG A 54 9.73 6.17 -3.76
CA ARG A 54 9.09 6.37 -2.46
C ARG A 54 7.59 6.11 -2.55
N THR A 55 7.23 4.95 -3.09
CA THR A 55 5.81 4.58 -3.23
C THR A 55 5.61 3.13 -2.82
N VAL A 56 4.40 2.81 -2.37
CA VAL A 56 4.07 1.45 -1.96
C VAL A 56 2.83 0.96 -2.69
N ILE A 57 2.91 -0.26 -3.21
CA ILE A 57 1.78 -0.85 -3.94
C ILE A 57 1.45 -2.22 -3.36
N VAL A 58 0.17 -2.45 -3.11
CA VAL A 58 -0.30 -3.73 -2.56
C VAL A 58 -1.66 -4.09 -3.14
N VAL A 59 -1.81 -5.35 -3.54
CA VAL A 59 -3.07 -5.82 -4.11
C VAL A 59 -3.80 -6.69 -3.08
N HIS A 60 -5.04 -6.32 -2.79
CA HIS A 60 -5.85 -7.07 -1.82
C HIS A 60 -7.33 -6.97 -2.17
N ASP A 61 -8.12 -7.89 -1.62
CA ASP A 61 -9.55 -7.89 -1.88
C ASP A 61 -10.27 -7.01 -0.85
N SER A 62 -10.95 -5.98 -1.34
CA SER A 62 -11.67 -5.07 -0.47
C SER A 62 -12.62 -5.84 0.44
N LEU A 63 -13.01 -7.04 0.02
CA LEU A 63 -13.91 -7.85 0.82
C LEU A 63 -13.19 -8.50 1.98
N LEU A 64 -12.12 -9.22 1.68
CA LEU A 64 -11.34 -9.89 2.71
C LEU A 64 -10.69 -8.88 3.64
N ILE A 65 -10.12 -7.83 3.07
CA ILE A 65 -9.45 -6.80 3.85
C ILE A 65 -9.62 -5.45 3.20
N SER A 66 -9.66 -4.40 4.03
CA SER A 66 -9.83 -3.04 3.52
C SER A 66 -8.52 -2.26 3.61
N PRO A 67 -8.40 -1.17 2.88
CA PRO A 67 -7.17 -0.31 2.90
C PRO A 67 -6.84 0.19 4.31
N PHE A 68 -7.88 0.43 5.11
CA PHE A 68 -7.69 0.93 6.47
C PHE A 68 -6.87 -0.05 7.29
N GLN A 69 -7.15 -1.34 7.11
CA GLN A 69 -6.44 -2.37 7.87
C GLN A 69 -4.96 -2.36 7.50
N ILE A 70 -4.67 -2.21 6.21
CA ILE A 70 -3.29 -2.18 5.74
C ILE A 70 -2.54 -0.99 6.34
N ALA A 71 -3.18 0.17 6.32
CA ALA A 71 -2.57 1.37 6.86
C ALA A 71 -2.33 1.24 8.36
N LYS A 72 -3.28 0.61 9.04
CA LYS A 72 -3.16 0.42 10.48
C LYS A 72 -1.96 -0.46 10.80
N ALA A 73 -1.76 -1.50 10.00
CA ALA A 73 -0.64 -2.41 10.22
C ALA A 73 0.69 -1.65 10.18
N LEU A 74 0.81 -0.76 9.20
CA LEU A 74 2.02 0.03 9.05
C LEU A 74 2.20 0.98 10.23
N ASN A 75 1.09 1.53 10.70
CA ASN A 75 1.13 2.46 11.83
C ASN A 75 1.69 1.78 13.07
N GLU A 76 1.32 0.51 13.26
CA GLU A 76 1.80 -0.24 14.42
C GLU A 76 3.32 -0.28 14.44
N ALA A 77 3.92 -0.40 13.27
CA ALA A 77 5.37 -0.46 13.17
C ALA A 77 5.98 0.94 13.26
N ARG A 78 5.11 1.94 13.39
CA ARG A 78 5.55 3.33 13.47
C ARG A 78 6.26 3.78 12.21
N LEU A 79 5.75 3.34 11.05
CA LEU A 79 6.33 3.71 9.75
C LEU A 79 5.51 4.82 9.10
N GLU A 80 4.41 5.20 9.73
CA GLU A 80 3.55 6.25 9.20
C GLU A 80 3.08 5.88 7.79
N ALA A 81 1.77 5.85 7.60
CA ALA A 81 1.21 5.50 6.30
C ALA A 81 -0.08 6.28 6.06
N ASN A 82 -0.23 6.79 4.84
CA ASN A 82 -1.43 7.55 4.48
C ASN A 82 -1.95 7.12 3.11
N VAL A 83 -3.23 6.78 3.06
CA VAL A 83 -3.86 6.37 1.81
C VAL A 83 -3.96 7.55 0.87
N ARG A 84 -3.93 7.27 -0.44
CA ARG A 84 -4.02 8.31 -1.46
C ARG A 84 -4.89 9.48 -0.99
N VAL A 85 -4.24 10.58 -0.64
CA VAL A 85 -4.96 11.76 -0.15
C VAL A 85 -5.47 12.59 -1.31
N ASN A 86 -6.53 13.36 -1.06
CA ASN A 86 -7.11 14.20 -2.10
C ASN A 86 -7.48 13.36 -3.33
N GLY A 87 -7.90 12.12 -3.09
CA GLY A 87 -8.28 11.23 -4.18
C GLY A 87 -9.54 10.45 -3.83
N GLU A 88 -10.47 10.39 -4.78
CA GLU A 88 -11.72 9.66 -4.57
C GLU A 88 -12.40 9.36 -5.90
N THR A 89 -12.62 8.08 -6.17
CA THR A 89 -13.27 7.68 -7.40
C THR A 89 -14.71 8.19 -7.46
N SER A 90 -15.57 7.61 -6.63
CA SER A 90 -16.97 8.01 -6.59
C SER A 90 -17.56 8.02 -7.99
N PHE A 91 -18.06 6.87 -8.43
CA PHE A 91 -18.66 6.76 -9.77
C PHE A 91 -20.18 6.84 -9.68
N LYS A 92 -20.75 7.86 -10.31
CA LYS A 92 -22.20 8.04 -10.29
C LYS A 92 -22.84 7.20 -11.38
N ASN A 93 -23.87 6.44 -11.00
CA ASN A 93 -24.60 5.59 -11.95
C ASN A 93 -25.73 6.35 -12.60
N LYS A 94 -25.57 6.67 -13.88
CA LYS A 94 -26.59 7.40 -14.62
C LYS A 94 -27.50 6.44 -15.37
N TRP A 95 -28.79 6.78 -15.44
CA TRP A 95 -29.76 5.94 -16.13
C TRP A 95 -29.96 6.42 -17.57
N ALA A 1 -4.89 16.48 -20.09
CA ALA A 1 -6.20 16.51 -19.40
C ALA A 1 -6.68 15.09 -19.15
N LEU A 2 -6.29 14.18 -20.03
CA LEU A 2 -6.68 12.78 -19.91
C LEU A 2 -8.15 12.67 -19.52
N GLN A 3 -9.01 12.62 -20.52
CA GLN A 3 -10.46 12.51 -20.30
C GLN A 3 -10.90 11.06 -20.42
N ASN A 4 -9.94 10.16 -20.61
CA ASN A 4 -10.25 8.74 -20.73
C ASN A 4 -10.71 8.18 -19.38
N LYS A 5 -11.94 7.69 -19.34
CA LYS A 5 -12.50 7.13 -18.11
C LYS A 5 -12.43 5.60 -18.15
N GLU A 6 -11.85 5.07 -19.21
CA GLU A 6 -11.73 3.62 -19.37
C GLU A 6 -10.89 3.03 -18.25
N GLU A 7 -9.82 3.74 -17.88
CA GLU A 7 -8.94 3.29 -16.82
C GLU A 7 -9.67 3.27 -15.48
N GLU A 8 -10.59 4.21 -15.30
CA GLU A 8 -11.36 4.28 -14.06
C GLU A 8 -12.20 3.02 -13.88
N LYS A 9 -12.68 2.46 -14.98
CA LYS A 9 -13.49 1.26 -14.92
C LYS A 9 -12.73 0.13 -14.24
N LYS A 10 -13.37 -0.51 -13.26
CA LYS A 10 -12.74 -1.60 -12.54
C LYS A 10 -12.48 -2.78 -13.47
N LYS A 11 -13.44 -3.07 -14.34
CA LYS A 11 -13.30 -4.17 -15.29
C LYS A 11 -12.97 -5.47 -14.55
N VAL A 12 -13.17 -5.45 -13.23
CA VAL A 12 -12.87 -6.64 -12.42
C VAL A 12 -11.55 -7.27 -12.85
N LYS A 13 -10.45 -6.57 -12.57
CA LYS A 13 -9.12 -7.07 -12.92
C LYS A 13 -8.57 -7.96 -11.81
N LYS A 14 -7.98 -7.34 -10.80
CA LYS A 14 -7.41 -8.07 -9.67
C LYS A 14 -7.68 -7.34 -8.37
N LEU A 15 -8.69 -7.80 -7.63
CA LEU A 15 -9.04 -7.19 -6.36
C LEU A 15 -8.94 -5.67 -6.45
N GLN A 16 -8.80 -5.01 -5.30
CA GLN A 16 -8.70 -3.55 -5.26
C GLN A 16 -7.31 -3.14 -4.78
N LYS A 17 -6.56 -2.49 -5.67
CA LYS A 17 -5.22 -2.03 -5.35
C LYS A 17 -5.27 -0.60 -4.81
N SER A 18 -4.48 -0.34 -3.77
CA SER A 18 -4.44 0.99 -3.16
C SER A 18 -2.99 1.41 -2.94
N TYR A 19 -2.75 2.73 -2.97
CA TYR A 19 -1.41 3.27 -2.77
C TYR A 19 -1.29 3.88 -1.37
N PHE A 20 -0.20 3.56 -0.69
CA PHE A 20 0.03 4.09 0.66
C PHE A 20 1.34 4.88 0.70
N ASP A 21 1.28 6.07 1.30
CA ASP A 21 2.46 6.93 1.40
C ASP A 21 3.12 6.73 2.76
N VAL A 22 4.24 6.03 2.78
CA VAL A 22 4.97 5.78 4.02
C VAL A 22 6.03 6.84 4.23
N LEU A 23 5.65 7.94 4.87
CA LEU A 23 6.59 9.01 5.12
C LEU A 23 7.67 8.56 6.10
N GLY A 24 7.26 7.83 7.12
CA GLY A 24 8.21 7.34 8.12
C GLY A 24 9.13 6.27 7.53
N ILE A 25 9.43 6.39 6.24
CA ILE A 25 10.30 5.44 5.57
C ILE A 25 11.75 5.88 5.68
N CYS A 26 12.61 4.97 6.11
CA CYS A 26 14.04 5.27 6.26
C CYS A 26 14.86 4.15 5.62
N CYS A 27 15.96 4.54 4.97
CA CYS A 27 16.84 3.57 4.32
C CYS A 27 16.02 2.52 3.57
N THR A 28 16.69 1.47 3.12
CA THR A 28 16.02 0.39 2.39
C THR A 28 16.25 -0.95 3.10
N SER A 29 17.12 -0.94 4.10
CA SER A 29 17.41 -2.16 4.85
C SER A 29 16.18 -2.62 5.63
N GLU A 30 15.25 -1.71 5.87
CA GLU A 30 14.03 -2.01 6.60
C GLU A 30 12.92 -2.43 5.64
N VAL A 31 13.29 -2.65 4.37
CA VAL A 31 12.32 -3.06 3.36
C VAL A 31 11.69 -4.40 3.76
N PRO A 32 12.46 -5.34 4.25
CA PRO A 32 11.95 -6.69 4.64
C PRO A 32 10.88 -6.58 5.72
N ILE A 33 11.04 -5.60 6.59
CA ILE A 33 10.08 -5.40 7.68
C ILE A 33 8.72 -5.03 7.12
N ILE A 34 8.69 -4.16 6.13
CA ILE A 34 7.44 -3.73 5.53
C ILE A 34 6.71 -4.92 4.90
N GLU A 35 7.45 -5.74 4.16
CA GLU A 35 6.85 -6.91 3.52
C GLU A 35 6.33 -7.89 4.56
N ASN A 36 7.01 -7.97 5.69
CA ASN A 36 6.61 -8.87 6.77
C ASN A 36 5.25 -8.47 7.32
N ILE A 37 5.02 -7.17 7.45
CA ILE A 37 3.75 -6.66 7.98
C ILE A 37 2.60 -7.05 7.06
N LEU A 38 2.81 -6.88 5.76
CA LEU A 38 1.78 -7.23 4.78
C LEU A 38 1.50 -8.72 4.81
N LYS A 39 2.54 -9.51 4.97
CA LYS A 39 2.38 -10.96 5.01
C LYS A 39 1.47 -11.36 6.16
N SER A 40 1.62 -10.67 7.30
CA SER A 40 0.79 -10.96 8.47
C SER A 40 -0.68 -10.72 8.15
N LEU A 41 -0.95 -9.70 7.35
CA LEU A 41 -2.32 -9.38 6.97
C LEU A 41 -2.89 -10.42 6.03
N ASP A 42 -4.20 -10.66 6.12
CA ASP A 42 -4.87 -11.63 5.27
C ASP A 42 -5.67 -10.92 4.18
N GLY A 43 -5.78 -11.56 3.02
CA GLY A 43 -6.52 -11.00 1.89
C GLY A 43 -5.56 -10.39 0.87
N VAL A 44 -4.35 -10.07 1.31
CA VAL A 44 -3.36 -9.50 0.41
C VAL A 44 -2.83 -10.57 -0.56
N LYS A 45 -2.82 -10.24 -1.84
CA LYS A 45 -2.35 -11.17 -2.86
C LYS A 45 -0.87 -10.94 -3.17
N GLU A 46 -0.53 -9.69 -3.44
CA GLU A 46 0.86 -9.34 -3.76
C GLU A 46 1.14 -7.88 -3.43
N TYR A 47 2.41 -7.55 -3.30
CA TYR A 47 2.82 -6.18 -2.99
C TYR A 47 4.28 -5.98 -3.32
N SER A 48 4.69 -4.71 -3.42
CA SER A 48 6.06 -4.37 -3.74
C SER A 48 6.43 -3.03 -3.10
N VAL A 49 7.66 -2.92 -2.62
CA VAL A 49 8.14 -1.69 -1.99
C VAL A 49 8.97 -0.89 -2.99
N ILE A 50 8.50 0.32 -3.30
CA ILE A 50 9.21 1.19 -4.24
C ILE A 50 9.81 2.37 -3.50
N VAL A 51 11.06 2.19 -3.07
CA VAL A 51 11.81 3.23 -2.38
C VAL A 51 12.28 4.29 -3.39
N PRO A 52 12.62 3.90 -4.60
CA PRO A 52 13.13 4.85 -5.64
C PRO A 52 12.17 6.01 -5.87
N SER A 53 10.88 5.72 -5.84
CA SER A 53 9.85 6.75 -6.05
C SER A 53 9.07 7.00 -4.77
N ARG A 54 9.49 6.34 -3.69
CA ARG A 54 8.81 6.50 -2.40
C ARG A 54 7.33 6.21 -2.52
N THR A 55 7.01 5.04 -3.07
CA THR A 55 5.61 4.64 -3.24
C THR A 55 5.43 3.18 -2.81
N VAL A 56 4.19 2.83 -2.44
CA VAL A 56 3.89 1.47 -2.02
C VAL A 56 2.69 0.94 -2.79
N ILE A 57 2.82 -0.29 -3.29
CA ILE A 57 1.74 -0.92 -4.05
C ILE A 57 1.39 -2.27 -3.44
N VAL A 58 0.10 -2.48 -3.21
CA VAL A 58 -0.38 -3.74 -2.63
C VAL A 58 -1.75 -4.08 -3.20
N VAL A 59 -1.94 -5.36 -3.53
CA VAL A 59 -3.22 -5.83 -4.06
C VAL A 59 -3.94 -6.67 -3.02
N HIS A 60 -5.17 -6.29 -2.71
CA HIS A 60 -5.96 -7.00 -1.71
C HIS A 60 -7.45 -6.77 -1.95
N ASP A 61 -8.28 -7.65 -1.41
CA ASP A 61 -9.73 -7.54 -1.57
C ASP A 61 -10.31 -6.63 -0.49
N SER A 62 -10.90 -5.52 -0.91
CA SER A 62 -11.48 -4.57 0.02
C SER A 62 -12.48 -5.28 0.94
N LEU A 63 -13.01 -6.41 0.48
CA LEU A 63 -13.97 -7.16 1.28
C LEU A 63 -13.27 -7.88 2.43
N LEU A 64 -12.26 -8.68 2.09
CA LEU A 64 -11.53 -9.43 3.10
C LEU A 64 -10.78 -8.47 4.02
N ILE A 65 -10.15 -7.47 3.43
CA ILE A 65 -9.39 -6.49 4.20
C ILE A 65 -9.45 -5.12 3.52
N SER A 66 -9.71 -4.09 4.30
CA SER A 66 -9.80 -2.73 3.75
C SER A 66 -8.44 -2.04 3.83
N PRO A 67 -8.26 -0.97 3.07
CA PRO A 67 -6.97 -0.20 3.06
C PRO A 67 -6.59 0.30 4.46
N PHE A 68 -7.60 0.63 5.26
CA PHE A 68 -7.36 1.14 6.62
C PHE A 68 -6.54 0.14 7.42
N GLN A 69 -6.84 -1.14 7.26
CA GLN A 69 -6.11 -2.17 7.98
C GLN A 69 -4.65 -2.19 7.56
N ILE A 70 -4.41 -2.08 6.27
CA ILE A 70 -3.04 -2.09 5.74
C ILE A 70 -2.26 -0.90 6.27
N ALA A 71 -2.89 0.27 6.23
CA ALA A 71 -2.24 1.49 6.70
C ALA A 71 -2.02 1.45 8.20
N LYS A 72 -3.01 0.93 8.91
CA LYS A 72 -2.92 0.82 10.36
C LYS A 72 -1.80 -0.11 10.77
N ALA A 73 -1.63 -1.20 10.02
CA ALA A 73 -0.59 -2.18 10.32
C ALA A 73 0.79 -1.54 10.20
N LEU A 74 0.95 -0.67 9.21
CA LEU A 74 2.22 0.00 8.99
C LEU A 74 2.54 0.95 10.15
N ASN A 75 1.50 1.63 10.64
CA ASN A 75 1.66 2.58 11.73
C ASN A 75 2.18 1.88 12.99
N GLU A 76 1.75 0.64 13.19
CA GLU A 76 2.19 -0.12 14.37
C GLU A 76 3.70 -0.04 14.53
N ALA A 77 4.41 -0.07 13.41
CA ALA A 77 5.87 0.00 13.45
C ALA A 77 6.32 1.41 13.81
N ARG A 78 5.39 2.21 14.33
CA ARG A 78 5.69 3.58 14.71
C ARG A 78 5.91 4.45 13.46
N LEU A 79 5.19 4.13 12.38
CA LEU A 79 5.31 4.89 11.14
C LEU A 79 4.08 5.78 10.95
N GLU A 80 3.95 6.34 9.77
CA GLU A 80 2.83 7.22 9.45
C GLU A 80 2.40 7.03 7.99
N ALA A 81 1.73 5.92 7.73
CA ALA A 81 1.26 5.63 6.37
C ALA A 81 -0.03 6.38 6.10
N ASN A 82 -0.32 6.63 4.81
CA ASN A 82 -1.53 7.34 4.42
C ASN A 82 -1.98 6.90 3.03
N VAL A 83 -3.28 6.75 2.84
CA VAL A 83 -3.81 6.34 1.54
C VAL A 83 -4.08 7.56 0.67
N ARG A 84 -3.27 7.72 -0.37
CA ARG A 84 -3.41 8.85 -1.29
C ARG A 84 -3.76 10.12 -0.53
N VAL A 85 -2.74 10.89 -0.17
CA VAL A 85 -2.95 12.13 0.55
C VAL A 85 -3.64 13.16 -0.33
N ASN A 86 -4.68 13.80 0.21
CA ASN A 86 -5.42 14.81 -0.53
C ASN A 86 -5.76 16.00 0.37
N GLY A 87 -5.20 17.16 0.04
CA GLY A 87 -5.43 18.38 0.82
C GLY A 87 -6.46 19.26 0.12
N GLU A 88 -7.14 18.71 -0.87
CA GLU A 88 -8.14 19.47 -1.61
C GLU A 88 -9.31 19.85 -0.70
N THR A 89 -9.69 18.93 0.18
CA THR A 89 -10.80 19.16 1.10
C THR A 89 -10.27 19.36 2.52
N SER A 90 -10.67 20.47 3.14
CA SER A 90 -10.23 20.77 4.50
C SER A 90 -11.26 21.65 5.20
N PHE A 91 -11.30 21.56 6.53
CA PHE A 91 -12.24 22.36 7.30
C PHE A 91 -11.72 22.55 8.74
N LYS A 92 -12.18 23.61 9.38
CA LYS A 92 -11.75 23.90 10.75
C LYS A 92 -12.64 24.98 11.37
N ASN A 93 -12.19 25.55 12.47
CA ASN A 93 -12.94 26.59 13.16
C ASN A 93 -14.42 26.22 13.24
N LYS A 94 -14.69 25.00 13.67
CA LYS A 94 -16.06 24.53 13.79
C LYS A 94 -16.82 25.32 14.85
N TRP A 95 -16.10 25.70 15.91
CA TRP A 95 -16.72 26.47 16.99
C TRP A 95 -17.00 27.89 16.54
N ALA A 1 9.69 -27.75 -5.67
CA ALA A 1 9.51 -27.06 -4.36
C ALA A 1 8.78 -25.74 -4.58
N LEU A 2 7.47 -25.76 -4.38
CA LEU A 2 6.65 -24.56 -4.56
C LEU A 2 6.84 -23.98 -5.95
N GLN A 3 7.98 -23.33 -6.18
CA GLN A 3 8.26 -22.73 -7.48
C GLN A 3 7.12 -21.83 -7.91
N ASN A 4 7.29 -20.53 -7.68
CA ASN A 4 6.26 -19.56 -8.05
C ASN A 4 6.13 -19.46 -9.56
N LYS A 5 5.26 -20.27 -10.14
CA LYS A 5 5.04 -20.27 -11.58
C LYS A 5 4.08 -19.16 -11.97
N GLU A 6 3.40 -18.60 -10.98
CA GLU A 6 2.42 -17.54 -11.23
C GLU A 6 3.11 -16.32 -11.84
N GLU A 7 4.44 -16.27 -11.70
CA GLU A 7 5.20 -15.15 -12.23
C GLU A 7 5.10 -15.13 -13.76
N GLU A 8 4.98 -16.30 -14.36
CA GLU A 8 4.88 -16.40 -15.82
C GLU A 8 3.64 -15.69 -16.32
N LYS A 9 2.54 -15.83 -15.58
CA LYS A 9 1.28 -15.20 -15.96
C LYS A 9 0.84 -14.21 -14.89
N LYS A 10 0.60 -12.96 -15.30
CA LYS A 10 0.16 -11.94 -14.36
C LYS A 10 -1.20 -12.28 -13.79
N LYS A 11 -2.11 -12.71 -14.66
CA LYS A 11 -3.46 -13.07 -14.24
C LYS A 11 -4.02 -12.01 -13.30
N VAL A 12 -4.84 -11.11 -13.84
CA VAL A 12 -5.45 -10.05 -13.03
C VAL A 12 -6.97 -10.14 -13.09
N LYS A 13 -7.59 -10.11 -11.91
CA LYS A 13 -9.05 -10.20 -11.84
C LYS A 13 -9.54 -9.62 -10.52
N LYS A 14 -10.73 -9.02 -10.55
CA LYS A 14 -11.31 -8.43 -9.35
C LYS A 14 -10.24 -7.70 -8.53
N LEU A 15 -10.22 -7.97 -7.22
CA LEU A 15 -9.25 -7.35 -6.35
C LEU A 15 -9.30 -5.84 -6.48
N GLN A 16 -8.64 -5.15 -5.55
CA GLN A 16 -8.61 -3.69 -5.59
C GLN A 16 -7.23 -3.18 -5.18
N LYS A 17 -6.54 -2.55 -6.13
CA LYS A 17 -5.21 -2.01 -5.87
C LYS A 17 -5.33 -0.64 -5.19
N SER A 18 -4.50 -0.41 -4.18
CA SER A 18 -4.50 0.86 -3.45
C SER A 18 -3.08 1.31 -3.19
N TYR A 19 -2.86 2.63 -3.27
CA TYR A 19 -1.53 3.19 -3.04
C TYR A 19 -1.46 3.83 -1.67
N PHE A 20 -0.37 3.57 -0.95
CA PHE A 20 -0.19 4.12 0.40
C PHE A 20 1.08 4.96 0.45
N ASP A 21 0.95 6.16 0.99
CA ASP A 21 2.09 7.08 1.10
C ASP A 21 2.83 6.86 2.42
N VAL A 22 4.09 6.44 2.33
CA VAL A 22 4.90 6.21 3.52
C VAL A 22 6.01 7.24 3.61
N LEU A 23 6.10 7.91 4.76
CA LEU A 23 7.13 8.92 4.97
C LEU A 23 8.10 8.48 6.06
N GLY A 24 7.60 7.68 6.99
CA GLY A 24 8.43 7.21 8.10
C GLY A 24 9.38 6.11 7.64
N ILE A 25 9.49 5.95 6.32
CA ILE A 25 10.36 4.92 5.76
C ILE A 25 11.76 5.48 5.54
N CYS A 26 12.77 4.74 6.01
CA CYS A 26 14.16 5.16 5.86
C CYS A 26 14.99 4.00 5.33
N CYS A 27 15.88 4.29 4.38
CA CYS A 27 16.73 3.26 3.79
C CYS A 27 15.87 2.17 3.15
N THR A 28 16.50 1.34 2.34
CA THR A 28 15.78 0.25 1.66
C THR A 28 15.99 -1.07 2.42
N SER A 29 16.73 -1.01 3.52
CA SER A 29 16.99 -2.20 4.31
C SER A 29 15.76 -2.59 5.12
N GLU A 30 14.79 -1.69 5.19
CA GLU A 30 13.55 -1.93 5.93
C GLU A 30 12.50 -2.54 5.03
N VAL A 31 12.90 -2.93 3.83
CA VAL A 31 11.97 -3.54 2.88
C VAL A 31 11.41 -4.84 3.43
N PRO A 32 12.24 -5.63 4.05
CA PRO A 32 11.83 -6.94 4.63
C PRO A 32 10.77 -6.78 5.71
N ILE A 33 10.95 -5.78 6.57
CA ILE A 33 10.02 -5.53 7.65
C ILE A 33 8.66 -5.12 7.08
N ILE A 34 8.69 -4.24 6.09
CA ILE A 34 7.45 -3.75 5.48
C ILE A 34 6.67 -4.91 4.87
N GLU A 35 7.37 -5.79 4.16
CA GLU A 35 6.73 -6.93 3.54
C GLU A 35 6.19 -7.89 4.59
N ASN A 36 6.89 -7.98 5.72
CA ASN A 36 6.49 -8.85 6.81
C ASN A 36 5.15 -8.41 7.37
N ILE A 37 4.95 -7.10 7.45
CA ILE A 37 3.71 -6.56 7.99
C ILE A 37 2.51 -6.99 7.15
N LEU A 38 2.67 -6.89 5.82
CA LEU A 38 1.59 -7.29 4.92
C LEU A 38 1.33 -8.78 5.03
N LYS A 39 2.38 -9.56 5.20
CA LYS A 39 2.24 -11.01 5.30
C LYS A 39 1.33 -11.37 6.47
N SER A 40 1.45 -10.60 7.56
CA SER A 40 0.63 -10.85 8.74
C SER A 40 -0.85 -10.66 8.40
N LEU A 41 -1.14 -9.65 7.59
CA LEU A 41 -2.52 -9.36 7.20
C LEU A 41 -3.04 -10.46 6.29
N ASP A 42 -4.34 -10.76 6.43
CA ASP A 42 -4.97 -11.80 5.61
C ASP A 42 -5.84 -11.17 4.53
N GLY A 43 -5.43 -11.32 3.28
CA GLY A 43 -6.18 -10.77 2.15
C GLY A 43 -5.25 -10.22 1.09
N VAL A 44 -4.01 -9.94 1.49
CA VAL A 44 -3.03 -9.40 0.56
C VAL A 44 -2.57 -10.48 -0.41
N LYS A 45 -2.55 -10.15 -1.70
CA LYS A 45 -2.13 -11.09 -2.73
C LYS A 45 -0.70 -10.83 -3.14
N GLU A 46 -0.38 -9.57 -3.41
CA GLU A 46 0.98 -9.20 -3.82
C GLU A 46 1.25 -7.74 -3.46
N TYR A 47 2.54 -7.40 -3.39
CA TYR A 47 2.93 -6.03 -3.05
C TYR A 47 4.38 -5.79 -3.45
N SER A 48 4.75 -4.52 -3.56
CA SER A 48 6.12 -4.16 -3.92
C SER A 48 6.52 -2.84 -3.26
N VAL A 49 7.72 -2.82 -2.68
CA VAL A 49 8.21 -1.60 -2.02
C VAL A 49 9.18 -0.86 -2.92
N ILE A 50 8.80 0.36 -3.33
CA ILE A 50 9.64 1.17 -4.20
C ILE A 50 10.12 2.42 -3.46
N VAL A 51 11.34 2.38 -2.98
CA VAL A 51 11.93 3.50 -2.27
C VAL A 51 12.31 4.62 -3.24
N PRO A 52 12.85 4.26 -4.38
CA PRO A 52 13.29 5.24 -5.41
C PRO A 52 12.17 6.18 -5.82
N SER A 53 10.94 5.68 -5.81
CA SER A 53 9.78 6.48 -6.18
C SER A 53 8.94 6.80 -4.95
N ARG A 54 9.39 6.34 -3.79
CA ARG A 54 8.67 6.58 -2.54
C ARG A 54 7.20 6.23 -2.71
N THR A 55 6.92 5.15 -3.43
CA THR A 55 5.53 4.70 -3.65
C THR A 55 5.37 3.26 -3.22
N VAL A 56 4.22 2.97 -2.59
CA VAL A 56 3.94 1.62 -2.12
C VAL A 56 2.71 1.07 -2.82
N ILE A 57 2.83 -0.15 -3.34
CA ILE A 57 1.72 -0.79 -4.04
C ILE A 57 1.40 -2.14 -3.42
N VAL A 58 0.13 -2.36 -3.13
CA VAL A 58 -0.31 -3.63 -2.54
C VAL A 58 -1.69 -4.02 -3.05
N VAL A 59 -1.84 -5.29 -3.42
CA VAL A 59 -3.12 -5.79 -3.93
C VAL A 59 -3.80 -6.64 -2.86
N HIS A 60 -5.06 -6.33 -2.58
CA HIS A 60 -5.81 -7.07 -1.57
C HIS A 60 -7.31 -6.97 -1.82
N ASP A 61 -8.07 -7.92 -1.28
CA ASP A 61 -9.52 -7.90 -1.43
C ASP A 61 -10.15 -6.89 -0.47
N SER A 62 -10.78 -5.87 -1.04
CA SER A 62 -11.42 -4.84 -0.22
C SER A 62 -12.46 -5.46 0.70
N LEU A 63 -13.23 -6.40 0.18
CA LEU A 63 -14.26 -7.05 0.98
C LEU A 63 -13.65 -7.80 2.14
N LEU A 64 -12.63 -8.60 1.87
CA LEU A 64 -11.99 -9.38 2.90
C LEU A 64 -11.26 -8.45 3.88
N ILE A 65 -10.50 -7.51 3.34
CA ILE A 65 -9.74 -6.57 4.16
C ILE A 65 -9.75 -5.19 3.54
N SER A 66 -9.97 -4.17 4.35
CA SER A 66 -10.00 -2.80 3.86
C SER A 66 -8.60 -2.19 3.87
N PRO A 67 -8.41 -1.16 3.10
CA PRO A 67 -7.09 -0.45 3.02
C PRO A 67 -6.71 0.21 4.35
N PHE A 68 -7.71 0.57 5.14
CA PHE A 68 -7.47 1.20 6.43
C PHE A 68 -6.68 0.28 7.34
N GLN A 69 -6.98 -1.01 7.26
CA GLN A 69 -6.29 -2.00 8.10
C GLN A 69 -4.80 -2.07 7.73
N ILE A 70 -4.52 -1.96 6.43
CA ILE A 70 -3.13 -2.02 5.97
C ILE A 70 -2.34 -0.83 6.52
N ALA A 71 -2.95 0.35 6.48
CA ALA A 71 -2.30 1.56 6.98
C ALA A 71 -2.04 1.44 8.48
N LYS A 72 -3.02 0.90 9.20
CA LYS A 72 -2.88 0.73 10.64
C LYS A 72 -1.75 -0.23 10.96
N ALA A 73 -1.63 -1.29 10.17
CA ALA A 73 -0.57 -2.27 10.39
C ALA A 73 0.81 -1.61 10.31
N LEU A 74 0.99 -0.73 9.32
CA LEU A 74 2.25 -0.03 9.16
C LEU A 74 2.48 0.93 10.32
N ASN A 75 1.40 1.54 10.79
CA ASN A 75 1.49 2.50 11.89
C ASN A 75 2.04 1.82 13.14
N GLU A 76 1.62 0.59 13.37
CA GLU A 76 2.09 -0.16 14.54
C GLU A 76 3.60 -0.23 14.56
N ALA A 77 4.21 -0.38 13.39
CA ALA A 77 5.66 -0.44 13.28
C ALA A 77 6.26 0.96 13.33
N ARG A 78 5.41 1.95 13.53
CA ARG A 78 5.86 3.34 13.60
C ARG A 78 6.53 3.74 12.28
N LEU A 79 5.96 3.30 11.17
CA LEU A 79 6.51 3.62 9.86
C LEU A 79 5.80 4.82 9.24
N GLU A 80 4.79 5.32 9.95
CA GLU A 80 4.02 6.45 9.46
C GLU A 80 3.57 6.23 8.03
N ALA A 81 2.30 5.85 7.86
CA ALA A 81 1.77 5.60 6.52
C ALA A 81 0.34 6.11 6.43
N ASN A 82 -0.06 6.52 5.23
CA ASN A 82 -1.42 7.03 5.00
C ASN A 82 -1.87 6.75 3.58
N VAL A 83 -3.13 6.35 3.43
CA VAL A 83 -3.67 6.05 2.10
C VAL A 83 -3.54 7.27 1.19
N ARG A 84 -3.19 7.02 -0.07
CA ARG A 84 -3.03 8.10 -1.04
C ARG A 84 -4.18 9.09 -0.93
N VAL A 85 -3.86 10.37 -1.07
CA VAL A 85 -4.87 11.43 -0.97
C VAL A 85 -5.04 12.13 -2.31
N ASN A 86 -6.29 12.36 -2.69
CA ASN A 86 -6.58 13.03 -3.96
C ASN A 86 -5.83 14.36 -4.05
N GLY A 87 -4.95 14.46 -5.04
CA GLY A 87 -4.17 15.69 -5.21
C GLY A 87 -2.91 15.42 -6.03
N GLU A 88 -1.79 15.94 -5.56
CA GLU A 88 -0.52 15.75 -6.25
C GLU A 88 -0.62 16.27 -7.68
N THR A 89 0.04 17.39 -7.95
CA THR A 89 0.02 17.99 -9.29
C THR A 89 1.43 18.39 -9.71
N SER A 90 1.63 18.53 -11.02
CA SER A 90 2.93 18.91 -11.55
C SER A 90 2.77 19.72 -12.82
N PHE A 91 3.71 20.65 -13.05
CA PHE A 91 3.66 21.50 -14.24
C PHE A 91 4.40 20.83 -15.40
N LYS A 92 3.68 20.60 -16.49
CA LYS A 92 4.27 19.96 -17.66
C LYS A 92 3.41 20.20 -18.90
N ASN A 93 2.61 21.26 -18.84
CA ASN A 93 1.72 21.59 -19.97
C ASN A 93 2.54 21.89 -21.21
N LYS A 94 3.65 22.61 -21.02
CA LYS A 94 4.51 22.98 -22.15
C LYS A 94 5.25 21.74 -22.67
N TRP A 95 5.25 21.59 -23.99
CA TRP A 95 5.93 20.45 -24.60
C TRP A 95 6.05 20.66 -26.11
N ALA A 1 9.76 -33.58 -8.99
CA ALA A 1 8.37 -33.26 -8.56
C ALA A 1 8.40 -32.06 -7.62
N LEU A 2 8.23 -30.87 -8.18
CA LEU A 2 8.25 -29.65 -7.39
C LEU A 2 6.90 -29.44 -6.70
N GLN A 3 6.95 -29.01 -5.44
CA GLN A 3 5.72 -28.78 -4.67
C GLN A 3 5.15 -27.40 -4.99
N ASN A 4 3.97 -27.12 -4.45
CA ASN A 4 3.32 -25.83 -4.69
C ASN A 4 3.13 -25.60 -6.18
N LYS A 5 2.58 -26.59 -6.86
CA LYS A 5 2.35 -26.47 -8.30
C LYS A 5 1.59 -25.19 -8.62
N GLU A 6 1.11 -24.52 -7.58
CA GLU A 6 0.37 -23.28 -7.76
C GLU A 6 1.19 -22.28 -8.58
N GLU A 7 2.48 -22.53 -8.67
CA GLU A 7 3.37 -21.64 -9.42
C GLU A 7 3.02 -21.66 -10.90
N GLU A 8 2.55 -22.82 -11.39
CA GLU A 8 2.17 -22.95 -12.78
C GLU A 8 1.04 -22.00 -13.13
N LYS A 9 0.11 -21.83 -12.20
CA LYS A 9 -1.03 -20.93 -12.43
C LYS A 9 -0.59 -19.47 -12.28
N LYS A 10 0.18 -19.00 -13.25
CA LYS A 10 0.65 -17.61 -13.22
C LYS A 10 -0.53 -16.65 -13.33
N LYS A 11 -1.47 -16.97 -14.21
CA LYS A 11 -2.63 -16.11 -14.40
C LYS A 11 -3.57 -16.23 -13.21
N VAL A 12 -3.81 -15.10 -12.53
CA VAL A 12 -4.69 -15.07 -11.38
C VAL A 12 -5.55 -13.81 -11.38
N LYS A 13 -6.64 -13.84 -10.64
CA LYS A 13 -7.54 -12.70 -10.56
C LYS A 13 -6.95 -11.62 -9.68
N LYS A 14 -7.10 -10.37 -10.09
CA LYS A 14 -6.58 -9.24 -9.33
C LYS A 14 -7.65 -8.70 -8.39
N LEU A 15 -7.23 -8.27 -7.20
CA LEU A 15 -8.15 -7.74 -6.20
C LEU A 15 -8.23 -6.22 -6.32
N GLN A 16 -8.24 -5.52 -5.19
CA GLN A 16 -8.31 -4.07 -5.18
C GLN A 16 -6.94 -3.46 -4.88
N LYS A 17 -6.46 -2.64 -5.82
CA LYS A 17 -5.16 -1.99 -5.66
C LYS A 17 -5.33 -0.56 -5.15
N SER A 18 -4.45 -0.15 -4.26
CA SER A 18 -4.53 1.20 -3.69
C SER A 18 -3.13 1.72 -3.37
N TYR A 19 -2.97 3.04 -3.41
CA TYR A 19 -1.68 3.67 -3.14
C TYR A 19 -1.55 3.97 -1.65
N PHE A 20 -0.44 3.54 -1.06
CA PHE A 20 -0.17 3.77 0.36
C PHE A 20 1.10 4.58 0.55
N ASP A 21 0.93 5.85 0.88
CA ASP A 21 2.08 6.73 1.10
C ASP A 21 2.72 6.42 2.46
N VAL A 22 4.05 6.39 2.49
CA VAL A 22 4.78 6.11 3.72
C VAL A 22 5.82 7.20 4.00
N LEU A 23 5.83 7.72 5.22
CA LEU A 23 6.78 8.75 5.61
C LEU A 23 7.87 8.17 6.51
N GLY A 24 7.52 7.12 7.26
CA GLY A 24 8.49 6.49 8.15
C GLY A 24 9.39 5.53 7.39
N ILE A 25 9.63 5.82 6.12
CA ILE A 25 10.48 4.96 5.29
C ILE A 25 11.95 5.33 5.47
N CYS A 26 12.78 4.32 5.71
CA CYS A 26 14.23 4.53 5.90
C CYS A 26 15.01 3.57 5.01
N CYS A 27 15.97 4.12 4.26
CA CYS A 27 16.80 3.31 3.38
C CYS A 27 15.97 2.23 2.69
N THR A 28 16.66 1.22 2.13
CA THR A 28 15.98 0.12 1.44
C THR A 28 16.11 -1.17 2.25
N SER A 29 16.86 -1.10 3.35
CA SER A 29 17.06 -2.27 4.20
C SER A 29 15.82 -2.53 5.05
N GLU A 30 14.88 -1.58 5.04
CA GLU A 30 13.64 -1.72 5.82
C GLU A 30 12.55 -2.36 4.96
N VAL A 31 12.92 -2.79 3.75
CA VAL A 31 11.94 -3.42 2.85
C VAL A 31 11.42 -4.74 3.45
N PRO A 32 12.25 -5.51 4.09
CA PRO A 32 11.82 -6.82 4.71
C PRO A 32 10.77 -6.60 5.80
N ILE A 33 10.95 -5.54 6.60
CA ILE A 33 10.03 -5.24 7.69
C ILE A 33 8.65 -4.89 7.14
N ILE A 34 8.62 -4.07 6.10
CA ILE A 34 7.35 -3.66 5.50
C ILE A 34 6.60 -4.87 4.95
N GLU A 35 7.32 -5.75 4.27
CA GLU A 35 6.71 -6.94 3.70
C GLU A 35 6.19 -7.87 4.80
N ASN A 36 6.88 -7.86 5.94
CA ASN A 36 6.48 -8.71 7.06
C ASN A 36 5.08 -8.34 7.56
N ILE A 37 4.80 -7.04 7.61
CA ILE A 37 3.50 -6.57 8.08
C ILE A 37 2.38 -7.07 7.18
N LEU A 38 2.57 -6.93 5.87
CA LEU A 38 1.57 -7.39 4.91
C LEU A 38 1.38 -8.90 5.02
N LYS A 39 2.48 -9.61 5.24
CA LYS A 39 2.42 -11.06 5.37
C LYS A 39 1.48 -11.45 6.50
N SER A 40 1.55 -10.73 7.62
CA SER A 40 0.69 -11.03 8.77
C SER A 40 -0.77 -10.77 8.41
N LEU A 41 -1.00 -9.79 7.55
CA LEU A 41 -2.35 -9.44 7.14
C LEU A 41 -2.90 -10.47 6.15
N ASP A 42 -4.23 -10.65 6.18
CA ASP A 42 -4.89 -11.60 5.29
C ASP A 42 -5.66 -10.85 4.20
N GLY A 43 -5.71 -11.46 3.01
CA GLY A 43 -6.42 -10.85 1.87
C GLY A 43 -5.43 -10.26 0.87
N VAL A 44 -4.21 -9.99 1.33
CA VAL A 44 -3.19 -9.42 0.45
C VAL A 44 -2.68 -10.48 -0.52
N LYS A 45 -2.65 -10.12 -1.81
CA LYS A 45 -2.17 -11.05 -2.84
C LYS A 45 -0.71 -10.78 -3.18
N GLU A 46 -0.41 -9.52 -3.52
CA GLU A 46 0.96 -9.15 -3.87
C GLU A 46 1.22 -7.69 -3.51
N TYR A 47 2.51 -7.36 -3.39
CA TYR A 47 2.91 -6.00 -3.05
C TYR A 47 4.35 -5.73 -3.48
N SER A 48 4.67 -4.45 -3.59
CA SER A 48 6.03 -4.05 -4.00
C SER A 48 6.42 -2.75 -3.30
N VAL A 49 7.62 -2.71 -2.75
CA VAL A 49 8.11 -1.52 -2.05
C VAL A 49 9.06 -0.75 -2.97
N ILE A 50 8.63 0.44 -3.39
CA ILE A 50 9.46 1.27 -4.27
C ILE A 50 10.00 2.47 -3.50
N VAL A 51 11.25 2.38 -3.07
CA VAL A 51 11.88 3.47 -2.33
C VAL A 51 12.25 4.63 -3.27
N PRO A 52 12.71 4.33 -4.46
CA PRO A 52 13.11 5.39 -5.45
C PRO A 52 11.98 6.38 -5.70
N SER A 53 10.74 5.89 -5.66
CA SER A 53 9.57 6.75 -5.88
C SER A 53 8.79 6.94 -4.60
N ARG A 54 9.30 6.40 -3.50
CA ARG A 54 8.64 6.53 -2.20
C ARG A 54 7.16 6.17 -2.32
N THR A 55 6.86 5.13 -3.11
CA THR A 55 5.48 4.68 -3.30
C THR A 55 5.36 3.20 -3.03
N VAL A 56 4.33 2.82 -2.27
CA VAL A 56 4.10 1.42 -1.93
C VAL A 56 2.80 0.94 -2.57
N ILE A 57 2.87 -0.20 -3.27
CA ILE A 57 1.69 -0.77 -3.93
C ILE A 57 1.37 -2.14 -3.36
N VAL A 58 0.11 -2.34 -3.01
CA VAL A 58 -0.34 -3.61 -2.45
C VAL A 58 -1.71 -3.97 -2.98
N VAL A 59 -1.89 -5.24 -3.33
CA VAL A 59 -3.17 -5.70 -3.87
C VAL A 59 -3.86 -6.57 -2.83
N HIS A 60 -5.11 -6.24 -2.53
CA HIS A 60 -5.88 -6.98 -1.55
C HIS A 60 -7.37 -6.80 -1.79
N ASP A 61 -8.17 -7.72 -1.25
CA ASP A 61 -9.62 -7.65 -1.39
C ASP A 61 -10.21 -6.69 -0.37
N SER A 62 -10.88 -5.66 -0.85
CA SER A 62 -11.48 -4.67 0.04
C SER A 62 -12.49 -5.34 0.98
N LEU A 63 -13.29 -6.25 0.43
CA LEU A 63 -14.29 -6.94 1.23
C LEU A 63 -13.64 -7.75 2.35
N LEU A 64 -12.60 -8.51 2.02
CA LEU A 64 -11.91 -9.34 3.02
C LEU A 64 -11.18 -8.45 4.03
N ILE A 65 -10.45 -7.47 3.51
CA ILE A 65 -9.70 -6.53 4.37
C ILE A 65 -9.78 -5.13 3.81
N SER A 66 -10.02 -4.15 4.68
CA SER A 66 -10.14 -2.77 4.25
C SER A 66 -8.76 -2.15 3.96
N PRO A 67 -8.65 -1.22 3.03
CA PRO A 67 -7.33 -0.57 2.71
C PRO A 67 -6.68 0.08 3.94
N PHE A 68 -7.46 0.87 4.67
CA PHE A 68 -6.95 1.56 5.84
C PHE A 68 -6.32 0.58 6.84
N GLN A 69 -6.84 -0.65 6.84
CA GLN A 69 -6.34 -1.66 7.74
C GLN A 69 -4.84 -1.86 7.55
N ILE A 70 -4.42 -1.85 6.28
CA ILE A 70 -3.00 -2.04 5.96
C ILE A 70 -2.17 -0.88 6.53
N ALA A 71 -2.68 0.33 6.38
CA ALA A 71 -1.97 1.51 6.87
C ALA A 71 -1.80 1.45 8.38
N LYS A 72 -2.84 0.98 9.06
CA LYS A 72 -2.80 0.87 10.51
C LYS A 72 -1.71 -0.11 10.94
N ALA A 73 -1.60 -1.23 10.21
CA ALA A 73 -0.60 -2.23 10.53
C ALA A 73 0.80 -1.64 10.39
N LEU A 74 1.00 -0.85 9.35
CA LEU A 74 2.29 -0.22 9.10
C LEU A 74 2.63 0.77 10.21
N ASN A 75 1.62 1.53 10.66
CA ASN A 75 1.82 2.52 11.71
C ASN A 75 2.29 1.86 13.00
N GLU A 76 1.74 0.68 13.29
CA GLU A 76 2.11 -0.05 14.50
C GLU A 76 3.61 -0.25 14.56
N ALA A 77 4.22 -0.55 13.42
CA ALA A 77 5.66 -0.76 13.36
C ALA A 77 6.40 0.57 13.41
N ARG A 78 5.81 1.55 14.09
CA ARG A 78 6.41 2.86 14.21
C ARG A 78 6.72 3.44 12.83
N LEU A 79 5.95 3.03 11.83
CA LEU A 79 6.15 3.51 10.45
C LEU A 79 4.91 4.25 9.97
N GLU A 80 4.94 5.57 10.05
CA GLU A 80 3.82 6.38 9.62
C GLU A 80 3.43 6.05 8.17
N ALA A 81 2.16 5.74 7.97
CA ALA A 81 1.67 5.41 6.64
C ALA A 81 0.17 5.70 6.54
N ASN A 82 -0.26 6.09 5.35
CA ASN A 82 -1.67 6.40 5.10
C ASN A 82 -2.02 6.21 3.64
N VAL A 83 -3.31 6.23 3.32
CA VAL A 83 -3.76 6.06 1.94
C VAL A 83 -3.98 7.41 1.28
N ARG A 84 -3.04 7.81 0.43
CA ARG A 84 -3.13 9.09 -0.27
C ARG A 84 -3.25 10.23 0.73
N VAL A 85 -2.47 11.29 0.51
CA VAL A 85 -2.49 12.46 1.39
C VAL A 85 -2.83 13.72 0.60
N ASN A 86 -3.88 14.41 1.03
CA ASN A 86 -4.31 15.63 0.36
C ASN A 86 -3.24 16.71 0.49
N GLY A 87 -2.64 16.79 1.68
CA GLY A 87 -1.60 17.78 1.93
C GLY A 87 -2.22 19.09 2.42
N GLU A 88 -1.44 19.86 3.18
CA GLU A 88 -1.93 21.14 3.71
C GLU A 88 -1.56 22.28 2.76
N THR A 89 -2.59 22.92 2.20
CA THR A 89 -2.36 24.03 1.27
C THR A 89 -1.71 25.21 2.00
N SER A 90 -2.18 25.47 3.22
CA SER A 90 -1.63 26.57 4.00
C SER A 90 -1.85 27.90 3.28
N PHE A 91 -2.06 28.96 4.05
CA PHE A 91 -2.28 30.29 3.48
C PHE A 91 -1.75 31.37 4.41
N LYS A 92 -1.39 32.52 3.83
CA LYS A 92 -0.87 33.63 4.62
C LYS A 92 0.29 33.17 5.47
N ASN A 93 1.49 33.20 4.90
CA ASN A 93 2.71 32.79 5.61
C ASN A 93 3.39 33.99 6.25
N LYS A 94 2.70 35.11 6.26
CA LYS A 94 3.26 36.33 6.83
C LYS A 94 3.52 36.14 8.32
N TRP A 95 2.60 35.45 9.00
CA TRP A 95 2.74 35.21 10.43
C TRP A 95 1.98 33.94 10.83
N ALA A 1 19.72 -11.97 -15.62
CA ALA A 1 18.27 -11.60 -15.63
C ALA A 1 17.43 -12.85 -15.46
N LEU A 2 17.13 -13.18 -14.20
CA LEU A 2 16.32 -14.36 -13.92
C LEU A 2 14.93 -14.23 -14.53
N GLN A 3 14.34 -13.05 -14.39
CA GLN A 3 13.01 -12.81 -14.91
C GLN A 3 13.04 -12.74 -16.43
N ASN A 4 12.10 -13.44 -17.07
CA ASN A 4 12.04 -13.47 -18.54
C ASN A 4 10.58 -13.38 -19.00
N LYS A 5 10.25 -12.25 -19.63
CA LYS A 5 8.89 -12.05 -20.12
C LYS A 5 7.88 -12.28 -19.02
N GLU A 6 8.38 -12.43 -17.79
CA GLU A 6 7.50 -12.67 -16.65
C GLU A 6 6.65 -11.44 -16.37
N GLU A 7 7.26 -10.26 -16.53
CA GLU A 7 6.54 -9.01 -16.30
C GLU A 7 5.42 -8.84 -17.31
N GLU A 8 5.64 -9.30 -18.53
CA GLU A 8 4.64 -9.18 -19.58
C GLU A 8 3.40 -10.01 -19.23
N LYS A 9 3.61 -11.16 -18.59
CA LYS A 9 2.51 -12.02 -18.21
C LYS A 9 1.83 -11.50 -16.95
N LYS A 10 1.32 -10.28 -17.03
CA LYS A 10 0.65 -9.67 -15.88
C LYS A 10 -0.60 -10.45 -15.52
N LYS A 11 -1.27 -10.98 -16.53
CA LYS A 11 -2.49 -11.74 -16.31
C LYS A 11 -3.67 -10.81 -16.03
N VAL A 12 -4.65 -11.31 -15.30
CA VAL A 12 -5.84 -10.52 -14.96
C VAL A 12 -6.18 -10.67 -13.49
N LYS A 13 -6.49 -9.55 -12.84
CA LYS A 13 -6.84 -9.56 -11.43
C LYS A 13 -7.77 -8.40 -11.11
N LYS A 14 -8.74 -8.65 -10.23
CA LYS A 14 -9.70 -7.61 -9.84
C LYS A 14 -9.26 -6.96 -8.52
N LEU A 15 -10.02 -7.23 -7.47
CA LEU A 15 -9.71 -6.66 -6.16
C LEU A 15 -9.59 -5.16 -6.26
N GLN A 16 -9.08 -4.52 -5.20
CA GLN A 16 -8.91 -3.07 -5.18
C GLN A 16 -7.46 -2.71 -4.91
N LYS A 17 -6.82 -2.09 -5.90
CA LYS A 17 -5.43 -1.68 -5.75
C LYS A 17 -5.36 -0.34 -5.03
N SER A 18 -4.99 -0.39 -3.75
CA SER A 18 -4.88 0.82 -2.94
C SER A 18 -3.41 1.26 -2.83
N TYR A 19 -3.18 2.56 -2.92
CA TYR A 19 -1.83 3.11 -2.82
C TYR A 19 -1.62 3.74 -1.45
N PHE A 20 -0.49 3.44 -0.83
CA PHE A 20 -0.17 3.96 0.49
C PHE A 20 1.15 4.73 0.45
N ASP A 21 1.18 5.91 1.05
CA ASP A 21 2.38 6.73 1.09
C ASP A 21 3.04 6.64 2.46
N VAL A 22 4.17 5.94 2.54
CA VAL A 22 4.89 5.78 3.79
C VAL A 22 5.97 6.85 3.93
N LEU A 23 5.60 7.96 4.55
CA LEU A 23 6.54 9.07 4.75
C LEU A 23 7.66 8.65 5.68
N GLY A 24 7.31 7.89 6.71
CA GLY A 24 8.31 7.44 7.68
C GLY A 24 9.15 6.32 7.10
N ILE A 25 9.60 6.50 5.85
CA ILE A 25 10.42 5.49 5.19
C ILE A 25 11.90 5.75 5.47
N CYS A 26 12.61 4.73 5.90
CA CYS A 26 14.05 4.85 6.21
C CYS A 26 14.86 3.81 5.45
N CYS A 27 15.91 4.28 4.77
CA CYS A 27 16.78 3.39 4.01
C CYS A 27 15.96 2.32 3.28
N THR A 28 16.64 1.28 2.82
CA THR A 28 15.97 0.19 2.11
C THR A 28 15.98 -1.07 2.96
N SER A 29 16.68 -1.03 4.10
CA SER A 29 16.74 -2.17 4.99
C SER A 29 15.39 -2.42 5.65
N GLU A 30 14.50 -1.42 5.58
CA GLU A 30 13.16 -1.54 6.16
C GLU A 30 12.21 -2.24 5.20
N VAL A 31 12.70 -2.52 4.00
CA VAL A 31 11.89 -3.22 3.01
C VAL A 31 11.36 -4.54 3.59
N PRO A 32 12.23 -5.41 4.04
CA PRO A 32 11.83 -6.74 4.60
C PRO A 32 10.80 -6.59 5.72
N ILE A 33 10.97 -5.55 6.53
CA ILE A 33 10.04 -5.32 7.63
C ILE A 33 8.65 -4.99 7.09
N ILE A 34 8.60 -4.16 6.07
CA ILE A 34 7.33 -3.76 5.49
C ILE A 34 6.61 -4.97 4.90
N GLU A 35 7.36 -5.80 4.19
CA GLU A 35 6.77 -6.98 3.58
C GLU A 35 6.28 -7.96 4.64
N ASN A 36 6.97 -7.99 5.77
CA ASN A 36 6.60 -8.88 6.86
C ASN A 36 5.22 -8.52 7.41
N ILE A 37 4.95 -7.23 7.49
CA ILE A 37 3.66 -6.76 8.01
C ILE A 37 2.51 -7.24 7.12
N LEU A 38 2.70 -7.10 5.81
CA LEU A 38 1.69 -7.52 4.85
C LEU A 38 1.45 -9.03 4.94
N LYS A 39 2.53 -9.77 5.15
CA LYS A 39 2.42 -11.22 5.26
C LYS A 39 1.47 -11.60 6.39
N SER A 40 1.56 -10.89 7.49
CA SER A 40 0.69 -11.17 8.62
C SER A 40 -0.77 -10.95 8.24
N LEU A 41 -1.02 -9.88 7.49
CA LEU A 41 -2.37 -9.56 7.06
C LEU A 41 -2.88 -10.61 6.07
N ASP A 42 -4.18 -10.87 6.13
CA ASP A 42 -4.80 -11.86 5.25
C ASP A 42 -5.57 -11.16 4.13
N GLY A 43 -5.62 -11.79 2.97
CA GLY A 43 -6.32 -11.24 1.81
C GLY A 43 -5.34 -10.61 0.82
N VAL A 44 -4.16 -10.25 1.31
CA VAL A 44 -3.14 -9.64 0.45
C VAL A 44 -2.64 -10.66 -0.56
N LYS A 45 -2.58 -10.26 -1.83
CA LYS A 45 -2.12 -11.14 -2.91
C LYS A 45 -0.66 -10.87 -3.24
N GLU A 46 -0.35 -9.62 -3.57
CA GLU A 46 1.01 -9.25 -3.91
C GLU A 46 1.27 -7.78 -3.58
N TYR A 47 2.55 -7.45 -3.42
CA TYR A 47 2.93 -6.07 -3.10
C TYR A 47 4.38 -5.81 -3.51
N SER A 48 4.73 -4.53 -3.60
CA SER A 48 6.09 -4.14 -3.97
C SER A 48 6.49 -2.87 -3.24
N VAL A 49 7.69 -2.88 -2.66
CA VAL A 49 8.20 -1.72 -1.93
C VAL A 49 9.19 -0.96 -2.79
N ILE A 50 8.82 0.27 -3.15
CA ILE A 50 9.68 1.12 -3.97
C ILE A 50 10.21 2.29 -3.15
N VAL A 51 11.43 2.14 -2.66
CA VAL A 51 12.05 3.20 -1.86
C VAL A 51 12.49 4.36 -2.75
N PRO A 52 13.01 4.06 -3.93
CA PRO A 52 13.49 5.10 -4.89
C PRO A 52 12.40 6.12 -5.24
N SER A 53 11.15 5.66 -5.20
CA SER A 53 10.00 6.52 -5.52
C SER A 53 9.15 6.77 -4.28
N ARG A 54 9.58 6.20 -3.16
CA ARG A 54 8.84 6.38 -1.91
C ARG A 54 7.37 6.06 -2.10
N THR A 55 7.09 5.08 -2.96
CA THR A 55 5.71 4.67 -3.24
C THR A 55 5.53 3.19 -2.92
N VAL A 56 4.43 2.88 -2.23
CA VAL A 56 4.12 1.50 -1.85
C VAL A 56 2.86 1.03 -2.55
N ILE A 57 2.93 -0.16 -3.14
CA ILE A 57 1.80 -0.73 -3.86
C ILE A 57 1.48 -2.12 -3.32
N VAL A 58 0.20 -2.35 -3.02
CA VAL A 58 -0.25 -3.64 -2.50
C VAL A 58 -1.63 -3.98 -3.04
N VAL A 59 -1.78 -5.20 -3.54
CA VAL A 59 -3.05 -5.66 -4.08
C VAL A 59 -3.73 -6.58 -3.08
N HIS A 60 -4.97 -6.26 -2.73
CA HIS A 60 -5.72 -7.06 -1.77
C HIS A 60 -7.22 -6.91 -2.02
N ASP A 61 -7.99 -7.88 -1.55
CA ASP A 61 -9.44 -7.84 -1.72
C ASP A 61 -10.06 -6.98 -0.63
N SER A 62 -10.70 -5.89 -1.05
CA SER A 62 -11.33 -4.98 -0.10
C SER A 62 -12.26 -5.75 0.83
N LEU A 63 -12.94 -6.76 0.28
CA LEU A 63 -13.86 -7.54 1.09
C LEU A 63 -13.13 -8.27 2.20
N LEU A 64 -12.07 -9.00 1.84
CA LEU A 64 -11.30 -9.76 2.83
C LEU A 64 -10.61 -8.82 3.81
N ILE A 65 -10.00 -7.77 3.27
CA ILE A 65 -9.30 -6.80 4.11
C ILE A 65 -9.39 -5.40 3.51
N SER A 66 -9.62 -4.41 4.36
CA SER A 66 -9.74 -3.02 3.90
C SER A 66 -8.37 -2.34 3.91
N PRO A 67 -8.22 -1.26 3.18
CA PRO A 67 -6.95 -0.49 3.12
C PRO A 67 -6.59 0.12 4.47
N PHE A 68 -7.61 0.42 5.27
CA PHE A 68 -7.38 1.02 6.58
C PHE A 68 -6.51 0.12 7.44
N GLN A 69 -6.81 -1.18 7.41
CA GLN A 69 -6.06 -2.14 8.20
C GLN A 69 -4.60 -2.19 7.76
N ILE A 70 -4.38 -2.18 6.44
CA ILE A 70 -3.03 -2.22 5.90
C ILE A 70 -2.25 -0.97 6.34
N ALA A 71 -2.89 0.19 6.23
CA ALA A 71 -2.25 1.43 6.61
C ALA A 71 -1.98 1.48 8.11
N LYS A 72 -2.94 0.98 8.88
CA LYS A 72 -2.81 0.96 10.34
C LYS A 72 -1.65 0.06 10.75
N ALA A 73 -1.52 -1.07 10.08
CA ALA A 73 -0.44 -2.01 10.40
C ALA A 73 0.92 -1.34 10.25
N LEU A 74 1.06 -0.54 9.20
CA LEU A 74 2.32 0.15 8.95
C LEU A 74 2.59 1.16 10.07
N ASN A 75 1.55 1.88 10.48
CA ASN A 75 1.70 2.88 11.53
C ASN A 75 2.09 2.22 12.84
N GLU A 76 1.50 1.06 13.12
CA GLU A 76 1.78 0.33 14.36
C GLU A 76 3.29 0.16 14.54
N ALA A 77 4.00 -0.01 13.44
CA ALA A 77 5.45 -0.18 13.48
C ALA A 77 6.13 1.15 13.79
N ARG A 78 5.48 1.97 14.61
CA ARG A 78 6.04 3.27 14.97
C ARG A 78 6.33 4.09 13.72
N LEU A 79 5.67 3.74 12.62
CA LEU A 79 5.87 4.46 11.35
C LEU A 79 4.65 5.33 11.06
N GLU A 80 4.66 5.95 9.88
CA GLU A 80 3.57 6.82 9.46
C GLU A 80 3.23 6.57 7.99
N ALA A 81 2.01 6.12 7.75
CA ALA A 81 1.55 5.85 6.39
C ALA A 81 0.11 6.30 6.20
N ASN A 82 -0.28 6.54 4.96
CA ASN A 82 -1.63 6.98 4.66
C ASN A 82 -2.03 6.57 3.25
N VAL A 83 -3.33 6.55 2.97
CA VAL A 83 -3.82 6.16 1.65
C VAL A 83 -3.90 7.39 0.75
N ARG A 84 -3.02 7.42 -0.25
CA ARG A 84 -2.99 8.54 -1.19
C ARG A 84 -2.80 9.86 -0.44
N VAL A 85 -2.28 10.87 -1.13
CA VAL A 85 -2.05 12.18 -0.51
C VAL A 85 -2.77 13.27 -1.31
N ASN A 86 -3.51 14.12 -0.60
CA ASN A 86 -4.24 15.19 -1.25
C ASN A 86 -3.28 16.22 -1.85
N GLY A 87 -3.32 16.37 -3.16
CA GLY A 87 -2.46 17.32 -3.84
C GLY A 87 -2.54 17.16 -5.35
N GLU A 88 -3.00 18.21 -6.02
CA GLU A 88 -3.13 18.18 -7.48
C GLU A 88 -1.78 18.38 -8.15
N THR A 89 -1.78 18.60 -9.46
CA THR A 89 -0.56 18.81 -10.20
C THR A 89 -0.04 20.23 -9.99
N SER A 90 1.19 20.48 -10.43
CA SER A 90 1.81 21.80 -10.27
C SER A 90 2.80 22.06 -11.40
N PHE A 91 3.82 22.85 -11.11
CA PHE A 91 4.84 23.17 -12.10
C PHE A 91 4.19 23.75 -13.36
N LYS A 92 4.28 25.06 -13.50
CA LYS A 92 3.71 25.74 -14.66
C LYS A 92 4.59 25.56 -15.88
N ASN A 93 3.97 25.31 -17.03
CA ASN A 93 4.72 25.13 -18.27
C ASN A 93 5.46 26.41 -18.64
N LYS A 94 4.80 27.54 -18.46
CA LYS A 94 5.41 28.83 -18.78
C LYS A 94 5.82 28.88 -20.25
N TRP A 95 4.84 28.78 -21.13
CA TRP A 95 5.12 28.80 -22.57
C TRP A 95 6.23 27.82 -22.92
N ALA A 1 0.49 -32.35 -8.22
CA ALA A 1 -0.77 -31.93 -8.89
C ALA A 1 -0.91 -30.42 -8.80
N LEU A 2 -0.36 -29.85 -7.74
CA LEU A 2 -0.45 -28.41 -7.55
C LEU A 2 0.29 -27.68 -8.68
N GLN A 3 1.51 -28.12 -8.95
CA GLN A 3 2.31 -27.49 -10.01
C GLN A 3 2.19 -25.97 -9.92
N ASN A 4 1.25 -25.42 -10.69
CA ASN A 4 1.05 -23.97 -10.70
C ASN A 4 -0.32 -23.62 -11.27
N LYS A 5 -1.34 -23.68 -10.41
CA LYS A 5 -2.70 -23.36 -10.83
C LYS A 5 -2.93 -21.85 -10.84
N GLU A 6 -1.97 -21.11 -10.31
CA GLU A 6 -2.06 -19.65 -10.27
C GLU A 6 -2.05 -19.07 -11.68
N GLU A 7 -1.33 -19.74 -12.58
CA GLU A 7 -1.23 -19.27 -13.96
C GLU A 7 -2.62 -19.13 -14.57
N GLU A 8 -3.52 -20.03 -14.20
CA GLU A 8 -4.89 -20.00 -14.71
C GLU A 8 -5.61 -18.76 -14.19
N LYS A 9 -5.33 -18.39 -12.95
CA LYS A 9 -5.97 -17.23 -12.35
C LYS A 9 -5.38 -15.94 -12.90
N LYS A 10 -4.25 -16.06 -13.60
CA LYS A 10 -3.59 -14.90 -14.17
C LYS A 10 -4.50 -14.22 -15.20
N LYS A 11 -5.28 -15.02 -15.92
CA LYS A 11 -6.19 -14.48 -16.92
C LYS A 11 -7.23 -13.59 -16.27
N VAL A 12 -7.73 -13.99 -15.11
CA VAL A 12 -8.74 -13.21 -14.41
C VAL A 12 -8.08 -12.39 -13.30
N LYS A 13 -8.39 -11.10 -13.27
CA LYS A 13 -7.84 -10.20 -12.25
C LYS A 13 -8.91 -9.27 -11.71
N LYS A 14 -8.96 -9.14 -10.39
CA LYS A 14 -9.95 -8.27 -9.75
C LYS A 14 -9.33 -7.55 -8.55
N LEU A 15 -9.60 -8.08 -7.36
CA LEU A 15 -9.06 -7.49 -6.14
C LEU A 15 -9.25 -5.98 -6.16
N GLN A 16 -8.66 -5.31 -5.17
CA GLN A 16 -8.77 -3.85 -5.08
C GLN A 16 -7.39 -3.23 -4.94
N LYS A 17 -6.97 -2.52 -5.99
CA LYS A 17 -5.67 -1.87 -5.97
C LYS A 17 -5.73 -0.57 -5.17
N SER A 18 -4.71 -0.33 -4.36
CA SER A 18 -4.65 0.87 -3.54
C SER A 18 -3.20 1.32 -3.36
N TYR A 19 -2.99 2.64 -3.34
CA TYR A 19 -1.65 3.19 -3.17
C TYR A 19 -1.47 3.73 -1.76
N PHE A 20 -0.39 3.33 -1.10
CA PHE A 20 -0.09 3.77 0.26
C PHE A 20 1.15 4.65 0.28
N ASP A 21 0.97 5.90 0.67
CA ASP A 21 2.09 6.84 0.74
C ASP A 21 2.58 6.96 2.17
N VAL A 22 3.77 6.41 2.44
CA VAL A 22 4.35 6.44 3.77
C VAL A 22 5.70 7.14 3.75
N LEU A 23 5.88 8.11 4.65
CA LEU A 23 7.12 8.86 4.72
C LEU A 23 7.98 8.38 5.89
N GLY A 24 7.44 7.42 6.64
CA GLY A 24 8.15 6.86 7.79
C GLY A 24 9.05 5.71 7.37
N ILE A 25 9.36 5.63 6.08
CA ILE A 25 10.21 4.56 5.56
C ILE A 25 11.67 4.92 5.74
N CYS A 26 12.45 3.98 6.29
CA CYS A 26 13.87 4.20 6.53
C CYS A 26 14.70 3.28 5.64
N CYS A 27 15.69 3.87 4.96
CA CYS A 27 16.58 3.11 4.09
C CYS A 27 15.79 2.06 3.31
N THR A 28 16.50 1.10 2.72
CA THR A 28 15.86 0.04 1.94
C THR A 28 15.94 -1.29 2.69
N SER A 29 16.74 -1.33 3.74
CA SER A 29 16.91 -2.54 4.53
C SER A 29 15.61 -2.88 5.27
N GLU A 30 14.70 -1.92 5.32
CA GLU A 30 13.42 -2.11 6.00
C GLU A 30 12.42 -2.78 5.06
N VAL A 31 12.82 -2.98 3.82
CA VAL A 31 11.95 -3.64 2.86
C VAL A 31 11.39 -4.93 3.46
N PRO A 32 12.24 -5.84 3.89
CA PRO A 32 11.81 -7.14 4.46
C PRO A 32 10.82 -6.95 5.62
N ILE A 33 11.11 -5.98 6.47
CA ILE A 33 10.25 -5.71 7.62
C ILE A 33 8.88 -5.24 7.15
N ILE A 34 8.87 -4.35 6.16
CA ILE A 34 7.62 -3.82 5.64
C ILE A 34 6.78 -4.94 5.02
N GLU A 35 7.43 -5.80 4.25
CA GLU A 35 6.74 -6.90 3.61
C GLU A 35 6.21 -7.88 4.66
N ASN A 36 6.96 -8.04 5.73
CA ASN A 36 6.57 -8.96 6.81
C ASN A 36 5.24 -8.53 7.41
N ILE A 37 5.03 -7.23 7.55
CA ILE A 37 3.79 -6.72 8.12
C ILE A 37 2.60 -7.10 7.25
N LEU A 38 2.76 -6.95 5.93
CA LEU A 38 1.69 -7.28 5.00
C LEU A 38 1.38 -8.78 5.06
N LYS A 39 2.41 -9.59 5.18
CA LYS A 39 2.24 -11.03 5.24
C LYS A 39 1.32 -11.41 6.40
N SER A 40 1.48 -10.71 7.52
CA SER A 40 0.67 -10.98 8.69
C SER A 40 -0.81 -10.77 8.38
N LEU A 41 -1.10 -9.72 7.62
CA LEU A 41 -2.48 -9.40 7.25
C LEU A 41 -3.03 -10.47 6.31
N ASP A 42 -4.34 -10.72 6.42
CA ASP A 42 -5.00 -11.73 5.59
C ASP A 42 -5.86 -11.05 4.53
N GLY A 43 -5.46 -11.18 3.27
CA GLY A 43 -6.20 -10.58 2.16
C GLY A 43 -5.25 -10.01 1.11
N VAL A 44 -3.98 -9.84 1.49
CA VAL A 44 -2.99 -9.30 0.58
C VAL A 44 -2.52 -10.37 -0.40
N LYS A 45 -2.48 -10.02 -1.68
CA LYS A 45 -2.05 -10.95 -2.72
C LYS A 45 -0.61 -10.68 -3.13
N GLU A 46 -0.31 -9.41 -3.37
CA GLU A 46 1.04 -9.02 -3.78
C GLU A 46 1.30 -7.57 -3.42
N TYR A 47 2.59 -7.23 -3.29
CA TYR A 47 2.99 -5.87 -2.94
C TYR A 47 4.42 -5.61 -3.37
N SER A 48 4.76 -4.32 -3.48
CA SER A 48 6.11 -3.93 -3.88
C SER A 48 6.51 -2.63 -3.19
N VAL A 49 7.67 -2.64 -2.56
CA VAL A 49 8.17 -1.46 -1.86
C VAL A 49 9.20 -0.73 -2.71
N ILE A 50 8.81 0.44 -3.22
CA ILE A 50 9.72 1.24 -4.06
C ILE A 50 10.20 2.47 -3.30
N VAL A 51 11.42 2.39 -2.81
CA VAL A 51 12.02 3.50 -2.05
C VAL A 51 12.42 4.63 -3.00
N PRO A 52 12.96 4.30 -4.14
CA PRO A 52 13.42 5.32 -5.14
C PRO A 52 12.29 6.29 -5.51
N SER A 53 11.06 5.80 -5.49
CA SER A 53 9.90 6.62 -5.84
C SER A 53 9.05 6.89 -4.59
N ARG A 54 9.51 6.38 -3.45
CA ARG A 54 8.79 6.57 -2.20
C ARG A 54 7.31 6.25 -2.37
N THR A 55 7.03 5.21 -3.16
CA THR A 55 5.65 4.79 -3.41
C THR A 55 5.50 3.30 -3.13
N VAL A 56 4.43 2.95 -2.41
CA VAL A 56 4.17 1.55 -2.07
C VAL A 56 2.82 1.13 -2.63
N ILE A 57 2.79 -0.02 -3.30
CA ILE A 57 1.56 -0.55 -3.88
C ILE A 57 1.29 -1.95 -3.37
N VAL A 58 0.03 -2.21 -3.03
CA VAL A 58 -0.35 -3.54 -2.52
C VAL A 58 -1.74 -3.92 -3.04
N VAL A 59 -1.88 -5.16 -3.46
CA VAL A 59 -3.17 -5.65 -3.97
C VAL A 59 -3.81 -6.55 -2.92
N HIS A 60 -5.04 -6.23 -2.57
CA HIS A 60 -5.78 -7.01 -1.57
C HIS A 60 -7.28 -6.91 -1.80
N ASP A 61 -8.02 -7.82 -1.19
CA ASP A 61 -9.48 -7.84 -1.33
C ASP A 61 -10.10 -6.83 -0.38
N SER A 62 -10.80 -5.84 -0.93
CA SER A 62 -11.42 -4.82 -0.11
C SER A 62 -12.45 -5.43 0.84
N LEU A 63 -13.23 -6.37 0.34
CA LEU A 63 -14.25 -7.02 1.15
C LEU A 63 -13.61 -7.78 2.31
N LEU A 64 -12.58 -8.55 2.01
CA LEU A 64 -11.92 -9.31 3.04
C LEU A 64 -11.18 -8.39 4.01
N ILE A 65 -10.45 -7.43 3.47
CA ILE A 65 -9.70 -6.48 4.29
C ILE A 65 -9.72 -5.11 3.67
N SER A 66 -9.92 -4.10 4.50
CA SER A 66 -9.98 -2.73 4.01
C SER A 66 -8.58 -2.09 4.01
N PRO A 67 -8.35 -1.10 3.18
CA PRO A 67 -7.03 -0.39 3.11
C PRO A 67 -6.59 0.15 4.47
N PHE A 68 -7.56 0.58 5.27
CA PHE A 68 -7.26 1.12 6.59
C PHE A 68 -6.46 0.13 7.42
N GLN A 69 -6.80 -1.14 7.30
CA GLN A 69 -6.11 -2.18 8.05
C GLN A 69 -4.64 -2.23 7.65
N ILE A 70 -4.37 -2.15 6.35
CA ILE A 70 -3.00 -2.20 5.88
C ILE A 70 -2.21 -0.99 6.37
N ALA A 71 -2.83 0.18 6.30
CA ALA A 71 -2.17 1.41 6.73
C ALA A 71 -1.97 1.39 8.25
N LYS A 72 -2.97 0.91 8.97
CA LYS A 72 -2.88 0.83 10.42
C LYS A 72 -1.75 -0.08 10.85
N ALA A 73 -1.63 -1.23 10.18
CA ALA A 73 -0.59 -2.19 10.51
C ALA A 73 0.79 -1.53 10.40
N LEU A 74 1.00 -0.78 9.33
CA LEU A 74 2.28 -0.11 9.13
C LEU A 74 2.50 0.95 10.20
N ASN A 75 1.45 1.69 10.53
CA ASN A 75 1.55 2.73 11.54
C ASN A 75 1.92 2.14 12.90
N GLU A 76 1.34 0.99 13.22
CA GLU A 76 1.63 0.34 14.49
C GLU A 76 3.13 0.24 14.72
N ALA A 77 3.90 0.26 13.64
CA ALA A 77 5.35 0.18 13.75
C ALA A 77 5.94 1.56 14.02
N ARG A 78 5.18 2.39 14.74
CA ARG A 78 5.63 3.74 15.06
C ARG A 78 5.94 4.53 13.79
N LEU A 79 5.26 4.18 12.71
CA LEU A 79 5.46 4.87 11.43
C LEU A 79 4.29 5.80 11.16
N GLU A 80 4.28 6.39 9.96
CA GLU A 80 3.24 7.32 9.55
C GLU A 80 2.77 7.02 8.13
N ALA A 81 2.14 5.86 7.95
CA ALA A 81 1.63 5.47 6.64
C ALA A 81 0.22 5.98 6.43
N ASN A 82 -0.11 6.31 5.18
CA ASN A 82 -1.44 6.81 4.85
C ASN A 82 -1.81 6.42 3.43
N VAL A 83 -3.07 6.62 3.08
CA VAL A 83 -3.56 6.28 1.74
C VAL A 83 -3.68 7.54 0.88
N ARG A 84 -2.73 7.72 -0.02
CA ARG A 84 -2.73 8.88 -0.91
C ARG A 84 -2.71 10.18 -0.09
N VAL A 85 -1.97 11.16 -0.57
CA VAL A 85 -1.88 12.45 0.12
C VAL A 85 -2.77 13.48 -0.54
N ASN A 86 -3.60 14.14 0.25
CA ASN A 86 -4.51 15.16 -0.27
C ASN A 86 -3.72 16.34 -0.82
N GLY A 87 -3.52 17.36 0.03
CA GLY A 87 -2.78 18.54 -0.38
C GLY A 87 -1.28 18.35 -0.14
N GLU A 88 -0.49 18.67 -1.15
CA GLU A 88 0.96 18.52 -1.05
C GLU A 88 1.57 19.75 -0.37
N THR A 89 2.32 19.53 0.70
CA THR A 89 2.96 20.62 1.43
C THR A 89 4.48 20.53 1.32
N SER A 90 5.08 21.57 0.80
CA SER A 90 6.54 21.61 0.62
C SER A 90 7.21 22.06 1.92
N PHE A 91 7.89 23.20 1.87
CA PHE A 91 8.58 23.73 3.05
C PHE A 91 9.27 22.61 3.82
N LYS A 92 10.15 21.89 3.14
CA LYS A 92 10.87 20.79 3.76
C LYS A 92 11.76 21.31 4.89
N ASN A 93 12.40 22.44 4.65
CA ASN A 93 13.28 23.03 5.65
C ASN A 93 14.27 21.99 6.18
N LYS A 94 15.18 22.43 7.04
CA LYS A 94 16.18 21.53 7.61
C LYS A 94 16.83 20.70 6.51
N TRP A 95 17.70 19.78 6.91
CA TRP A 95 18.39 18.93 5.96
C TRP A 95 17.40 17.97 5.29
N ALA A 1 -20.24 -21.52 14.78
CA ALA A 1 -19.41 -20.38 15.28
C ALA A 1 -18.24 -20.15 14.32
N LEU A 2 -17.54 -21.22 13.97
CA LEU A 2 -16.41 -21.13 13.06
C LEU A 2 -16.89 -20.93 11.62
N GLN A 3 -16.14 -20.14 10.86
CA GLN A 3 -16.49 -19.87 9.47
C GLN A 3 -16.11 -21.06 8.60
N ASN A 4 -17.01 -21.44 7.70
CA ASN A 4 -16.76 -22.57 6.80
C ASN A 4 -17.31 -22.26 5.40
N LYS A 5 -17.62 -21.00 5.15
CA LYS A 5 -18.15 -20.59 3.86
C LYS A 5 -17.11 -20.82 2.76
N GLU A 6 -15.84 -20.68 3.12
CA GLU A 6 -14.76 -20.87 2.16
C GLU A 6 -14.95 -22.18 1.39
N GLU A 7 -15.74 -23.07 1.96
CA GLU A 7 -16.00 -24.37 1.32
C GLU A 7 -16.78 -24.17 0.03
N GLU A 8 -17.71 -23.22 0.04
CA GLU A 8 -18.52 -22.95 -1.14
C GLU A 8 -17.67 -22.39 -2.27
N LYS A 9 -16.55 -21.78 -1.90
CA LYS A 9 -15.64 -21.21 -2.89
C LYS A 9 -16.35 -20.13 -3.71
N LYS A 10 -16.45 -18.94 -3.14
CA LYS A 10 -17.11 -17.83 -3.82
C LYS A 10 -16.37 -17.48 -5.11
N LYS A 11 -15.04 -17.46 -5.03
CA LYS A 11 -14.22 -17.14 -6.20
C LYS A 11 -14.60 -15.77 -6.76
N VAL A 12 -13.93 -14.73 -6.26
CA VAL A 12 -14.20 -13.36 -6.71
C VAL A 12 -12.90 -12.68 -7.14
N LYS A 13 -12.94 -12.02 -8.29
CA LYS A 13 -11.76 -11.33 -8.83
C LYS A 13 -11.93 -9.82 -8.69
N LYS A 14 -12.42 -9.39 -7.54
CA LYS A 14 -12.63 -7.96 -7.29
C LYS A 14 -11.54 -7.42 -6.38
N LEU A 15 -10.33 -7.30 -6.91
CA LEU A 15 -9.19 -6.80 -6.15
C LEU A 15 -9.15 -5.28 -6.22
N GLN A 16 -8.93 -4.65 -5.06
CA GLN A 16 -8.85 -3.19 -4.99
C GLN A 16 -7.42 -2.74 -4.75
N LYS A 17 -6.81 -2.17 -5.79
CA LYS A 17 -5.44 -1.69 -5.69
C LYS A 17 -5.41 -0.33 -5.00
N SER A 18 -4.40 -0.11 -4.16
CA SER A 18 -4.26 1.16 -3.44
C SER A 18 -2.79 1.46 -3.20
N TYR A 19 -2.49 2.75 -3.00
CA TYR A 19 -1.11 3.18 -2.75
C TYR A 19 -1.00 3.81 -1.38
N PHE A 20 -0.04 3.32 -0.59
CA PHE A 20 0.18 3.83 0.77
C PHE A 20 1.51 4.58 0.83
N ASP A 21 1.43 5.88 1.10
CA ASP A 21 2.63 6.71 1.18
C ASP A 21 3.25 6.59 2.56
N VAL A 22 4.47 6.06 2.62
CA VAL A 22 5.18 5.91 3.90
C VAL A 22 6.13 7.07 4.13
N LEU A 23 5.67 8.06 4.89
CA LEU A 23 6.49 9.23 5.19
C LEU A 23 7.71 8.84 5.99
N GLY A 24 7.51 7.96 6.97
CA GLY A 24 8.61 7.52 7.82
C GLY A 24 9.44 6.45 7.12
N ILE A 25 9.76 6.69 5.85
CA ILE A 25 10.55 5.75 5.08
C ILE A 25 12.04 6.03 5.26
N CYS A 26 12.81 4.98 5.59
CA CYS A 26 14.25 5.12 5.79
C CYS A 26 15.02 4.05 5.02
N CYS A 27 16.05 4.49 4.30
CA CYS A 27 16.88 3.58 3.52
C CYS A 27 16.03 2.49 2.88
N THR A 28 16.67 1.41 2.45
CA THR A 28 15.98 0.30 1.82
C THR A 28 16.00 -0.93 2.73
N SER A 29 16.76 -0.84 3.82
CA SER A 29 16.85 -1.96 4.76
C SER A 29 15.49 -2.23 5.40
N GLU A 30 14.59 -1.24 5.31
CA GLU A 30 13.25 -1.38 5.89
C GLU A 30 12.30 -2.02 4.90
N VAL A 31 12.83 -2.42 3.76
CA VAL A 31 12.01 -3.07 2.74
C VAL A 31 11.39 -4.36 3.31
N PRO A 32 12.21 -5.26 3.83
CA PRO A 32 11.72 -6.55 4.40
C PRO A 32 10.73 -6.33 5.54
N ILE A 33 10.93 -5.24 6.27
CA ILE A 33 10.06 -4.92 7.39
C ILE A 33 8.64 -4.63 6.91
N ILE A 34 8.55 -3.84 5.84
CA ILE A 34 7.25 -3.49 5.30
C ILE A 34 6.54 -4.73 4.77
N GLU A 35 7.28 -5.55 4.04
CA GLU A 35 6.70 -6.77 3.46
C GLU A 35 6.24 -7.72 4.55
N ASN A 36 6.97 -7.73 5.67
CA ASN A 36 6.62 -8.59 6.79
C ASN A 36 5.26 -8.22 7.35
N ILE A 37 4.97 -6.92 7.41
CA ILE A 37 3.70 -6.46 7.94
C ILE A 37 2.54 -6.95 7.08
N LEU A 38 2.70 -6.84 5.78
CA LEU A 38 1.66 -7.29 4.85
C LEU A 38 1.44 -8.79 4.98
N LYS A 39 2.53 -9.52 5.16
CA LYS A 39 2.43 -10.96 5.28
C LYS A 39 1.52 -11.34 6.45
N SER A 40 1.63 -10.59 7.53
CA SER A 40 0.81 -10.84 8.71
C SER A 40 -0.67 -10.68 8.38
N LEU A 41 -0.97 -9.76 7.48
CA LEU A 41 -2.35 -9.51 7.08
C LEU A 41 -2.87 -10.65 6.22
N ASP A 42 -4.17 -10.95 6.35
CA ASP A 42 -4.79 -12.02 5.58
C ASP A 42 -5.73 -11.46 4.52
N GLY A 43 -5.35 -11.61 3.25
CA GLY A 43 -6.17 -11.11 2.16
C GLY A 43 -5.30 -10.51 1.05
N VAL A 44 -4.04 -10.21 1.39
CA VAL A 44 -3.12 -9.64 0.44
C VAL A 44 -2.63 -10.70 -0.54
N LYS A 45 -2.66 -10.38 -1.83
CA LYS A 45 -2.20 -11.31 -2.86
C LYS A 45 -0.75 -11.06 -3.23
N GLU A 46 -0.43 -9.79 -3.49
CA GLU A 46 0.93 -9.43 -3.86
C GLU A 46 1.19 -7.96 -3.54
N TYR A 47 2.47 -7.63 -3.39
CA TYR A 47 2.86 -6.25 -3.08
C TYR A 47 4.31 -6.00 -3.48
N SER A 48 4.66 -4.72 -3.64
CA SER A 48 6.01 -4.35 -4.02
C SER A 48 6.42 -3.07 -3.31
N VAL A 49 7.64 -3.06 -2.76
CA VAL A 49 8.15 -1.87 -2.07
C VAL A 49 9.12 -1.12 -2.96
N ILE A 50 8.76 0.11 -3.31
CA ILE A 50 9.62 0.94 -4.16
C ILE A 50 10.13 2.14 -3.36
N VAL A 51 11.36 2.02 -2.89
CA VAL A 51 11.99 3.09 -2.11
C VAL A 51 12.41 4.25 -3.03
N PRO A 52 12.91 3.94 -4.20
CA PRO A 52 13.37 4.96 -5.17
C PRO A 52 12.27 5.97 -5.51
N SER A 53 11.02 5.51 -5.48
CA SER A 53 9.88 6.37 -5.77
C SER A 53 9.04 6.61 -4.53
N ARG A 54 9.50 6.07 -3.41
CA ARG A 54 8.78 6.24 -2.15
C ARG A 54 7.30 5.91 -2.32
N THR A 55 7.02 4.91 -3.15
CA THR A 55 5.64 4.49 -3.41
C THR A 55 5.46 3.02 -3.09
N VAL A 56 4.39 2.70 -2.36
CA VAL A 56 4.10 1.32 -1.98
C VAL A 56 2.83 0.84 -2.67
N ILE A 57 2.89 -0.35 -3.24
CA ILE A 57 1.75 -0.94 -3.94
C ILE A 57 1.42 -2.31 -3.38
N VAL A 58 0.14 -2.51 -3.06
CA VAL A 58 -0.31 -3.79 -2.53
C VAL A 58 -1.69 -4.15 -3.06
N VAL A 59 -1.85 -5.40 -3.51
CA VAL A 59 -3.12 -5.86 -4.05
C VAL A 59 -3.80 -6.76 -3.04
N HIS A 60 -5.02 -6.40 -2.66
CA HIS A 60 -5.78 -7.19 -1.69
C HIS A 60 -7.28 -7.08 -1.96
N ASP A 61 -8.05 -7.99 -1.39
CA ASP A 61 -9.49 -7.98 -1.58
C ASP A 61 -10.15 -7.05 -0.57
N SER A 62 -10.82 -6.02 -1.08
CA SER A 62 -11.48 -5.05 -0.20
C SER A 62 -12.46 -5.75 0.73
N LEU A 63 -12.89 -6.94 0.35
CA LEU A 63 -13.82 -7.70 1.16
C LEU A 63 -13.12 -8.33 2.35
N LEU A 64 -12.08 -9.11 2.08
CA LEU A 64 -11.33 -9.77 3.14
C LEU A 64 -10.64 -8.74 4.03
N ILE A 65 -10.02 -7.73 3.40
CA ILE A 65 -9.31 -6.70 4.14
C ILE A 65 -9.45 -5.37 3.44
N SER A 66 -9.61 -4.30 4.21
CA SER A 66 -9.75 -2.97 3.65
C SER A 66 -8.43 -2.20 3.73
N PRO A 67 -8.30 -1.14 2.96
CA PRO A 67 -7.05 -0.30 2.96
C PRO A 67 -6.71 0.22 4.36
N PHE A 68 -7.73 0.55 5.13
CA PHE A 68 -7.52 1.07 6.48
C PHE A 68 -6.74 0.07 7.33
N GLN A 69 -7.06 -1.20 7.16
CA GLN A 69 -6.39 -2.25 7.93
C GLN A 69 -4.89 -2.27 7.59
N ILE A 70 -4.58 -2.16 6.31
CA ILE A 70 -3.19 -2.18 5.87
C ILE A 70 -2.45 -0.97 6.42
N ALA A 71 -3.09 0.19 6.34
CA ALA A 71 -2.47 1.41 6.84
C ALA A 71 -2.28 1.34 8.35
N LYS A 72 -3.26 0.78 9.05
CA LYS A 72 -3.19 0.67 10.48
C LYS A 72 -2.02 -0.23 10.90
N ALA A 73 -1.82 -1.30 10.14
CA ALA A 73 -0.74 -2.23 10.44
C ALA A 73 0.61 -1.53 10.38
N LEU A 74 0.79 -0.69 9.37
CA LEU A 74 2.04 0.04 9.21
C LEU A 74 2.26 0.99 10.37
N ASN A 75 1.19 1.65 10.80
CA ASN A 75 1.27 2.59 11.91
C ASN A 75 1.85 1.93 13.15
N GLU A 76 1.70 0.61 13.23
CA GLU A 76 2.22 -0.14 14.37
C GLU A 76 3.68 0.18 14.59
N ALA A 77 4.40 0.45 13.50
CA ALA A 77 5.83 0.76 13.59
C ALA A 77 6.04 2.25 13.90
N ARG A 78 4.93 2.98 14.02
CA ARG A 78 5.00 4.41 14.31
C ARG A 78 5.88 5.13 13.31
N LEU A 79 5.63 4.88 12.03
CA LEU A 79 6.40 5.50 10.94
C LEU A 79 5.52 6.43 10.13
N GLU A 80 4.30 6.66 10.61
CA GLU A 80 3.37 7.52 9.90
C GLU A 80 3.09 6.97 8.50
N ALA A 81 1.85 6.55 8.27
CA ALA A 81 1.46 6.01 6.97
C ALA A 81 0.02 6.37 6.65
N ASN A 82 -0.26 6.62 5.37
CA ASN A 82 -1.61 6.98 4.93
C ASN A 82 -1.84 6.54 3.50
N VAL A 83 -3.09 6.61 3.05
CA VAL A 83 -3.44 6.20 1.70
C VAL A 83 -3.44 7.41 0.78
N ARG A 84 -2.58 7.37 -0.24
CA ARG A 84 -2.47 8.47 -1.20
C ARG A 84 -2.58 9.82 -0.48
N VAL A 85 -1.44 10.42 -0.18
CA VAL A 85 -1.42 11.71 0.50
C VAL A 85 -2.03 12.78 -0.39
N ASN A 86 -2.76 13.70 0.22
CA ASN A 86 -3.40 14.79 -0.52
C ASN A 86 -2.36 15.58 -1.28
N GLY A 87 -2.42 15.52 -2.60
CA GLY A 87 -1.48 16.24 -3.45
C GLY A 87 -1.55 15.75 -4.89
N GLU A 88 -1.60 16.69 -5.84
CA GLU A 88 -1.67 16.35 -7.26
C GLU A 88 -0.28 16.39 -7.89
N THR A 89 0.58 15.48 -7.48
CA THR A 89 1.94 15.42 -8.01
C THR A 89 1.90 15.17 -9.52
N SER A 90 2.63 15.98 -10.27
CA SER A 90 2.68 15.83 -11.72
C SER A 90 3.98 16.41 -12.26
N PHE A 91 4.43 15.89 -13.41
CA PHE A 91 5.65 16.36 -14.04
C PHE A 91 5.37 17.54 -14.95
N LYS A 92 5.43 18.75 -14.40
CA LYS A 92 5.17 19.95 -15.18
C LYS A 92 6.19 20.10 -16.29
N ASN A 93 7.45 19.82 -15.97
CA ASN A 93 8.53 19.93 -16.96
C ASN A 93 8.89 18.55 -17.49
N LYS A 94 9.14 18.47 -18.79
CA LYS A 94 9.50 17.21 -19.42
C LYS A 94 10.96 16.88 -19.15
N TRP A 95 11.26 15.60 -18.94
CA TRP A 95 12.63 15.17 -18.69
C TRP A 95 13.51 15.43 -19.90
N ALA A 1 16.88 1.67 -19.26
CA ALA A 1 15.98 2.25 -18.23
C ALA A 1 14.54 1.88 -18.56
N LEU A 2 14.32 1.39 -19.78
CA LEU A 2 12.98 1.00 -20.22
C LEU A 2 12.88 -0.52 -20.33
N GLN A 3 11.90 -1.10 -19.64
CA GLN A 3 11.69 -2.54 -19.67
C GLN A 3 10.52 -2.90 -20.59
N ASN A 4 10.77 -3.85 -21.48
CA ASN A 4 9.75 -4.29 -22.42
C ASN A 4 8.59 -4.92 -21.68
N LYS A 5 8.90 -5.68 -20.63
CA LYS A 5 7.86 -6.35 -19.85
C LYS A 5 6.90 -5.33 -19.25
N GLU A 6 7.44 -4.22 -18.76
CA GLU A 6 6.62 -3.17 -18.17
C GLU A 6 5.67 -2.57 -19.21
N GLU A 7 6.18 -2.39 -20.43
CA GLU A 7 5.38 -1.84 -21.50
C GLU A 7 4.23 -2.77 -21.86
N GLU A 8 4.49 -4.07 -21.77
CA GLU A 8 3.47 -5.07 -22.09
C GLU A 8 2.31 -4.99 -21.10
N LYS A 9 2.65 -4.91 -19.82
CA LYS A 9 1.64 -4.83 -18.77
C LYS A 9 0.71 -6.05 -18.83
N LYS A 10 0.67 -6.82 -17.75
CA LYS A 10 -0.16 -8.00 -17.69
C LYS A 10 -1.63 -7.61 -17.82
N LYS A 11 -1.99 -6.48 -17.24
CA LYS A 11 -3.38 -6.01 -17.28
C LYS A 11 -4.31 -7.03 -16.67
N VAL A 12 -4.78 -6.74 -15.45
CA VAL A 12 -5.69 -7.63 -14.75
C VAL A 12 -6.84 -6.84 -14.13
N LYS A 13 -8.06 -7.35 -14.29
CA LYS A 13 -9.25 -6.68 -13.76
C LYS A 13 -9.79 -7.46 -12.56
N LYS A 14 -8.98 -7.55 -11.51
CA LYS A 14 -9.38 -8.28 -10.30
C LYS A 14 -8.83 -7.57 -9.06
N LEU A 15 -9.37 -7.92 -7.90
CA LEU A 15 -8.94 -7.31 -6.66
C LEU A 15 -9.05 -5.79 -6.74
N GLN A 16 -8.77 -5.13 -5.62
CA GLN A 16 -8.83 -3.67 -5.56
C GLN A 16 -7.45 -3.09 -5.29
N LYS A 17 -6.89 -2.43 -6.30
CA LYS A 17 -5.57 -1.83 -6.17
C LYS A 17 -5.67 -0.52 -5.41
N SER A 18 -4.81 -0.36 -4.41
CA SER A 18 -4.79 0.86 -3.59
C SER A 18 -3.35 1.34 -3.40
N TYR A 19 -3.20 2.66 -3.26
CA TYR A 19 -1.87 3.26 -3.06
C TYR A 19 -1.78 3.89 -1.68
N PHE A 20 -0.72 3.53 -0.96
CA PHE A 20 -0.50 4.05 0.39
C PHE A 20 0.83 4.79 0.45
N ASP A 21 0.77 6.08 0.77
CA ASP A 21 1.97 6.90 0.86
C ASP A 21 2.67 6.64 2.19
N VAL A 22 4.00 6.57 2.16
CA VAL A 22 4.79 6.33 3.36
C VAL A 22 5.80 7.46 3.56
N LEU A 23 5.76 8.06 4.75
CA LEU A 23 6.68 9.16 5.08
C LEU A 23 7.73 8.68 6.08
N GLY A 24 7.44 7.59 6.78
CA GLY A 24 8.37 7.05 7.76
C GLY A 24 9.29 6.02 7.13
N ILE A 25 9.38 6.04 5.80
CA ILE A 25 10.24 5.11 5.09
C ILE A 25 11.69 5.53 5.20
N CYS A 26 12.55 4.59 5.60
CA CYS A 26 13.98 4.85 5.75
C CYS A 26 14.79 3.81 4.98
N CYS A 27 15.82 4.29 4.28
CA CYS A 27 16.68 3.40 3.50
C CYS A 27 15.88 2.27 2.86
N THR A 28 16.46 1.08 2.79
CA THR A 28 15.77 -0.08 2.21
C THR A 28 15.87 -1.28 3.13
N SER A 29 16.61 -1.13 4.23
CA SER A 29 16.77 -2.22 5.19
C SER A 29 15.42 -2.60 5.81
N GLU A 30 14.45 -1.70 5.71
CA GLU A 30 13.11 -1.94 6.25
C GLU A 30 12.27 -2.71 5.25
N VAL A 31 12.79 -2.89 4.04
CA VAL A 31 12.07 -3.64 3.02
C VAL A 31 11.50 -4.93 3.62
N PRO A 32 12.34 -5.79 4.18
CA PRO A 32 11.89 -7.08 4.78
C PRO A 32 10.83 -6.88 5.86
N ILE A 33 11.03 -5.88 6.70
CA ILE A 33 10.09 -5.59 7.77
C ILE A 33 8.74 -5.18 7.20
N ILE A 34 8.76 -4.34 6.18
CA ILE A 34 7.53 -3.86 5.57
C ILE A 34 6.75 -5.03 4.97
N GLU A 35 7.46 -5.90 4.26
CA GLU A 35 6.80 -7.05 3.62
C GLU A 35 6.26 -8.00 4.69
N ASN A 36 6.97 -8.08 5.81
CA ASN A 36 6.55 -8.97 6.90
C ASN A 36 5.21 -8.52 7.48
N ILE A 37 5.02 -7.21 7.58
CA ILE A 37 3.78 -6.67 8.13
C ILE A 37 2.59 -7.07 7.25
N LEU A 38 2.75 -6.94 5.94
CA LEU A 38 1.69 -7.30 5.02
C LEU A 38 1.39 -8.80 5.09
N LYS A 39 2.43 -9.59 5.23
CA LYS A 39 2.27 -11.03 5.29
C LYS A 39 1.33 -11.41 6.44
N SER A 40 1.45 -10.68 7.54
CA SER A 40 0.61 -10.94 8.71
C SER A 40 -0.85 -10.73 8.36
N LEU A 41 -1.13 -9.69 7.58
CA LEU A 41 -2.49 -9.38 7.18
C LEU A 41 -3.04 -10.43 6.22
N ASP A 42 -4.30 -10.80 6.42
CA ASP A 42 -4.95 -11.80 5.56
C ASP A 42 -5.82 -11.12 4.52
N GLY A 43 -5.40 -11.20 3.26
CA GLY A 43 -6.16 -10.60 2.16
C GLY A 43 -5.22 -10.04 1.10
N VAL A 44 -3.98 -9.78 1.49
CA VAL A 44 -3.00 -9.24 0.56
C VAL A 44 -2.53 -10.31 -0.41
N LYS A 45 -2.58 -10.00 -1.70
CA LYS A 45 -2.14 -10.95 -2.73
C LYS A 45 -0.70 -10.70 -3.12
N GLU A 46 -0.36 -9.43 -3.37
CA GLU A 46 1.00 -9.07 -3.74
C GLU A 46 1.30 -7.63 -3.38
N TYR A 47 2.57 -7.31 -3.25
CA TYR A 47 3.00 -5.96 -2.91
C TYR A 47 4.44 -5.71 -3.33
N SER A 48 4.80 -4.45 -3.48
CA SER A 48 6.16 -4.08 -3.88
C SER A 48 6.59 -2.80 -3.19
N VAL A 49 7.80 -2.80 -2.63
CA VAL A 49 8.32 -1.63 -1.94
C VAL A 49 9.29 -0.88 -2.85
N ILE A 50 8.94 0.35 -3.20
CA ILE A 50 9.78 1.18 -4.05
C ILE A 50 10.27 2.41 -3.28
N VAL A 51 11.52 2.34 -2.83
CA VAL A 51 12.12 3.44 -2.09
C VAL A 51 12.49 4.59 -3.03
N PRO A 52 13.00 4.27 -4.20
CA PRO A 52 13.42 5.31 -5.19
C PRO A 52 12.30 6.30 -5.51
N SER A 53 11.07 5.79 -5.54
CA SER A 53 9.90 6.62 -5.84
C SER A 53 9.03 6.78 -4.60
N ARG A 54 9.60 6.48 -3.43
CA ARG A 54 8.86 6.60 -2.16
C ARG A 54 7.39 6.25 -2.35
N THR A 55 7.13 5.21 -3.12
CA THR A 55 5.76 4.77 -3.40
C THR A 55 5.59 3.30 -3.05
N VAL A 56 4.51 2.99 -2.34
CA VAL A 56 4.23 1.61 -1.94
C VAL A 56 2.89 1.19 -2.51
N ILE A 57 2.87 0.03 -3.17
CA ILE A 57 1.64 -0.50 -3.77
C ILE A 57 1.36 -1.89 -3.23
N VAL A 58 0.09 -2.20 -3.03
CA VAL A 58 -0.32 -3.50 -2.52
C VAL A 58 -1.70 -3.88 -3.06
N VAL A 59 -1.86 -5.14 -3.44
CA VAL A 59 -3.14 -5.62 -3.95
C VAL A 59 -3.80 -6.50 -2.90
N HIS A 60 -5.05 -6.18 -2.59
CA HIS A 60 -5.80 -6.93 -1.58
C HIS A 60 -7.30 -6.80 -1.83
N ASP A 61 -8.07 -7.71 -1.23
CA ASP A 61 -9.53 -7.68 -1.38
C ASP A 61 -10.15 -6.74 -0.36
N SER A 62 -10.81 -5.70 -0.85
CA SER A 62 -11.44 -4.73 0.04
C SER A 62 -12.46 -5.39 0.94
N LEU A 63 -13.23 -6.31 0.37
CA LEU A 63 -14.25 -7.01 1.14
C LEU A 63 -13.61 -7.80 2.27
N LEU A 64 -12.59 -8.58 1.95
CA LEU A 64 -11.94 -9.39 2.97
C LEU A 64 -11.22 -8.50 3.98
N ILE A 65 -10.47 -7.52 3.47
CA ILE A 65 -9.73 -6.60 4.34
C ILE A 65 -9.77 -5.19 3.76
N SER A 66 -10.02 -4.21 4.63
CA SER A 66 -10.09 -2.83 4.18
C SER A 66 -8.68 -2.22 4.06
N PRO A 67 -8.52 -1.22 3.24
CA PRO A 67 -7.20 -0.53 3.05
C PRO A 67 -6.72 0.15 4.33
N PHE A 68 -7.66 0.53 5.18
CA PHE A 68 -7.31 1.18 6.44
C PHE A 68 -6.49 0.25 7.33
N GLN A 69 -6.83 -1.03 7.30
CA GLN A 69 -6.12 -2.01 8.11
C GLN A 69 -4.65 -2.08 7.70
N ILE A 70 -4.40 -2.02 6.40
CA ILE A 70 -3.03 -2.08 5.91
C ILE A 70 -2.24 -0.87 6.38
N ALA A 71 -2.85 0.31 6.30
CA ALA A 71 -2.19 1.54 6.72
C ALA A 71 -1.91 1.50 8.22
N LYS A 72 -2.89 1.07 8.99
CA LYS A 72 -2.75 0.98 10.43
C LYS A 72 -1.65 0.00 10.81
N ALA A 73 -1.58 -1.12 10.09
CA ALA A 73 -0.57 -2.13 10.37
C ALA A 73 0.83 -1.52 10.25
N LEU A 74 1.02 -0.67 9.25
CA LEU A 74 2.31 -0.03 9.04
C LEU A 74 2.64 0.92 10.18
N ASN A 75 1.62 1.63 10.66
CA ASN A 75 1.81 2.57 11.75
C ASN A 75 2.28 1.86 13.01
N GLU A 76 1.73 0.67 13.25
CA GLU A 76 2.10 -0.10 14.44
C GLU A 76 3.62 -0.18 14.57
N ALA A 77 4.30 -0.24 13.44
CA ALA A 77 5.75 -0.31 13.43
C ALA A 77 6.35 1.07 13.60
N ARG A 78 5.78 1.87 14.50
CA ARG A 78 6.28 3.23 14.75
C ARG A 78 6.65 3.91 13.44
N LEU A 79 6.06 3.45 12.35
CA LEU A 79 6.36 4.01 11.04
C LEU A 79 5.43 5.20 10.75
N GLU A 80 4.96 5.26 9.51
CA GLU A 80 4.08 6.35 9.10
C GLU A 80 3.56 6.10 7.69
N ALA A 81 2.33 5.62 7.57
CA ALA A 81 1.73 5.35 6.26
C ALA A 81 0.26 5.74 6.26
N ASN A 82 -0.25 6.13 5.10
CA ASN A 82 -1.65 6.51 4.97
C ASN A 82 -2.13 6.30 3.53
N VAL A 83 -3.44 6.18 3.37
CA VAL A 83 -4.03 5.97 2.05
C VAL A 83 -3.91 7.24 1.22
N ARG A 84 -3.73 7.08 -0.09
CA ARG A 84 -3.60 8.21 -0.99
C ARG A 84 -4.58 9.32 -0.60
N VAL A 85 -4.26 10.56 -0.98
CA VAL A 85 -5.13 11.69 -0.66
C VAL A 85 -5.37 12.55 -1.90
N ASN A 86 -6.55 13.16 -1.97
CA ASN A 86 -6.90 14.00 -3.10
C ASN A 86 -5.99 15.22 -3.15
N GLY A 87 -5.68 15.78 -1.99
CA GLY A 87 -4.81 16.97 -1.92
C GLY A 87 -5.64 18.24 -2.02
N GLU A 88 -6.95 18.11 -1.85
CA GLU A 88 -7.83 19.26 -1.93
C GLU A 88 -7.41 20.32 -0.91
N THR A 89 -7.47 21.59 -1.32
CA THR A 89 -7.10 22.69 -0.44
C THR A 89 -8.34 23.40 0.09
N SER A 90 -9.50 22.95 -0.36
CA SER A 90 -10.76 23.55 0.08
C SER A 90 -11.04 23.19 1.53
N PHE A 91 -11.68 24.09 2.25
CA PHE A 91 -12.01 23.85 3.66
C PHE A 91 -13.17 22.87 3.77
N LYS A 92 -14.00 22.81 2.74
CA LYS A 92 -15.14 21.90 2.73
C LYS A 92 -16.02 22.16 3.95
N ASN A 93 -17.12 22.88 3.74
CA ASN A 93 -18.04 23.18 4.83
C ASN A 93 -18.94 21.98 5.11
N LYS A 94 -19.14 21.70 6.39
CA LYS A 94 -19.99 20.57 6.78
C LYS A 94 -19.71 19.35 5.91
N TRP A 95 -20.58 18.35 6.00
CA TRP A 95 -20.41 17.13 5.22
C TRP A 95 -20.90 17.34 3.79
N ALA A 1 -19.80 0.57 -21.89
CA ALA A 1 -20.42 -0.27 -22.95
C ALA A 1 -19.36 -0.63 -24.00
N LEU A 2 -19.59 -0.18 -25.22
CA LEU A 2 -18.64 -0.46 -26.31
C LEU A 2 -18.39 -1.96 -26.41
N GLN A 3 -17.71 -2.37 -27.48
CA GLN A 3 -17.41 -3.78 -27.70
C GLN A 3 -16.06 -4.13 -27.08
N ASN A 4 -15.98 -4.07 -25.75
CA ASN A 4 -14.73 -4.38 -25.04
C ASN A 4 -14.77 -5.81 -24.50
N LYS A 5 -15.77 -6.57 -24.94
CA LYS A 5 -15.91 -7.97 -24.50
C LYS A 5 -15.99 -8.04 -22.97
N GLU A 6 -16.11 -6.87 -22.33
CA GLU A 6 -16.19 -6.81 -20.87
C GLU A 6 -17.58 -7.25 -20.41
N GLU A 7 -18.55 -7.18 -21.30
CA GLU A 7 -19.92 -7.57 -20.97
C GLU A 7 -20.00 -9.07 -20.73
N GLU A 8 -18.99 -9.81 -21.20
CA GLU A 8 -18.98 -11.26 -21.03
C GLU A 8 -19.05 -11.64 -19.56
N LYS A 9 -18.22 -10.99 -18.74
CA LYS A 9 -18.19 -11.27 -17.30
C LYS A 9 -18.94 -10.19 -16.53
N LYS A 10 -20.16 -10.51 -16.13
CA LYS A 10 -20.98 -9.56 -15.38
C LYS A 10 -20.36 -9.28 -14.02
N LYS A 11 -19.87 -10.32 -13.37
CA LYS A 11 -19.24 -10.17 -12.06
C LYS A 11 -17.92 -9.41 -12.18
N VAL A 12 -17.72 -8.44 -11.29
CA VAL A 12 -16.49 -7.65 -11.30
C VAL A 12 -15.38 -8.38 -10.55
N LYS A 13 -14.16 -8.26 -11.06
CA LYS A 13 -13.02 -8.91 -10.42
C LYS A 13 -12.70 -8.25 -9.08
N LYS A 14 -12.42 -9.07 -8.08
CA LYS A 14 -12.11 -8.55 -6.75
C LYS A 14 -10.74 -7.85 -6.75
N LEU A 15 -10.01 -7.96 -5.64
CA LEU A 15 -8.70 -7.34 -5.53
C LEU A 15 -8.79 -5.85 -5.84
N GLN A 16 -8.58 -5.03 -4.82
CA GLN A 16 -8.63 -3.58 -4.98
C GLN A 16 -7.24 -2.99 -4.80
N LYS A 17 -6.74 -2.36 -5.86
CA LYS A 17 -5.41 -1.76 -5.81
C LYS A 17 -5.48 -0.41 -5.09
N SER A 18 -4.48 -0.16 -4.25
CA SER A 18 -4.41 1.08 -3.50
C SER A 18 -2.96 1.46 -3.23
N TYR A 19 -2.71 2.76 -3.08
CA TYR A 19 -1.36 3.26 -2.82
C TYR A 19 -1.27 3.84 -1.41
N PHE A 20 -0.27 3.39 -0.66
CA PHE A 20 -0.06 3.86 0.71
C PHE A 20 1.23 4.66 0.79
N ASP A 21 1.10 5.97 0.92
CA ASP A 21 2.26 6.86 1.02
C ASP A 21 2.71 6.94 2.47
N VAL A 22 3.94 6.50 2.73
CA VAL A 22 4.49 6.52 4.09
C VAL A 22 5.77 7.36 4.11
N LEU A 23 5.84 8.26 5.08
CA LEU A 23 7.01 9.12 5.23
C LEU A 23 7.87 8.67 6.41
N GLY A 24 7.27 7.91 7.32
CA GLY A 24 7.98 7.42 8.48
C GLY A 24 8.83 6.20 8.12
N ILE A 25 9.31 6.16 6.87
CA ILE A 25 10.14 5.06 6.42
C ILE A 25 11.61 5.29 6.80
N CYS A 26 12.18 4.32 7.51
CA CYS A 26 13.58 4.42 7.93
C CYS A 26 14.48 3.71 6.93
N CYS A 27 15.58 4.36 6.55
CA CYS A 27 16.53 3.77 5.60
C CYS A 27 15.80 2.92 4.54
N THR A 28 16.48 1.90 4.01
CA THR A 28 15.89 1.02 3.00
C THR A 28 16.09 -0.45 3.39
N SER A 29 16.76 -0.66 4.52
CA SER A 29 17.04 -2.02 5.00
C SER A 29 15.78 -2.62 5.62
N GLU A 30 14.74 -1.81 5.74
CA GLU A 30 13.47 -2.26 6.33
C GLU A 30 12.63 -2.97 5.28
N VAL A 31 13.16 -3.09 4.06
CA VAL A 31 12.44 -3.79 3.00
C VAL A 31 11.78 -5.06 3.55
N PRO A 32 12.55 -5.98 4.14
CA PRO A 32 11.97 -7.24 4.71
C PRO A 32 10.89 -6.97 5.77
N ILE A 33 11.13 -5.95 6.58
CA ILE A 33 10.17 -5.59 7.63
C ILE A 33 8.86 -5.13 7.01
N ILE A 34 8.96 -4.31 5.97
CA ILE A 34 7.76 -3.79 5.32
C ILE A 34 6.95 -4.93 4.72
N GLU A 35 7.62 -5.86 4.07
CA GLU A 35 6.95 -7.00 3.46
C GLU A 35 6.38 -7.92 4.54
N ASN A 36 7.07 -8.00 5.66
CA ASN A 36 6.64 -8.86 6.77
C ASN A 36 5.30 -8.39 7.32
N ILE A 37 5.11 -7.07 7.40
CA ILE A 37 3.88 -6.52 7.94
C ILE A 37 2.69 -6.92 7.06
N LEU A 38 2.86 -6.78 5.76
CA LEU A 38 1.80 -7.15 4.81
C LEU A 38 1.54 -8.65 4.86
N LYS A 39 2.62 -9.42 4.99
CA LYS A 39 2.49 -10.87 5.04
C LYS A 39 1.57 -11.28 6.18
N SER A 40 1.69 -10.60 7.31
CA SER A 40 0.86 -10.90 8.47
C SER A 40 -0.62 -10.68 8.14
N LEU A 41 -0.90 -9.61 7.41
CA LEU A 41 -2.27 -9.29 7.05
C LEU A 41 -2.83 -10.34 6.10
N ASP A 42 -4.12 -10.64 6.25
CA ASP A 42 -4.78 -11.63 5.41
C ASP A 42 -5.57 -10.95 4.29
N GLY A 43 -5.67 -11.63 3.16
CA GLY A 43 -6.39 -11.09 2.00
C GLY A 43 -5.43 -10.49 0.99
N VAL A 44 -4.23 -10.12 1.45
CA VAL A 44 -3.23 -9.55 0.57
C VAL A 44 -2.73 -10.59 -0.42
N LYS A 45 -2.69 -10.22 -1.69
CA LYS A 45 -2.23 -11.13 -2.75
C LYS A 45 -0.77 -10.88 -3.08
N GLU A 46 -0.42 -9.62 -3.34
CA GLU A 46 0.94 -9.26 -3.68
C GLU A 46 1.21 -7.80 -3.38
N TYR A 47 2.50 -7.45 -3.27
CA TYR A 47 2.90 -6.08 -2.97
C TYR A 47 4.32 -5.83 -3.41
N SER A 48 4.66 -4.56 -3.59
CA SER A 48 6.01 -4.17 -4.01
C SER A 48 6.42 -2.88 -3.32
N VAL A 49 7.66 -2.83 -2.86
CA VAL A 49 8.18 -1.64 -2.18
C VAL A 49 9.09 -0.87 -3.11
N ILE A 50 8.65 0.31 -3.53
CA ILE A 50 9.44 1.14 -4.44
C ILE A 50 10.16 2.23 -3.66
N VAL A 51 11.48 2.09 -3.56
CA VAL A 51 12.31 3.07 -2.87
C VAL A 51 12.50 4.35 -3.70
N PRO A 52 12.75 4.22 -5.00
CA PRO A 52 12.98 5.41 -5.87
C PRO A 52 11.73 6.27 -6.06
N SER A 53 10.57 5.71 -5.74
CA SER A 53 9.30 6.42 -5.89
C SER A 53 8.63 6.59 -4.53
N ARG A 54 9.29 6.13 -3.48
CA ARG A 54 8.75 6.24 -2.13
C ARG A 54 7.26 5.89 -2.11
N THR A 55 6.83 5.11 -3.11
CA THR A 55 5.43 4.71 -3.21
C THR A 55 5.30 3.22 -2.94
N VAL A 56 4.30 2.87 -2.13
CA VAL A 56 4.07 1.46 -1.79
C VAL A 56 2.79 0.98 -2.46
N ILE A 57 2.88 -0.17 -3.13
CA ILE A 57 1.73 -0.76 -3.83
C ILE A 57 1.42 -2.14 -3.27
N VAL A 58 0.15 -2.36 -2.96
CA VAL A 58 -0.29 -3.64 -2.42
C VAL A 58 -1.66 -4.01 -2.97
N VAL A 59 -1.80 -5.26 -3.40
CA VAL A 59 -3.06 -5.76 -3.95
C VAL A 59 -3.77 -6.62 -2.92
N HIS A 60 -4.97 -6.22 -2.52
CA HIS A 60 -5.74 -6.96 -1.53
C HIS A 60 -7.24 -6.79 -1.79
N ASP A 61 -8.02 -7.76 -1.35
CA ASP A 61 -9.47 -7.71 -1.52
C ASP A 61 -10.08 -6.85 -0.42
N SER A 62 -10.86 -5.85 -0.84
CA SER A 62 -11.50 -4.95 0.11
C SER A 62 -12.39 -5.74 1.07
N LEU A 63 -13.10 -6.73 0.54
CA LEU A 63 -13.99 -7.52 1.37
C LEU A 63 -13.22 -8.23 2.48
N LEU A 64 -12.17 -8.94 2.11
CA LEU A 64 -11.37 -9.67 3.10
C LEU A 64 -10.66 -8.71 4.03
N ILE A 65 -10.08 -7.65 3.45
CA ILE A 65 -9.38 -6.66 4.23
C ILE A 65 -9.47 -5.30 3.57
N SER A 66 -9.78 -4.26 4.35
CA SER A 66 -9.91 -2.92 3.80
C SER A 66 -8.56 -2.18 3.86
N PRO A 67 -8.40 -1.11 3.10
CA PRO A 67 -7.14 -0.31 3.10
C PRO A 67 -6.76 0.19 4.49
N PHE A 68 -7.77 0.52 5.29
CA PHE A 68 -7.54 1.03 6.63
C PHE A 68 -6.71 0.04 7.44
N GLN A 69 -7.00 -1.24 7.30
CA GLN A 69 -6.28 -2.26 8.04
C GLN A 69 -4.80 -2.22 7.68
N ILE A 70 -4.50 -2.09 6.39
CA ILE A 70 -3.12 -2.05 5.94
C ILE A 70 -2.42 -0.80 6.47
N ALA A 71 -3.12 0.33 6.40
CA ALA A 71 -2.55 1.59 6.87
C ALA A 71 -2.27 1.53 8.37
N LYS A 72 -3.21 0.96 9.11
CA LYS A 72 -3.06 0.83 10.56
C LYS A 72 -1.88 -0.07 10.89
N ALA A 73 -1.72 -1.15 10.13
CA ALA A 73 -0.63 -2.09 10.37
C ALA A 73 0.71 -1.40 10.24
N LEU A 74 0.87 -0.60 9.19
CA LEU A 74 2.11 0.12 8.96
C LEU A 74 2.38 1.13 10.08
N ASN A 75 1.31 1.78 10.53
CA ASN A 75 1.46 2.76 11.60
C ASN A 75 2.04 2.13 12.85
N GLU A 76 1.63 0.89 13.13
CA GLU A 76 2.13 0.19 14.31
C GLU A 76 3.65 0.09 14.26
N ALA A 77 4.20 -0.03 13.05
CA ALA A 77 5.65 -0.13 12.87
C ALA A 77 6.27 1.26 12.80
N ARG A 78 5.69 2.20 13.55
CA ARG A 78 6.20 3.57 13.56
C ARG A 78 6.25 4.14 12.14
N LEU A 79 5.52 3.51 11.21
CA LEU A 79 5.50 3.96 9.82
C LEU A 79 4.17 4.65 9.52
N GLU A 80 4.18 5.97 9.57
CA GLU A 80 2.99 6.76 9.28
C GLU A 80 2.57 6.57 7.83
N ALA A 81 1.73 5.58 7.57
CA ALA A 81 1.27 5.31 6.21
C ALA A 81 -0.13 5.90 6.00
N ASN A 82 -0.30 6.60 4.87
CA ASN A 82 -1.58 7.22 4.55
C ASN A 82 -1.98 6.90 3.12
N VAL A 83 -3.27 6.63 2.91
CA VAL A 83 -3.77 6.31 1.58
C VAL A 83 -3.98 7.57 0.77
N ARG A 84 -3.14 7.75 -0.25
CA ARG A 84 -3.23 8.93 -1.12
C ARG A 84 -3.57 10.18 -0.30
N VAL A 85 -2.53 10.84 0.20
CA VAL A 85 -2.73 12.05 1.00
C VAL A 85 -3.30 13.18 0.15
N ASN A 86 -4.27 13.89 0.69
CA ASN A 86 -4.90 14.99 -0.03
C ASN A 86 -3.92 16.14 -0.20
N GLY A 87 -3.71 16.56 -1.44
CA GLY A 87 -2.78 17.66 -1.72
C GLY A 87 -3.48 19.01 -1.56
N GLU A 88 -4.81 18.99 -1.55
CA GLU A 88 -5.58 20.22 -1.41
C GLU A 88 -5.26 20.90 -0.08
N THR A 89 -5.48 20.19 1.01
CA THR A 89 -5.20 20.71 2.35
C THR A 89 -5.91 22.06 2.54
N SER A 90 -6.00 22.51 3.79
CA SER A 90 -6.65 23.78 4.09
C SER A 90 -6.05 24.38 5.36
N PHE A 91 -5.53 25.60 5.24
CA PHE A 91 -4.93 26.28 6.38
C PHE A 91 -4.90 27.79 6.13
N LYS A 92 -4.75 28.55 7.21
CA LYS A 92 -4.70 30.01 7.11
C LYS A 92 -3.59 30.57 7.99
N ASN A 93 -2.88 31.57 7.49
CA ASN A 93 -1.77 32.19 8.23
C ASN A 93 -2.21 33.54 8.79
N LYS A 94 -1.71 33.86 9.98
CA LYS A 94 -2.06 35.12 10.62
C LYS A 94 -1.33 36.29 9.94
N TRP A 95 -2.03 37.41 9.80
CA TRP A 95 -1.46 38.58 9.16
C TRP A 95 -0.66 39.40 10.17
N ALA A 1 -2.67 -0.63 -36.43
CA ALA A 1 -3.87 -0.30 -35.59
C ALA A 1 -3.48 -0.36 -34.13
N LEU A 2 -4.44 -0.08 -33.25
CA LEU A 2 -4.19 -0.10 -31.81
C LEU A 2 -4.69 -1.40 -31.20
N GLN A 3 -3.82 -2.08 -30.47
CA GLN A 3 -4.19 -3.34 -29.83
C GLN A 3 -5.24 -3.11 -28.76
N ASN A 4 -6.17 -4.05 -28.62
CA ASN A 4 -7.23 -3.94 -27.63
C ASN A 4 -6.74 -4.44 -26.27
N LYS A 5 -6.50 -3.51 -25.35
CA LYS A 5 -6.04 -3.86 -24.02
C LYS A 5 -7.21 -4.30 -23.15
N GLU A 6 -8.43 -4.08 -23.64
CA GLU A 6 -9.62 -4.45 -22.90
C GLU A 6 -9.67 -5.96 -22.68
N GLU A 7 -9.15 -6.72 -23.64
CA GLU A 7 -9.14 -8.17 -23.54
C GLU A 7 -8.41 -8.61 -22.27
N GLU A 8 -7.26 -8.00 -22.01
CA GLU A 8 -6.49 -8.33 -20.82
C GLU A 8 -7.20 -7.86 -19.56
N LYS A 9 -7.87 -6.72 -19.66
CA LYS A 9 -8.59 -6.16 -18.53
C LYS A 9 -7.65 -5.97 -17.34
N LYS A 10 -7.42 -4.72 -16.97
CA LYS A 10 -6.54 -4.40 -15.85
C LYS A 10 -7.15 -4.89 -14.54
N LYS A 11 -8.48 -4.86 -14.46
CA LYS A 11 -9.17 -5.30 -13.25
C LYS A 11 -9.00 -6.80 -13.06
N VAL A 12 -8.62 -7.20 -11.84
CA VAL A 12 -8.42 -8.62 -11.53
C VAL A 12 -9.56 -9.13 -10.66
N LYS A 13 -10.30 -10.11 -11.18
CA LYS A 13 -11.42 -10.68 -10.45
C LYS A 13 -12.20 -9.59 -9.74
N LYS A 14 -11.82 -9.30 -8.49
CA LYS A 14 -12.50 -8.28 -7.70
C LYS A 14 -11.53 -7.64 -6.71
N LEU A 15 -10.26 -7.61 -7.08
CA LEU A 15 -9.24 -7.02 -6.21
C LEU A 15 -9.22 -5.51 -6.37
N GLN A 16 -9.02 -4.80 -5.26
CA GLN A 16 -8.98 -3.34 -5.28
C GLN A 16 -7.58 -2.86 -4.94
N LYS A 17 -6.89 -2.30 -5.94
CA LYS A 17 -5.54 -1.79 -5.74
C LYS A 17 -5.59 -0.43 -5.07
N SER A 18 -4.78 -0.26 -4.02
CA SER A 18 -4.73 1.01 -3.30
C SER A 18 -3.28 1.42 -3.07
N TYR A 19 -3.02 2.72 -3.17
CA TYR A 19 -1.67 3.25 -2.98
C TYR A 19 -1.57 3.95 -1.64
N PHE A 20 -0.56 3.57 -0.86
CA PHE A 20 -0.34 4.17 0.46
C PHE A 20 0.91 5.05 0.45
N ASP A 21 0.77 6.27 0.97
CA ASP A 21 1.89 7.20 1.02
C ASP A 21 2.56 7.15 2.39
N VAL A 22 3.78 6.65 2.43
CA VAL A 22 4.54 6.55 3.68
C VAL A 22 5.76 7.46 3.64
N LEU A 23 5.84 8.36 4.61
CA LEU A 23 6.97 9.30 4.68
C LEU A 23 7.91 8.91 5.81
N GLY A 24 7.51 7.91 6.60
CA GLY A 24 8.33 7.44 7.71
C GLY A 24 9.26 6.33 7.26
N ILE A 25 9.47 6.22 5.96
CA ILE A 25 10.34 5.18 5.42
C ILE A 25 11.77 5.67 5.35
N CYS A 26 12.69 4.87 5.89
CA CYS A 26 14.12 5.21 5.87
C CYS A 26 14.95 4.03 5.42
N CYS A 27 16.17 4.30 4.96
CA CYS A 27 17.06 3.25 4.50
C CYS A 27 16.32 2.28 3.59
N THR A 28 16.92 1.12 3.36
CA THR A 28 16.31 0.10 2.50
C THR A 28 16.27 -1.25 3.21
N SER A 29 16.85 -1.30 4.41
CA SER A 29 16.89 -2.54 5.17
C SER A 29 15.53 -2.84 5.78
N GLU A 30 14.61 -1.88 5.68
CA GLU A 30 13.26 -2.03 6.23
C GLU A 30 12.34 -2.68 5.21
N VAL A 31 12.85 -2.87 4.00
CA VAL A 31 12.07 -3.51 2.96
C VAL A 31 11.49 -4.84 3.46
N PRO A 32 12.32 -5.72 3.95
CA PRO A 32 11.86 -7.05 4.46
C PRO A 32 10.84 -6.92 5.57
N ILE A 33 11.05 -5.94 6.44
CA ILE A 33 10.14 -5.72 7.56
C ILE A 33 8.76 -5.33 7.06
N ILE A 34 8.73 -4.45 6.05
CA ILE A 34 7.46 -4.00 5.49
C ILE A 34 6.71 -5.17 4.87
N GLU A 35 7.43 -5.99 4.11
CA GLU A 35 6.80 -7.14 3.46
C GLU A 35 6.27 -8.11 4.51
N ASN A 36 6.96 -8.20 5.63
CA ASN A 36 6.55 -9.10 6.70
C ASN A 36 5.21 -8.66 7.29
N ILE A 37 5.04 -7.35 7.42
CA ILE A 37 3.81 -6.80 7.98
C ILE A 37 2.60 -7.16 7.09
N LEU A 38 2.78 -7.01 5.79
CA LEU A 38 1.71 -7.33 4.84
C LEU A 38 1.39 -8.81 4.90
N LYS A 39 2.42 -9.63 5.04
CA LYS A 39 2.22 -11.06 5.08
C LYS A 39 1.29 -11.43 6.23
N SER A 40 1.46 -10.76 7.37
CA SER A 40 0.63 -11.03 8.53
C SER A 40 -0.83 -10.75 8.22
N LEU A 41 -1.08 -9.76 7.37
CA LEU A 41 -2.43 -9.41 6.99
C LEU A 41 -3.01 -10.44 6.05
N ASP A 42 -4.33 -10.66 6.14
CA ASP A 42 -5.00 -11.63 5.29
C ASP A 42 -5.73 -10.92 4.15
N GLY A 43 -5.69 -11.51 2.97
CA GLY A 43 -6.35 -10.94 1.79
C GLY A 43 -5.33 -10.36 0.84
N VAL A 44 -4.11 -10.13 1.33
CA VAL A 44 -3.05 -9.58 0.49
C VAL A 44 -2.60 -10.61 -0.54
N LYS A 45 -2.51 -10.18 -1.80
CA LYS A 45 -2.10 -11.07 -2.88
C LYS A 45 -0.65 -10.80 -3.27
N GLU A 46 -0.34 -9.54 -3.51
CA GLU A 46 1.02 -9.16 -3.90
C GLU A 46 1.30 -7.72 -3.51
N TYR A 47 2.58 -7.40 -3.36
CA TYR A 47 3.00 -6.06 -2.98
C TYR A 47 4.46 -5.82 -3.34
N SER A 48 4.85 -4.55 -3.42
CA SER A 48 6.23 -4.20 -3.74
C SER A 48 6.62 -2.90 -3.05
N VAL A 49 7.83 -2.86 -2.52
CA VAL A 49 8.34 -1.66 -1.83
C VAL A 49 9.43 -1.01 -2.67
N ILE A 50 9.18 0.24 -3.07
CA ILE A 50 10.15 0.98 -3.85
C ILE A 50 10.78 2.09 -3.02
N VAL A 51 12.07 1.96 -2.74
CA VAL A 51 12.78 2.95 -1.96
C VAL A 51 13.06 4.21 -2.79
N PRO A 52 13.53 4.04 -4.00
CA PRO A 52 13.87 5.18 -4.90
C PRO A 52 12.65 5.96 -5.34
N SER A 53 11.47 5.39 -5.11
CA SER A 53 10.22 6.04 -5.49
C SER A 53 9.33 6.25 -4.29
N ARG A 54 9.88 6.00 -3.10
CA ARG A 54 9.12 6.17 -1.86
C ARG A 54 7.65 5.87 -2.07
N THR A 55 7.37 4.89 -2.93
CA THR A 55 6.00 4.51 -3.24
C THR A 55 5.77 3.03 -2.93
N VAL A 56 4.68 2.74 -2.24
CA VAL A 56 4.35 1.36 -1.87
C VAL A 56 3.02 0.96 -2.49
N ILE A 57 2.99 -0.23 -3.08
CA ILE A 57 1.77 -0.74 -3.71
C ILE A 57 1.45 -2.13 -3.15
N VAL A 58 0.15 -2.38 -2.94
CA VAL A 58 -0.29 -3.68 -2.43
C VAL A 58 -1.68 -4.01 -2.95
N VAL A 59 -1.87 -5.25 -3.37
CA VAL A 59 -3.17 -5.71 -3.86
C VAL A 59 -3.81 -6.63 -2.84
N HIS A 60 -5.06 -6.33 -2.49
CA HIS A 60 -5.79 -7.14 -1.50
C HIS A 60 -7.29 -7.05 -1.75
N ASP A 61 -8.03 -8.00 -1.18
CA ASP A 61 -9.48 -8.02 -1.34
C ASP A 61 -10.14 -7.02 -0.39
N SER A 62 -10.77 -6.01 -0.95
CA SER A 62 -11.42 -4.98 -0.14
C SER A 62 -12.46 -5.61 0.78
N LEU A 63 -13.15 -6.62 0.28
CA LEU A 63 -14.16 -7.30 1.07
C LEU A 63 -13.53 -8.02 2.26
N LEU A 64 -12.51 -8.82 1.98
CA LEU A 64 -11.85 -9.58 3.03
C LEU A 64 -11.16 -8.63 4.01
N ILE A 65 -10.43 -7.67 3.47
CA ILE A 65 -9.71 -6.70 4.29
C ILE A 65 -9.75 -5.32 3.65
N SER A 66 -9.92 -4.30 4.48
CA SER A 66 -9.97 -2.93 3.98
C SER A 66 -8.57 -2.31 3.99
N PRO A 67 -8.39 -1.25 3.23
CA PRO A 67 -7.09 -0.54 3.16
C PRO A 67 -6.71 0.11 4.49
N PHE A 68 -7.71 0.42 5.30
CA PHE A 68 -7.47 1.04 6.61
C PHE A 68 -6.63 0.12 7.48
N GLN A 69 -6.89 -1.18 7.40
CA GLN A 69 -6.16 -2.15 8.20
C GLN A 69 -4.69 -2.18 7.79
N ILE A 70 -4.45 -2.12 6.49
CA ILE A 70 -3.09 -2.13 5.97
C ILE A 70 -2.34 -0.88 6.44
N ALA A 71 -2.99 0.27 6.36
CA ALA A 71 -2.38 1.52 6.79
C ALA A 71 -2.08 1.49 8.28
N LYS A 72 -3.01 0.97 9.06
CA LYS A 72 -2.83 0.87 10.50
C LYS A 72 -1.65 -0.03 10.84
N ALA A 73 -1.50 -1.12 10.08
CA ALA A 73 -0.41 -2.05 10.31
C ALA A 73 0.94 -1.36 10.12
N LEU A 74 1.00 -0.49 9.11
CA LEU A 74 2.24 0.24 8.84
C LEU A 74 2.58 1.19 9.97
N ASN A 75 1.56 1.85 10.51
CA ASN A 75 1.76 2.80 11.60
C ASN A 75 2.35 2.09 12.81
N GLU A 76 1.88 0.87 13.08
CA GLU A 76 2.37 0.11 14.22
C GLU A 76 3.89 0.05 14.21
N ALA A 77 4.47 -0.13 13.04
CA ALA A 77 5.93 -0.20 12.90
C ALA A 77 6.53 1.19 12.88
N ARG A 78 5.92 2.11 13.61
CA ARG A 78 6.40 3.49 13.66
C ARG A 78 6.51 4.07 12.26
N LEU A 79 5.87 3.42 11.29
CA LEU A 79 5.89 3.89 9.90
C LEU A 79 4.58 4.56 9.55
N GLU A 80 4.54 5.87 9.71
CA GLU A 80 3.34 6.63 9.39
C GLU A 80 3.03 6.53 7.90
N ALA A 81 1.81 6.11 7.58
CA ALA A 81 1.39 5.97 6.18
C ALA A 81 -0.10 6.22 6.06
N ASN A 82 -0.49 6.88 4.97
CA ASN A 82 -1.90 7.18 4.72
C ASN A 82 -2.29 6.84 3.29
N VAL A 83 -3.53 6.40 3.11
CA VAL A 83 -4.02 6.06 1.78
C VAL A 83 -3.96 7.28 0.86
N ARG A 84 -3.70 7.04 -0.42
CA ARG A 84 -3.61 8.13 -1.39
C ARG A 84 -4.69 9.17 -1.12
N VAL A 85 -4.32 10.45 -1.22
CA VAL A 85 -5.26 11.54 -0.97
C VAL A 85 -5.66 12.20 -2.28
N ASN A 86 -6.96 12.34 -2.50
CA ASN A 86 -7.47 12.96 -3.72
C ASN A 86 -7.63 14.46 -3.52
N GLY A 87 -7.15 14.96 -2.39
CA GLY A 87 -7.25 16.39 -2.08
C GLY A 87 -8.47 16.68 -1.23
N GLU A 88 -8.42 17.76 -0.47
CA GLU A 88 -9.53 18.15 0.39
C GLU A 88 -9.31 19.55 0.96
N THR A 89 -10.32 20.40 0.83
CA THR A 89 -10.23 21.76 1.34
C THR A 89 -10.02 21.75 2.85
N SER A 90 -10.80 20.92 3.55
CA SER A 90 -10.70 20.83 5.00
C SER A 90 -10.58 22.22 5.62
N PHE A 91 -11.70 22.78 6.05
CA PHE A 91 -11.71 24.10 6.66
C PHE A 91 -12.92 24.27 7.56
N LYS A 92 -14.01 23.60 7.22
CA LYS A 92 -15.24 23.68 8.00
C LYS A 92 -15.04 23.01 9.35
N ASN A 93 -15.39 23.72 10.43
CA ASN A 93 -15.25 23.18 11.77
C ASN A 93 -16.27 23.81 12.70
N LYS A 94 -16.73 23.04 13.69
CA LYS A 94 -17.71 23.53 14.64
C LYS A 94 -17.04 24.44 15.67
N TRP A 95 -17.65 25.60 15.91
CA TRP A 95 -17.11 26.56 16.88
C TRP A 95 -17.52 26.17 18.29
N ALA A 1 4.34 1.89 -24.85
CA ALA A 1 3.36 2.79 -25.52
C ALA A 1 3.13 2.31 -26.95
N LEU A 2 4.21 1.85 -27.60
CA LEU A 2 4.11 1.37 -28.97
C LEU A 2 3.61 -0.08 -28.99
N GLN A 3 2.58 -0.33 -29.78
CA GLN A 3 2.03 -1.67 -29.89
C GLN A 3 1.91 -2.32 -28.51
N ASN A 4 1.07 -1.74 -27.67
CA ASN A 4 0.87 -2.27 -26.32
C ASN A 4 -0.25 -3.29 -26.31
N LYS A 5 -1.41 -2.90 -25.75
CA LYS A 5 -2.56 -3.80 -25.69
C LYS A 5 -2.31 -4.92 -24.68
N GLU A 6 -1.10 -5.47 -24.71
CA GLU A 6 -0.74 -6.55 -23.81
C GLU A 6 -0.66 -6.03 -22.37
N GLU A 7 -0.21 -4.79 -22.22
CA GLU A 7 -0.09 -4.18 -20.90
C GLU A 7 -1.44 -4.18 -20.19
N GLU A 8 -2.51 -4.29 -20.97
CA GLU A 8 -3.85 -4.29 -20.40
C GLU A 8 -3.99 -5.37 -19.34
N LYS A 9 -3.03 -6.29 -19.31
CA LYS A 9 -3.05 -7.38 -18.34
C LYS A 9 -2.98 -6.83 -16.92
N LYS A 10 -2.33 -5.68 -16.77
CA LYS A 10 -2.20 -5.06 -15.45
C LYS A 10 -3.57 -4.74 -14.88
N LYS A 11 -4.46 -4.22 -15.72
CA LYS A 11 -5.80 -3.88 -15.28
C LYS A 11 -6.57 -5.13 -14.92
N VAL A 12 -7.25 -5.10 -13.76
CA VAL A 12 -8.03 -6.25 -13.31
C VAL A 12 -9.34 -5.77 -12.68
N LYS A 13 -10.44 -6.44 -13.03
CA LYS A 13 -11.75 -6.08 -12.51
C LYS A 13 -11.83 -6.35 -11.01
N LYS A 14 -11.32 -7.51 -10.61
CA LYS A 14 -11.34 -7.90 -9.20
C LYS A 14 -10.17 -7.26 -8.47
N LEU A 15 -10.12 -7.46 -7.16
CA LEU A 15 -9.05 -6.90 -6.33
C LEU A 15 -9.03 -5.38 -6.48
N GLN A 16 -8.75 -4.69 -5.37
CA GLN A 16 -8.70 -3.23 -5.37
C GLN A 16 -7.31 -2.74 -5.01
N LYS A 17 -6.65 -2.11 -5.96
CA LYS A 17 -5.31 -1.58 -5.74
C LYS A 17 -5.39 -0.26 -4.98
N SER A 18 -4.47 -0.07 -4.05
CA SER A 18 -4.44 1.16 -3.25
C SER A 18 -3.01 1.63 -3.05
N TYR A 19 -2.81 2.94 -3.03
CA TYR A 19 -1.49 3.52 -2.83
C TYR A 19 -1.31 3.98 -1.39
N PHE A 20 -0.23 3.52 -0.77
CA PHE A 20 0.06 3.88 0.63
C PHE A 20 1.39 4.63 0.69
N ASP A 21 1.36 5.85 1.22
CA ASP A 21 2.57 6.65 1.33
C ASP A 21 3.25 6.42 2.68
N VAL A 22 4.42 5.77 2.65
CA VAL A 22 5.16 5.48 3.88
C VAL A 22 6.27 6.49 4.09
N LEU A 23 5.95 7.59 4.76
CA LEU A 23 6.94 8.63 5.02
C LEU A 23 8.02 8.12 5.95
N GLY A 24 7.63 7.35 6.96
CA GLY A 24 8.60 6.80 7.92
C GLY A 24 9.44 5.70 7.28
N ILE A 25 9.71 5.85 5.98
CA ILE A 25 10.52 4.87 5.26
C ILE A 25 11.99 5.23 5.34
N CYS A 26 12.82 4.27 5.75
CA CYS A 26 14.26 4.49 5.88
C CYS A 26 15.02 3.53 4.97
N CYS A 27 15.93 4.08 4.16
CA CYS A 27 16.73 3.26 3.26
C CYS A 27 15.87 2.17 2.60
N THR A 28 16.53 1.21 1.96
CA THR A 28 15.83 0.11 1.29
C THR A 28 15.97 -1.17 2.11
N SER A 29 16.86 -1.15 3.09
CA SER A 29 17.08 -2.31 3.94
C SER A 29 15.87 -2.59 4.81
N GLU A 30 14.93 -1.63 4.85
CA GLU A 30 13.72 -1.78 5.64
C GLU A 30 12.61 -2.44 4.82
N VAL A 31 12.96 -2.91 3.63
CA VAL A 31 11.97 -3.56 2.77
C VAL A 31 11.39 -4.81 3.45
N PRO A 32 12.21 -5.60 4.12
CA PRO A 32 11.75 -6.85 4.80
C PRO A 32 10.71 -6.55 5.88
N ILE A 33 10.90 -5.45 6.60
CA ILE A 33 9.98 -5.06 7.66
C ILE A 33 8.61 -4.72 7.08
N ILE A 34 8.60 -3.96 5.99
CA ILE A 34 7.34 -3.56 5.37
C ILE A 34 6.58 -4.79 4.88
N GLU A 35 7.30 -5.71 4.25
CA GLU A 35 6.67 -6.92 3.74
C GLU A 35 6.16 -7.79 4.88
N ASN A 36 6.85 -7.74 6.01
CA ASN A 36 6.45 -8.55 7.16
C ASN A 36 5.05 -8.15 7.65
N ILE A 37 4.77 -6.85 7.65
CA ILE A 37 3.47 -6.38 8.09
C ILE A 37 2.36 -6.88 7.18
N LEU A 38 2.57 -6.78 5.87
CA LEU A 38 1.58 -7.25 4.91
C LEU A 38 1.37 -8.75 5.05
N LYS A 39 2.46 -9.48 5.26
CA LYS A 39 2.37 -10.93 5.42
C LYS A 39 1.45 -11.28 6.57
N SER A 40 1.54 -10.51 7.66
CA SER A 40 0.70 -10.75 8.82
C SER A 40 -0.77 -10.61 8.47
N LEU A 41 -1.08 -9.66 7.58
CA LEU A 41 -2.45 -9.42 7.16
C LEU A 41 -2.94 -10.54 6.24
N ASP A 42 -4.20 -10.92 6.41
CA ASP A 42 -4.80 -11.98 5.59
C ASP A 42 -5.69 -11.39 4.50
N GLY A 43 -5.22 -11.44 3.26
CA GLY A 43 -5.98 -10.90 2.13
C GLY A 43 -5.04 -10.32 1.07
N VAL A 44 -3.78 -10.13 1.45
CA VAL A 44 -2.80 -9.57 0.53
C VAL A 44 -2.33 -10.64 -0.45
N LYS A 45 -2.40 -10.32 -1.74
CA LYS A 45 -1.97 -11.25 -2.78
C LYS A 45 -0.54 -10.96 -3.22
N GLU A 46 -0.27 -9.67 -3.46
CA GLU A 46 1.07 -9.26 -3.90
C GLU A 46 1.32 -7.79 -3.58
N TYR A 47 2.59 -7.43 -3.47
CA TYR A 47 2.96 -6.06 -3.15
C TYR A 47 4.38 -5.76 -3.62
N SER A 48 4.68 -4.47 -3.78
CA SER A 48 6.01 -4.04 -4.24
C SER A 48 6.41 -2.76 -3.52
N VAL A 49 7.66 -2.69 -3.09
CA VAL A 49 8.16 -1.50 -2.40
C VAL A 49 9.03 -0.68 -3.34
N ILE A 50 8.58 0.55 -3.62
CA ILE A 50 9.33 1.43 -4.52
C ILE A 50 10.00 2.55 -3.73
N VAL A 51 11.29 2.38 -3.47
CA VAL A 51 12.08 3.37 -2.76
C VAL A 51 12.42 4.54 -3.70
N PRO A 52 12.66 4.31 -4.98
CA PRO A 52 13.03 5.42 -5.91
C PRO A 52 11.84 6.32 -6.26
N SER A 53 10.63 5.86 -5.92
CA SER A 53 9.41 6.64 -6.19
C SER A 53 8.66 6.91 -4.89
N ARG A 54 9.21 6.43 -3.78
CA ARG A 54 8.56 6.63 -2.48
C ARG A 54 7.08 6.26 -2.54
N THR A 55 6.78 5.18 -3.26
CA THR A 55 5.40 4.71 -3.40
C THR A 55 5.31 3.23 -3.10
N VAL A 56 4.23 2.82 -2.43
CA VAL A 56 4.02 1.41 -2.08
C VAL A 56 2.72 0.92 -2.71
N ILE A 57 2.79 -0.24 -3.36
CA ILE A 57 1.63 -0.84 -4.01
C ILE A 57 1.34 -2.21 -3.44
N VAL A 58 0.09 -2.44 -3.06
CA VAL A 58 -0.32 -3.73 -2.49
C VAL A 58 -1.70 -4.11 -3.00
N VAL A 59 -1.84 -5.36 -3.42
CA VAL A 59 -3.12 -5.87 -3.93
C VAL A 59 -3.76 -6.77 -2.89
N HIS A 60 -5.00 -6.48 -2.55
CA HIS A 60 -5.72 -7.27 -1.55
C HIS A 60 -7.22 -7.17 -1.76
N ASP A 61 -7.94 -8.20 -1.35
CA ASP A 61 -9.40 -8.22 -1.49
C ASP A 61 -10.03 -7.21 -0.56
N SER A 62 -10.75 -6.25 -1.13
CA SER A 62 -11.40 -5.22 -0.34
C SER A 62 -12.41 -5.83 0.63
N LEU A 63 -13.18 -6.79 0.14
CA LEU A 63 -14.18 -7.43 0.98
C LEU A 63 -13.53 -8.16 2.15
N LEU A 64 -12.49 -8.94 1.87
CA LEU A 64 -11.81 -9.68 2.92
C LEU A 64 -11.11 -8.72 3.88
N ILE A 65 -10.39 -7.75 3.32
CA ILE A 65 -9.67 -6.76 4.13
C ILE A 65 -9.68 -5.40 3.45
N SER A 66 -9.86 -4.34 4.24
CA SER A 66 -9.90 -2.98 3.70
C SER A 66 -8.51 -2.35 3.74
N PRO A 67 -8.30 -1.31 2.97
CA PRO A 67 -6.98 -0.60 2.92
C PRO A 67 -6.66 0.08 4.25
N PHE A 68 -7.69 0.40 5.02
CA PHE A 68 -7.49 1.06 6.31
C PHE A 68 -6.70 0.16 7.25
N GLN A 69 -6.97 -1.14 7.19
CA GLN A 69 -6.27 -2.09 8.04
C GLN A 69 -4.79 -2.16 7.67
N ILE A 70 -4.50 -2.09 6.37
CA ILE A 70 -3.12 -2.15 5.91
C ILE A 70 -2.34 -0.95 6.42
N ALA A 71 -2.94 0.23 6.33
CA ALA A 71 -2.29 1.45 6.79
C ALA A 71 -2.09 1.42 8.29
N LYS A 72 -3.09 0.92 9.00
CA LYS A 72 -3.03 0.84 10.45
C LYS A 72 -1.90 -0.10 10.88
N ALA A 73 -1.77 -1.22 10.17
CA ALA A 73 -0.73 -2.18 10.50
C ALA A 73 0.65 -1.55 10.38
N LEU A 74 0.85 -0.78 9.31
CA LEU A 74 2.12 -0.11 9.08
C LEU A 74 2.37 0.94 10.15
N ASN A 75 1.31 1.65 10.55
CA ASN A 75 1.43 2.69 11.56
C ASN A 75 1.94 2.10 12.87
N GLU A 76 1.46 0.92 13.21
CA GLU A 76 1.88 0.26 14.44
C GLU A 76 3.38 0.05 14.46
N ALA A 77 3.97 -0.09 13.27
CA ALA A 77 5.41 -0.29 13.16
C ALA A 77 6.15 1.04 13.33
N ARG A 78 5.40 2.12 13.49
CA ARG A 78 5.99 3.44 13.66
C ARG A 78 6.62 3.95 12.36
N LEU A 79 6.08 3.50 11.22
CA LEU A 79 6.58 3.92 9.91
C LEU A 79 5.70 5.02 9.33
N GLU A 80 4.67 5.41 10.08
CA GLU A 80 3.76 6.47 9.63
C GLU A 80 3.39 6.26 8.17
N ALA A 81 2.21 5.65 7.93
CA ALA A 81 1.75 5.39 6.57
C ALA A 81 0.27 5.69 6.45
N ASN A 82 -0.15 6.12 5.27
CA ASN A 82 -1.55 6.43 5.02
C ASN A 82 -1.89 6.26 3.55
N VAL A 83 -3.18 6.26 3.23
CA VAL A 83 -3.63 6.09 1.86
C VAL A 83 -3.67 7.43 1.14
N ARG A 84 -3.43 7.42 -0.16
CA ARG A 84 -3.44 8.65 -0.95
C ARG A 84 -4.62 9.52 -0.57
N VAL A 85 -4.41 10.84 -0.54
CA VAL A 85 -5.46 11.77 -0.18
C VAL A 85 -6.36 12.05 -1.39
N ASN A 86 -7.67 11.90 -1.19
CA ASN A 86 -8.65 12.14 -2.26
C ASN A 86 -9.46 13.39 -1.97
N GLY A 87 -10.19 13.37 -0.86
CA GLY A 87 -11.00 14.51 -0.48
C GLY A 87 -11.99 14.14 0.63
N GLU A 88 -12.78 15.11 1.06
CA GLU A 88 -13.77 14.87 2.11
C GLU A 88 -14.85 13.91 1.63
N THR A 89 -15.27 14.08 0.37
CA THR A 89 -16.30 13.22 -0.20
C THR A 89 -17.49 13.11 0.75
N SER A 90 -18.54 13.88 0.47
CA SER A 90 -19.74 13.86 1.30
C SER A 90 -20.48 12.54 1.13
N PHE A 91 -21.13 12.09 2.21
CA PHE A 91 -21.88 10.84 2.18
C PHE A 91 -23.37 11.10 2.12
N LYS A 92 -24.09 10.25 1.42
CA LYS A 92 -25.55 10.40 1.28
C LYS A 92 -26.27 9.71 2.43
N ASN A 93 -27.31 10.37 2.94
CA ASN A 93 -28.08 9.82 4.05
C ASN A 93 -29.16 8.87 3.53
N LYS A 94 -29.73 8.08 4.44
CA LYS A 94 -30.78 7.14 4.06
C LYS A 94 -30.27 6.19 2.98
N TRP A 95 -29.17 5.52 3.25
CA TRP A 95 -28.59 4.58 2.29
C TRP A 95 -29.68 3.70 1.69
#